data_7PPX
# 
_entry.id   7PPX 
# 
_audit_conform.dict_name       mmcif_pdbx.dic 
_audit_conform.dict_version    5.384 
_audit_conform.dict_location   http://mmcif.pdb.org/dictionaries/ascii/mmcif_pdbx.dic 
# 
loop_
_database_2.database_id 
_database_2.database_code 
_database_2.pdbx_database_accession 
_database_2.pdbx_DOI 
PDB   7PPX         pdb_00007ppx 10.2210/pdb7ppx/pdb 
WWPDB D_1292118096 ?            ?                   
# 
loop_
_pdbx_audit_revision_history.ordinal 
_pdbx_audit_revision_history.data_content_type 
_pdbx_audit_revision_history.major_revision 
_pdbx_audit_revision_history.minor_revision 
_pdbx_audit_revision_history.revision_date 
1 'Structure model' 1 0 2022-09-21 
2 'Structure model' 1 1 2022-11-23 
3 'Structure model' 1 2 2022-12-07 
4 'Structure model' 1 3 2023-01-11 
5 'Structure model' 1 4 2024-01-31 
# 
_pdbx_audit_revision_details.ordinal             1 
_pdbx_audit_revision_details.revision_ordinal    1 
_pdbx_audit_revision_details.data_content_type   'Structure model' 
_pdbx_audit_revision_details.provider            repository 
_pdbx_audit_revision_details.type                'Initial release' 
_pdbx_audit_revision_details.description         ? 
_pdbx_audit_revision_details.details             ? 
# 
loop_
_pdbx_audit_revision_group.ordinal 
_pdbx_audit_revision_group.revision_ordinal 
_pdbx_audit_revision_group.data_content_type 
_pdbx_audit_revision_group.group 
1 2 'Structure model' 'Database references'    
2 3 'Structure model' 'Database references'    
3 4 'Structure model' 'Database references'    
4 5 'Structure model' 'Data collection'        
5 5 'Structure model' 'Refinement description' 
# 
loop_
_pdbx_audit_revision_category.ordinal 
_pdbx_audit_revision_category.revision_ordinal 
_pdbx_audit_revision_category.data_content_type 
_pdbx_audit_revision_category.category 
1 2 'Structure model' citation                      
2 2 'Structure model' citation_author               
3 3 'Structure model' citation                      
4 3 'Structure model' citation_author               
5 4 'Structure model' citation_author               
6 5 'Structure model' chem_comp_atom                
7 5 'Structure model' chem_comp_bond                
8 5 'Structure model' pdbx_initial_refinement_model 
# 
loop_
_pdbx_audit_revision_item.ordinal 
_pdbx_audit_revision_item.revision_ordinal 
_pdbx_audit_revision_item.data_content_type 
_pdbx_audit_revision_item.item 
1  2 'Structure model' '_citation.country'                 
2  2 'Structure model' '_citation.journal_abbrev'          
3  2 'Structure model' '_citation.journal_id_ASTM'         
4  2 'Structure model' '_citation.journal_id_CSD'          
5  2 'Structure model' '_citation.journal_id_ISSN'         
6  2 'Structure model' '_citation.pdbx_database_id_DOI'    
7  2 'Structure model' '_citation.pdbx_database_id_PubMed' 
8  2 'Structure model' '_citation.title'                   
9  2 'Structure model' '_citation.year'                    
10 3 'Structure model' '_citation.journal_volume'          
11 3 'Structure model' '_citation.page_first'              
12 3 'Structure model' '_citation.page_last'               
13 3 'Structure model' '_citation_author.identifier_ORCID' 
14 4 'Structure model' '_citation_author.identifier_ORCID' 
# 
_pdbx_database_status.status_code                     REL 
_pdbx_database_status.status_code_sf                  REL 
_pdbx_database_status.status_code_mr                  ? 
_pdbx_database_status.entry_id                        7PPX 
_pdbx_database_status.recvd_initial_deposition_date   2021-09-15 
_pdbx_database_status.SG_entry                        N 
_pdbx_database_status.deposit_site                    PDBE 
_pdbx_database_status.process_site                    PDBE 
_pdbx_database_status.status_code_cs                  ? 
_pdbx_database_status.status_code_nmr_data            ? 
_pdbx_database_status.methods_development_category    ? 
_pdbx_database_status.pdb_format_compatible           N 
# 
loop_
_audit_author.name 
_audit_author.pdbx_ordinal 
_audit_author.identifier_ORCID 
'Turberville, S.' 1 0000-0003-2173-9675 
'Martin, M.P.'    2 0000-0003-4810-3351 
'Hope, I.'        3 ?                   
'Wood, D.J.'      4 0000-0002-1841-3706 
'Ng, Y.M.'        5 ?                   
'Heath, R.'       6 ?                   
'Endicott, J.A.'  7 0000-0003-4868-0116 
'Noble, M.E.M.'   8 0000-0002-3595-9807 
# 
_citation.abstract                  ? 
_citation.abstract_id_CAS           ? 
_citation.book_id_ISBN              ? 
_citation.book_publisher            ? 
_citation.book_publisher_city       ? 
_citation.book_title                ? 
_citation.coordinate_linkage        ? 
_citation.country                   US 
_citation.database_id_Medline       ? 
_citation.details                   ? 
_citation.id                        primary 
_citation.journal_abbrev            J.Med.Chem. 
_citation.journal_id_ASTM           JMCMAR 
_citation.journal_id_CSD            0151 
_citation.journal_id_ISSN           0022-2623 
_citation.journal_full              ? 
_citation.journal_issue             ? 
_citation.journal_volume            65 
_citation.language                  ? 
_citation.page_first                15416 
_citation.page_last                 15432 
_citation.title                     
;Mapping Ligand Interactions of Bromodomains BRD4 and ATAD2 with FragLites and PepLites&#9472;Halogenated Probes of Druglike and Peptide-like Molecular Interactions.
;
_citation.year                      2022 
_citation.database_id_CSD           ? 
_citation.pdbx_database_id_DOI      10.1021/acs.jmedchem.2c01357 
_citation.pdbx_database_id_PubMed   36367089 
_citation.pdbx_database_id_patent   ? 
_citation.unpublished_flag          ? 
# 
loop_
_citation_author.citation_id 
_citation_author.name 
_citation_author.ordinal 
_citation_author.identifier_ORCID 
primary 'Davison, G.'       1  0000-0001-5466-2702 
primary 'Martin, M.P.'      2  ?                   
primary 'Turberville, S.'   3  ?                   
primary 'Dormen, S.'        4  ?                   
primary 'Heath, R.'         5  ?                   
primary 'Heptinstall, A.B.' 6  ?                   
primary 'Lawson, M.'        7  ?                   
primary 'Miller, D.C.'      8  0000-0001-6846-2007 
primary 'Ng, Y.M.'          9  ?                   
primary 'Sanderson, J.N.'   10 0000-0003-1000-2897 
primary 'Hope, I.'          11 0000-0002-8002-5026 
primary 'Wood, D.J.'        12 ?                   
primary 'Cano, C.'          13 0000-0002-2032-2272 
primary 'Endicott, J.A.'    14 ?                   
primary 'Hardcastle, I.R.'  15 0000-0001-7495-3769 
primary 'Noble, M.E.M.'     16 ?                   
primary 'Waring, M.J.'      17 0000-0002-9110-8783 
# 
loop_
_entity.id 
_entity.type 
_entity.src_method 
_entity.pdbx_description 
_entity.formula_weight 
_entity.pdbx_number_of_molecules 
_entity.pdbx_ec 
_entity.pdbx_mutation 
_entity.pdbx_fragment 
_entity.details 
1 polymer     man 'ATPase family AAA domain-containing protein 2' 15453.514 1   3.6.1.3 ? ? ? 
2 non-polymer syn 'SULFATE ION'                                   96.063    2   ?       ? ? ? 
3 non-polymer syn 'CHLORIDE ION'                                  35.453    1   ?       ? ? ? 
4 non-polymer syn 4-bromanyl-1,2-oxazole                          147.958   1   ?       ? ? ? 
5 non-polymer syn 1,2-ETHANEDIOL                                  62.068    12  ?       ? ? ? 
6 water       nat water                                           18.015    163 ?       ? ? ? 
# 
_entity_name_com.entity_id   1 
_entity_name_com.name        'AAA nuclear coregulator cancer-associated protein,ANCCA' 
# 
_entity_poly.entity_id                      1 
_entity_poly.type                           'polypeptide(L)' 
_entity_poly.nstd_linkage                   no 
_entity_poly.nstd_monomer                   no 
_entity_poly.pdbx_seq_one_letter_code       
;SMQEEDTFRELRIFLRNVTHRLAIDKRFRVFTKPVDPDEVPDYVTVIKQPMDLSSVISKIDLHKYLTVKDYLRDIDLICS
NALEYNPDRDPGDRLIRHRACALRDTAYAIIKEELDEDFEQLCEEIQESR
;
_entity_poly.pdbx_seq_one_letter_code_can   
;SMQEEDTFRELRIFLRNVTHRLAIDKRFRVFTKPVDPDEVPDYVTVIKQPMDLSSVISKIDLHKYLTVKDYLRDIDLICS
NALEYNPDRDPGDRLIRHRACALRDTAYAIIKEELDEDFEQLCEEIQESR
;
_entity_poly.pdbx_strand_id                 AAA 
_entity_poly.pdbx_target_identifier         ? 
# 
loop_
_pdbx_entity_nonpoly.entity_id 
_pdbx_entity_nonpoly.name 
_pdbx_entity_nonpoly.comp_id 
2 'SULFATE ION'          SO4 
3 'CHLORIDE ION'         CL  
4 4-bromanyl-1,2-oxazole 7ZX 
5 1,2-ETHANEDIOL         EDO 
6 water                  HOH 
# 
loop_
_entity_poly_seq.entity_id 
_entity_poly_seq.num 
_entity_poly_seq.mon_id 
_entity_poly_seq.hetero 
1 1   SER n 
1 2   MET n 
1 3   GLN n 
1 4   GLU n 
1 5   GLU n 
1 6   ASP n 
1 7   THR n 
1 8   PHE n 
1 9   ARG n 
1 10  GLU n 
1 11  LEU n 
1 12  ARG n 
1 13  ILE n 
1 14  PHE n 
1 15  LEU n 
1 16  ARG n 
1 17  ASN n 
1 18  VAL n 
1 19  THR n 
1 20  HIS n 
1 21  ARG n 
1 22  LEU n 
1 23  ALA n 
1 24  ILE n 
1 25  ASP n 
1 26  LYS n 
1 27  ARG n 
1 28  PHE n 
1 29  ARG n 
1 30  VAL n 
1 31  PHE n 
1 32  THR n 
1 33  LYS n 
1 34  PRO n 
1 35  VAL n 
1 36  ASP n 
1 37  PRO n 
1 38  ASP n 
1 39  GLU n 
1 40  VAL n 
1 41  PRO n 
1 42  ASP n 
1 43  TYR n 
1 44  VAL n 
1 45  THR n 
1 46  VAL n 
1 47  ILE n 
1 48  LYS n 
1 49  GLN n 
1 50  PRO n 
1 51  MET n 
1 52  ASP n 
1 53  LEU n 
1 54  SER n 
1 55  SER n 
1 56  VAL n 
1 57  ILE n 
1 58  SER n 
1 59  LYS n 
1 60  ILE n 
1 61  ASP n 
1 62  LEU n 
1 63  HIS n 
1 64  LYS n 
1 65  TYR n 
1 66  LEU n 
1 67  THR n 
1 68  VAL n 
1 69  LYS n 
1 70  ASP n 
1 71  TYR n 
1 72  LEU n 
1 73  ARG n 
1 74  ASP n 
1 75  ILE n 
1 76  ASP n 
1 77  LEU n 
1 78  ILE n 
1 79  CYS n 
1 80  SER n 
1 81  ASN n 
1 82  ALA n 
1 83  LEU n 
1 84  GLU n 
1 85  TYR n 
1 86  ASN n 
1 87  PRO n 
1 88  ASP n 
1 89  ARG n 
1 90  ASP n 
1 91  PRO n 
1 92  GLY n 
1 93  ASP n 
1 94  ARG n 
1 95  LEU n 
1 96  ILE n 
1 97  ARG n 
1 98  HIS n 
1 99  ARG n 
1 100 ALA n 
1 101 CYS n 
1 102 ALA n 
1 103 LEU n 
1 104 ARG n 
1 105 ASP n 
1 106 THR n 
1 107 ALA n 
1 108 TYR n 
1 109 ALA n 
1 110 ILE n 
1 111 ILE n 
1 112 LYS n 
1 113 GLU n 
1 114 GLU n 
1 115 LEU n 
1 116 ASP n 
1 117 GLU n 
1 118 ASP n 
1 119 PHE n 
1 120 GLU n 
1 121 GLN n 
1 122 LEU n 
1 123 CYS n 
1 124 GLU n 
1 125 GLU n 
1 126 ILE n 
1 127 GLN n 
1 128 GLU n 
1 129 SER n 
1 130 ARG n 
# 
_entity_src_gen.entity_id                          1 
_entity_src_gen.pdbx_src_id                        1 
_entity_src_gen.pdbx_alt_source_flag               sample 
_entity_src_gen.pdbx_seq_type                      'Biological sequence' 
_entity_src_gen.pdbx_beg_seq_num                   1 
_entity_src_gen.pdbx_end_seq_num                   130 
_entity_src_gen.gene_src_common_name               Human 
_entity_src_gen.gene_src_genus                     ? 
_entity_src_gen.pdbx_gene_src_gene                 'ATAD2, L16, PRO2000' 
_entity_src_gen.gene_src_species                   ? 
_entity_src_gen.gene_src_strain                    ? 
_entity_src_gen.gene_src_tissue                    ? 
_entity_src_gen.gene_src_tissue_fraction           ? 
_entity_src_gen.gene_src_details                   ? 
_entity_src_gen.pdbx_gene_src_fragment             ? 
_entity_src_gen.pdbx_gene_src_scientific_name      'Homo sapiens' 
_entity_src_gen.pdbx_gene_src_ncbi_taxonomy_id     9606 
_entity_src_gen.pdbx_gene_src_variant              ? 
_entity_src_gen.pdbx_gene_src_cell_line            ? 
_entity_src_gen.pdbx_gene_src_atcc                 ? 
_entity_src_gen.pdbx_gene_src_organ                ? 
_entity_src_gen.pdbx_gene_src_organelle            ? 
_entity_src_gen.pdbx_gene_src_cell                 ? 
_entity_src_gen.pdbx_gene_src_cellular_location    ? 
_entity_src_gen.host_org_common_name               ? 
_entity_src_gen.pdbx_host_org_scientific_name      'Escherichia coli BL21(DE3)' 
_entity_src_gen.pdbx_host_org_ncbi_taxonomy_id     469008 
_entity_src_gen.host_org_genus                     ? 
_entity_src_gen.pdbx_host_org_gene                 ? 
_entity_src_gen.pdbx_host_org_organ                ? 
_entity_src_gen.host_org_species                   ? 
_entity_src_gen.pdbx_host_org_tissue               ? 
_entity_src_gen.pdbx_host_org_tissue_fraction      ? 
_entity_src_gen.pdbx_host_org_strain               ? 
_entity_src_gen.pdbx_host_org_variant              pLyS 
_entity_src_gen.pdbx_host_org_cell_line            ? 
_entity_src_gen.pdbx_host_org_atcc                 ? 
_entity_src_gen.pdbx_host_org_culture_collection   ? 
_entity_src_gen.pdbx_host_org_cell                 ? 
_entity_src_gen.pdbx_host_org_organelle            ? 
_entity_src_gen.pdbx_host_org_cellular_location    ? 
_entity_src_gen.pdbx_host_org_vector_type          ? 
_entity_src_gen.pdbx_host_org_vector               ? 
_entity_src_gen.host_org_details                   ? 
_entity_src_gen.expression_system_id               ? 
_entity_src_gen.plasmid_name                       'pET 28b' 
_entity_src_gen.plasmid_details                    ? 
_entity_src_gen.pdbx_description                   ? 
# 
loop_
_chem_comp.id 
_chem_comp.type 
_chem_comp.mon_nstd_flag 
_chem_comp.name 
_chem_comp.pdbx_synonyms 
_chem_comp.formula 
_chem_comp.formula_weight 
7ZX non-polymer         . 4-bromanyl-1,2-oxazole ?                 'C3 H2 Br N O'   147.958 
ALA 'L-peptide linking' y ALANINE                ?                 'C3 H7 N O2'     89.093  
ARG 'L-peptide linking' y ARGININE               ?                 'C6 H15 N4 O2 1' 175.209 
ASN 'L-peptide linking' y ASPARAGINE             ?                 'C4 H8 N2 O3'    132.118 
ASP 'L-peptide linking' y 'ASPARTIC ACID'        ?                 'C4 H7 N O4'     133.103 
CL  non-polymer         . 'CHLORIDE ION'         ?                 'Cl -1'          35.453  
CYS 'L-peptide linking' y CYSTEINE               ?                 'C3 H7 N O2 S'   121.158 
EDO non-polymer         . 1,2-ETHANEDIOL         'ETHYLENE GLYCOL' 'C2 H6 O2'       62.068  
GLN 'L-peptide linking' y GLUTAMINE              ?                 'C5 H10 N2 O3'   146.144 
GLU 'L-peptide linking' y 'GLUTAMIC ACID'        ?                 'C5 H9 N O4'     147.129 
GLY 'peptide linking'   y GLYCINE                ?                 'C2 H5 N O2'     75.067  
HIS 'L-peptide linking' y HISTIDINE              ?                 'C6 H10 N3 O2 1' 156.162 
HOH non-polymer         . WATER                  ?                 'H2 O'           18.015  
ILE 'L-peptide linking' y ISOLEUCINE             ?                 'C6 H13 N O2'    131.173 
LEU 'L-peptide linking' y LEUCINE                ?                 'C6 H13 N O2'    131.173 
LYS 'L-peptide linking' y LYSINE                 ?                 'C6 H15 N2 O2 1' 147.195 
MET 'L-peptide linking' y METHIONINE             ?                 'C5 H11 N O2 S'  149.211 
PHE 'L-peptide linking' y PHENYLALANINE          ?                 'C9 H11 N O2'    165.189 
PRO 'L-peptide linking' y PROLINE                ?                 'C5 H9 N O2'     115.130 
SER 'L-peptide linking' y SERINE                 ?                 'C3 H7 N O3'     105.093 
SO4 non-polymer         . 'SULFATE ION'          ?                 'O4 S -2'        96.063  
THR 'L-peptide linking' y THREONINE              ?                 'C4 H9 N O3'     119.119 
TYR 'L-peptide linking' y TYROSINE               ?                 'C9 H11 N O3'    181.189 
VAL 'L-peptide linking' y VALINE                 ?                 'C5 H11 N O2'    117.146 
# 
loop_
_pdbx_poly_seq_scheme.asym_id 
_pdbx_poly_seq_scheme.entity_id 
_pdbx_poly_seq_scheme.seq_id 
_pdbx_poly_seq_scheme.mon_id 
_pdbx_poly_seq_scheme.ndb_seq_num 
_pdbx_poly_seq_scheme.pdb_seq_num 
_pdbx_poly_seq_scheme.auth_seq_num 
_pdbx_poly_seq_scheme.pdb_mon_id 
_pdbx_poly_seq_scheme.auth_mon_id 
_pdbx_poly_seq_scheme.pdb_strand_id 
_pdbx_poly_seq_scheme.pdb_ins_code 
_pdbx_poly_seq_scheme.hetero 
A 1 1   SER 1   979  979  SER SER AAA . n 
A 1 2   MET 2   980  980  MET MET AAA . n 
A 1 3   GLN 3   981  981  GLN GLN AAA . n 
A 1 4   GLU 4   982  982  GLU GLU AAA . n 
A 1 5   GLU 5   983  983  GLU GLU AAA . n 
A 1 6   ASP 6   984  984  ASP ASP AAA . n 
A 1 7   THR 7   985  985  THR THR AAA . n 
A 1 8   PHE 8   986  986  PHE PHE AAA . n 
A 1 9   ARG 9   987  987  ARG ARG AAA . n 
A 1 10  GLU 10  988  988  GLU GLU AAA . n 
A 1 11  LEU 11  989  989  LEU LEU AAA . n 
A 1 12  ARG 12  990  990  ARG ARG AAA . n 
A 1 13  ILE 13  991  991  ILE ILE AAA . n 
A 1 14  PHE 14  992  992  PHE PHE AAA . n 
A 1 15  LEU 15  993  993  LEU LEU AAA . n 
A 1 16  ARG 16  994  994  ARG ARG AAA . n 
A 1 17  ASN 17  995  995  ASN ASN AAA . n 
A 1 18  VAL 18  996  996  VAL VAL AAA . n 
A 1 19  THR 19  997  997  THR THR AAA . n 
A 1 20  HIS 20  998  998  HIS HIS AAA . n 
A 1 21  ARG 21  999  999  ARG ARG AAA . n 
A 1 22  LEU 22  1000 1000 LEU LEU AAA . n 
A 1 23  ALA 23  1001 1001 ALA ALA AAA . n 
A 1 24  ILE 24  1002 1002 ILE ILE AAA . n 
A 1 25  ASP 25  1003 1003 ASP ASP AAA . n 
A 1 26  LYS 26  1004 1004 LYS LYS AAA . n 
A 1 27  ARG 27  1005 1005 ARG ARG AAA . n 
A 1 28  PHE 28  1006 1006 PHE PHE AAA . n 
A 1 29  ARG 29  1007 1007 ARG ARG AAA . n 
A 1 30  VAL 30  1008 1008 VAL VAL AAA . n 
A 1 31  PHE 31  1009 1009 PHE PHE AAA . n 
A 1 32  THR 32  1010 1010 THR THR AAA . n 
A 1 33  LYS 33  1011 1011 LYS LYS AAA . n 
A 1 34  PRO 34  1012 1012 PRO PRO AAA . n 
A 1 35  VAL 35  1013 1013 VAL VAL AAA . n 
A 1 36  ASP 36  1014 1014 ASP ASP AAA . n 
A 1 37  PRO 37  1015 1015 PRO PRO AAA . n 
A 1 38  ASP 38  1016 1016 ASP ASP AAA . n 
A 1 39  GLU 39  1017 1017 GLU GLU AAA . n 
A 1 40  VAL 40  1018 1018 VAL VAL AAA . n 
A 1 41  PRO 41  1019 1019 PRO PRO AAA . n 
A 1 42  ASP 42  1020 1020 ASP ASP AAA . n 
A 1 43  TYR 43  1021 1021 TYR TYR AAA . n 
A 1 44  VAL 44  1022 1022 VAL VAL AAA . n 
A 1 45  THR 45  1023 1023 THR THR AAA . n 
A 1 46  VAL 46  1024 1024 VAL VAL AAA . n 
A 1 47  ILE 47  1025 1025 ILE ILE AAA . n 
A 1 48  LYS 48  1026 1026 LYS LYS AAA . n 
A 1 49  GLN 49  1027 1027 GLN GLN AAA . n 
A 1 50  PRO 50  1028 1028 PRO PRO AAA . n 
A 1 51  MET 51  1029 1029 MET MET AAA . n 
A 1 52  ASP 52  1030 1030 ASP ASP AAA . n 
A 1 53  LEU 53  1031 1031 LEU LEU AAA . n 
A 1 54  SER 54  1032 1032 SER SER AAA . n 
A 1 55  SER 55  1033 1033 SER SER AAA . n 
A 1 56  VAL 56  1034 1034 VAL VAL AAA . n 
A 1 57  ILE 57  1035 1035 ILE ILE AAA . n 
A 1 58  SER 58  1036 1036 SER SER AAA . n 
A 1 59  LYS 59  1037 1037 LYS LYS AAA . n 
A 1 60  ILE 60  1038 1038 ILE ILE AAA . n 
A 1 61  ASP 61  1039 1039 ASP ASP AAA . n 
A 1 62  LEU 62  1040 1040 LEU LEU AAA . n 
A 1 63  HIS 63  1041 1041 HIS HIS AAA . n 
A 1 64  LYS 64  1042 1042 LYS LYS AAA . n 
A 1 65  TYR 65  1043 1043 TYR TYR AAA . n 
A 1 66  LEU 66  1044 1044 LEU LEU AAA . n 
A 1 67  THR 67  1045 1045 THR THR AAA . n 
A 1 68  VAL 68  1046 1046 VAL VAL AAA . n 
A 1 69  LYS 69  1047 1047 LYS LYS AAA . n 
A 1 70  ASP 70  1048 1048 ASP ASP AAA . n 
A 1 71  TYR 71  1049 1049 TYR TYR AAA . n 
A 1 72  LEU 72  1050 1050 LEU LEU AAA . n 
A 1 73  ARG 73  1051 1051 ARG ARG AAA . n 
A 1 74  ASP 74  1052 1052 ASP ASP AAA . n 
A 1 75  ILE 75  1053 1053 ILE ILE AAA . n 
A 1 76  ASP 76  1054 1054 ASP ASP AAA . n 
A 1 77  LEU 77  1055 1055 LEU LEU AAA . n 
A 1 78  ILE 78  1056 1056 ILE ILE AAA . n 
A 1 79  CYS 79  1057 1057 CYS CYS AAA . n 
A 1 80  SER 80  1058 1058 SER SER AAA . n 
A 1 81  ASN 81  1059 1059 ASN ASN AAA . n 
A 1 82  ALA 82  1060 1060 ALA ALA AAA . n 
A 1 83  LEU 83  1061 1061 LEU LEU AAA . n 
A 1 84  GLU 84  1062 1062 GLU GLU AAA . n 
A 1 85  TYR 85  1063 1063 TYR TYR AAA . n 
A 1 86  ASN 86  1064 1064 ASN ASN AAA . n 
A 1 87  PRO 87  1065 1065 PRO PRO AAA . n 
A 1 88  ASP 88  1066 1066 ASP ASP AAA . n 
A 1 89  ARG 89  1067 1067 ARG ARG AAA . n 
A 1 90  ASP 90  1068 1068 ASP ASP AAA . n 
A 1 91  PRO 91  1069 1069 PRO PRO AAA . n 
A 1 92  GLY 92  1070 1070 GLY GLY AAA . n 
A 1 93  ASP 93  1071 1071 ASP ASP AAA . n 
A 1 94  ARG 94  1072 1072 ARG ARG AAA . n 
A 1 95  LEU 95  1073 1073 LEU LEU AAA . n 
A 1 96  ILE 96  1074 1074 ILE ILE AAA . n 
A 1 97  ARG 97  1075 1075 ARG ARG AAA . n 
A 1 98  HIS 98  1076 1076 HIS HIS AAA . n 
A 1 99  ARG 99  1077 1077 ARG ARG AAA . n 
A 1 100 ALA 100 1078 1078 ALA ALA AAA . n 
A 1 101 CYS 101 1079 1079 CYS CYS AAA . n 
A 1 102 ALA 102 1080 1080 ALA ALA AAA . n 
A 1 103 LEU 103 1081 1081 LEU LEU AAA . n 
A 1 104 ARG 104 1082 1082 ARG ARG AAA . n 
A 1 105 ASP 105 1083 1083 ASP ASP AAA . n 
A 1 106 THR 106 1084 1084 THR THR AAA . n 
A 1 107 ALA 107 1085 1085 ALA ALA AAA . n 
A 1 108 TYR 108 1086 1086 TYR TYR AAA . n 
A 1 109 ALA 109 1087 1087 ALA ALA AAA . n 
A 1 110 ILE 110 1088 1088 ILE ILE AAA . n 
A 1 111 ILE 111 1089 1089 ILE ILE AAA . n 
A 1 112 LYS 112 1090 1090 LYS LYS AAA . n 
A 1 113 GLU 113 1091 1091 GLU GLU AAA . n 
A 1 114 GLU 114 1092 1092 GLU GLU AAA . n 
A 1 115 LEU 115 1093 1093 LEU LEU AAA . n 
A 1 116 ASP 116 1094 1094 ASP ASP AAA . n 
A 1 117 GLU 117 1095 1095 GLU GLU AAA . n 
A 1 118 ASP 118 1096 1096 ASP ASP AAA . n 
A 1 119 PHE 119 1097 1097 PHE PHE AAA . n 
A 1 120 GLU 120 1098 1098 GLU GLU AAA . n 
A 1 121 GLN 121 1099 1099 GLN GLN AAA . n 
A 1 122 LEU 122 1100 1100 LEU LEU AAA . n 
A 1 123 CYS 123 1101 1101 CYS CYS AAA . n 
A 1 124 GLU 124 1102 1102 GLU GLU AAA . n 
A 1 125 GLU 125 1103 1103 GLU GLU AAA . n 
A 1 126 ILE 126 1104 1104 ILE ILE AAA . n 
A 1 127 GLN 127 1105 1105 GLN GLN AAA . n 
A 1 128 GLU 128 1106 1106 GLU GLU AAA . n 
A 1 129 SER 129 1107 1107 SER SER AAA . n 
A 1 130 ARG 130 1108 1108 ARG ARG AAA . n 
# 
loop_
_pdbx_nonpoly_scheme.asym_id 
_pdbx_nonpoly_scheme.entity_id 
_pdbx_nonpoly_scheme.mon_id 
_pdbx_nonpoly_scheme.ndb_seq_num 
_pdbx_nonpoly_scheme.pdb_seq_num 
_pdbx_nonpoly_scheme.auth_seq_num 
_pdbx_nonpoly_scheme.pdb_mon_id 
_pdbx_nonpoly_scheme.auth_mon_id 
_pdbx_nonpoly_scheme.pdb_strand_id 
_pdbx_nonpoly_scheme.pdb_ins_code 
B 2 SO4 1   1201 1    SO4 SO4 AAA . 
C 3 CL  1   1202 1109 CL  CL  AAA . 
D 4 7ZX 1   1203 1701 7ZX DRG AAA . 
E 5 EDO 1   1204 1    EDO EDO AAA . 
F 5 EDO 1   1205 2    EDO EDO AAA . 
G 5 EDO 1   1206 3    EDO EDO AAA . 
H 5 EDO 1   1207 4    EDO EDO AAA . 
I 5 EDO 1   1208 5    EDO EDO AAA . 
J 5 EDO 1   1209 6    EDO EDO AAA . 
K 5 EDO 1   1210 7    EDO EDO AAA . 
L 5 EDO 1   1211 8    EDO EDO AAA . 
M 5 EDO 1   1212 9    EDO EDO AAA . 
N 5 EDO 1   1213 10   EDO EDO AAA . 
O 5 EDO 1   1214 11   EDO EDO AAA . 
P 5 EDO 1   1215 12   EDO EDO AAA . 
Q 2 SO4 1   1216 1    SO4 SO4 AAA . 
R 6 HOH 1   1301 241  HOH HOH AAA . 
R 6 HOH 2   1302 213  HOH HOH AAA . 
R 6 HOH 3   1303 149  HOH HOH AAA . 
R 6 HOH 4   1304 176  HOH HOH AAA . 
R 6 HOH 5   1305 166  HOH HOH AAA . 
R 6 HOH 6   1306 63   HOH HOH AAA . 
R 6 HOH 7   1307 150  HOH HOH AAA . 
R 6 HOH 8   1308 215  HOH HOH AAA . 
R 6 HOH 9   1309 175  HOH HOH AAA . 
R 6 HOH 10  1310 49   HOH HOH AAA . 
R 6 HOH 11  1311 73   HOH HOH AAA . 
R 6 HOH 12  1312 226  HOH HOH AAA . 
R 6 HOH 13  1313 185  HOH HOH AAA . 
R 6 HOH 14  1314 159  HOH HOH AAA . 
R 6 HOH 15  1315 207  HOH HOH AAA . 
R 6 HOH 16  1316 54   HOH HOH AAA . 
R 6 HOH 17  1317 104  HOH HOH AAA . 
R 6 HOH 18  1318 100  HOH HOH AAA . 
R 6 HOH 19  1319 239  HOH HOH AAA . 
R 6 HOH 20  1320 23   HOH HOH AAA . 
R 6 HOH 21  1321 17   HOH HOH AAA . 
R 6 HOH 22  1322 124  HOH HOH AAA . 
R 6 HOH 23  1323 31   HOH HOH AAA . 
R 6 HOH 24  1324 57   HOH HOH AAA . 
R 6 HOH 25  1325 157  HOH HOH AAA . 
R 6 HOH 26  1326 59   HOH HOH AAA . 
R 6 HOH 27  1327 15   HOH HOH AAA . 
R 6 HOH 28  1328 24   HOH HOH AAA . 
R 6 HOH 29  1329 193  HOH HOH AAA . 
R 6 HOH 30  1330 135  HOH HOH AAA . 
R 6 HOH 31  1331 158  HOH HOH AAA . 
R 6 HOH 32  1332 97   HOH HOH AAA . 
R 6 HOH 33  1333 42   HOH HOH AAA . 
R 6 HOH 34  1334 14   HOH HOH AAA . 
R 6 HOH 35  1335 245  HOH HOH AAA . 
R 6 HOH 36  1336 51   HOH HOH AAA . 
R 6 HOH 37  1337 77   HOH HOH AAA . 
R 6 HOH 38  1338 122  HOH HOH AAA . 
R 6 HOH 39  1339 164  HOH HOH AAA . 
R 6 HOH 40  1340 18   HOH HOH AAA . 
R 6 HOH 41  1341 244  HOH HOH AAA . 
R 6 HOH 42  1342 32   HOH HOH AAA . 
R 6 HOH 43  1343 234  HOH HOH AAA . 
R 6 HOH 44  1344 12   HOH HOH AAA . 
R 6 HOH 45  1345 1    HOH HOH AAA . 
R 6 HOH 46  1346 39   HOH HOH AAA . 
R 6 HOH 47  1347 55   HOH HOH AAA . 
R 6 HOH 48  1348 114  HOH HOH AAA . 
R 6 HOH 49  1349 246  HOH HOH AAA . 
R 6 HOH 50  1350 37   HOH HOH AAA . 
R 6 HOH 51  1351 139  HOH HOH AAA . 
R 6 HOH 52  1352 58   HOH HOH AAA . 
R 6 HOH 53  1353 8    HOH HOH AAA . 
R 6 HOH 54  1354 170  HOH HOH AAA . 
R 6 HOH 55  1355 161  HOH HOH AAA . 
R 6 HOH 56  1356 69   HOH HOH AAA . 
R 6 HOH 57  1357 2    HOH HOH AAA . 
R 6 HOH 58  1358 72   HOH HOH AAA . 
R 6 HOH 59  1359 13   HOH HOH AAA . 
R 6 HOH 60  1360 48   HOH HOH AAA . 
R 6 HOH 61  1361 33   HOH HOH AAA . 
R 6 HOH 62  1362 173  HOH HOH AAA . 
R 6 HOH 63  1363 61   HOH HOH AAA . 
R 6 HOH 64  1364 26   HOH HOH AAA . 
R 6 HOH 65  1365 110  HOH HOH AAA . 
R 6 HOH 66  1366 36   HOH HOH AAA . 
R 6 HOH 67  1367 107  HOH HOH AAA . 
R 6 HOH 68  1368 89   HOH HOH AAA . 
R 6 HOH 69  1369 11   HOH HOH AAA . 
R 6 HOH 70  1370 113  HOH HOH AAA . 
R 6 HOH 71  1371 43   HOH HOH AAA . 
R 6 HOH 72  1372 40   HOH HOH AAA . 
R 6 HOH 73  1373 128  HOH HOH AAA . 
R 6 HOH 74  1374 174  HOH HOH AAA . 
R 6 HOH 75  1375 222  HOH HOH AAA . 
R 6 HOH 76  1376 90   HOH HOH AAA . 
R 6 HOH 77  1377 98   HOH HOH AAA . 
R 6 HOH 78  1378 35   HOH HOH AAA . 
R 6 HOH 79  1379 199  HOH HOH AAA . 
R 6 HOH 80  1380 169  HOH HOH AAA . 
R 6 HOH 81  1381 19   HOH HOH AAA . 
R 6 HOH 82  1382 197  HOH HOH AAA . 
R 6 HOH 83  1383 83   HOH HOH AAA . 
R 6 HOH 84  1384 211  HOH HOH AAA . 
R 6 HOH 85  1385 29   HOH HOH AAA . 
R 6 HOH 86  1386 41   HOH HOH AAA . 
R 6 HOH 87  1387 147  HOH HOH AAA . 
R 6 HOH 88  1388 129  HOH HOH AAA . 
R 6 HOH 89  1389 87   HOH HOH AAA . 
R 6 HOH 90  1390 93   HOH HOH AAA . 
R 6 HOH 91  1391 20   HOH HOH AAA . 
R 6 HOH 92  1392 80   HOH HOH AAA . 
R 6 HOH 93  1393 3    HOH HOH AAA . 
R 6 HOH 94  1394 121  HOH HOH AAA . 
R 6 HOH 95  1395 21   HOH HOH AAA . 
R 6 HOH 96  1396 4    HOH HOH AAA . 
R 6 HOH 97  1397 78   HOH HOH AAA . 
R 6 HOH 98  1398 38   HOH HOH AAA . 
R 6 HOH 99  1399 50   HOH HOH AAA . 
R 6 HOH 100 1400 34   HOH HOH AAA . 
R 6 HOH 101 1401 53   HOH HOH AAA . 
R 6 HOH 102 1402 203  HOH HOH AAA . 
R 6 HOH 103 1403 66   HOH HOH AAA . 
R 6 HOH 104 1404 64   HOH HOH AAA . 
R 6 HOH 105 1405 145  HOH HOH AAA . 
R 6 HOH 106 1406 123  HOH HOH AAA . 
R 6 HOH 107 1407 132  HOH HOH AAA . 
R 6 HOH 108 1408 52   HOH HOH AAA . 
R 6 HOH 109 1409 79   HOH HOH AAA . 
R 6 HOH 110 1410 236  HOH HOH AAA . 
R 6 HOH 111 1411 235  HOH HOH AAA . 
R 6 HOH 112 1412 127  HOH HOH AAA . 
R 6 HOH 113 1413 117  HOH HOH AAA . 
R 6 HOH 114 1414 240  HOH HOH AAA . 
R 6 HOH 115 1415 182  HOH HOH AAA . 
R 6 HOH 116 1416 105  HOH HOH AAA . 
R 6 HOH 117 1417 242  HOH HOH AAA . 
R 6 HOH 118 1418 74   HOH HOH AAA . 
R 6 HOH 119 1419 231  HOH HOH AAA . 
R 6 HOH 120 1420 243  HOH HOH AAA . 
R 6 HOH 121 1421 216  HOH HOH AAA . 
R 6 HOH 122 1422 108  HOH HOH AAA . 
R 6 HOH 123 1423 188  HOH HOH AAA . 
R 6 HOH 124 1424 155  HOH HOH AAA . 
R 6 HOH 125 1425 86   HOH HOH AAA . 
R 6 HOH 126 1426 238  HOH HOH AAA . 
R 6 HOH 127 1427 225  HOH HOH AAA . 
R 6 HOH 128 1428 172  HOH HOH AAA . 
R 6 HOH 129 1429 106  HOH HOH AAA . 
R 6 HOH 130 1430 85   HOH HOH AAA . 
R 6 HOH 131 1431 16   HOH HOH AAA . 
R 6 HOH 132 1432 227  HOH HOH AAA . 
R 6 HOH 133 1433 28   HOH HOH AAA . 
R 6 HOH 134 1434 237  HOH HOH AAA . 
R 6 HOH 135 1435 30   HOH HOH AAA . 
R 6 HOH 136 1436 82   HOH HOH AAA . 
R 6 HOH 137 1437 112  HOH HOH AAA . 
R 6 HOH 138 1438 184  HOH HOH AAA . 
R 6 HOH 139 1439 27   HOH HOH AAA . 
R 6 HOH 140 1440 168  HOH HOH AAA . 
R 6 HOH 141 1441 219  HOH HOH AAA . 
R 6 HOH 142 1442 143  HOH HOH AAA . 
R 6 HOH 143 1443 198  HOH HOH AAA . 
R 6 HOH 144 1444 99   HOH HOH AAA . 
R 6 HOH 145 1445 62   HOH HOH AAA . 
R 6 HOH 146 1446 247  HOH HOH AAA . 
R 6 HOH 147 1447 186  HOH HOH AAA . 
R 6 HOH 148 1448 141  HOH HOH AAA . 
R 6 HOH 149 1449 5    HOH HOH AAA . 
R 6 HOH 150 1450 136  HOH HOH AAA . 
R 6 HOH 151 1451 154  HOH HOH AAA . 
R 6 HOH 152 1452 248  HOH HOH AAA . 
R 6 HOH 153 1453 230  HOH HOH AAA . 
R 6 HOH 154 1454 165  HOH HOH AAA . 
R 6 HOH 155 1455 46   HOH HOH AAA . 
R 6 HOH 156 1456 60   HOH HOH AAA . 
R 6 HOH 157 1457 45   HOH HOH AAA . 
R 6 HOH 158 1458 205  HOH HOH AAA . 
R 6 HOH 159 1459 163  HOH HOH AAA . 
R 6 HOH 160 1460 232  HOH HOH AAA . 
R 6 HOH 161 1461 44   HOH HOH AAA . 
R 6 HOH 162 1462 148  HOH HOH AAA . 
R 6 HOH 163 1463 116  HOH HOH AAA . 
# 
loop_
_software.citation_id 
_software.classification 
_software.compiler_name 
_software.compiler_version 
_software.contact_author 
_software.contact_author_email 
_software.date 
_software.description 
_software.dependencies 
_software.hardware 
_software.language 
_software.location 
_software.mods 
_software.name 
_software.os 
_software.os_version 
_software.type 
_software.version 
_software.pdbx_ordinal 
? refinement        ? ? ? ? ? ? ? ? ? ? ? REFMAC    ? ? ? 5.8.0258 1 
? 'data scaling'    ? ? ? ? ? ? ? ? ? ? ? Aimless   ? ? ? 0.7.4    2 
? 'data scaling'    ? ? ? ? ? ? ? ? ? ? ? pointless ? ? ? .        3 
? 'data collection' ? ? ? ? ? ? ? ? ? ? ? DIALS     ? ? ? .        4 
? phasing           ? ? ? ? ? ? ? ? ? ? ? DIMPLE    ? ? ? .        5 
? 'model building'  ? ? ? ? ? ? ? ? ? ? ? Coot      ? ? ? .        6 
? 'data reduction'  ? ? ? ? ? ? ? ? ? ? ? DIALS     ? ? ? .        7 
# 
_cell.angle_alpha                  90.000 
_cell.angle_alpha_esd              ? 
_cell.angle_beta                   90.000 
_cell.angle_beta_esd               ? 
_cell.angle_gamma                  120.000 
_cell.angle_gamma_esd              ? 
_cell.entry_id                     7PPX 
_cell.details                      ? 
_cell.formula_units_Z              ? 
_cell.length_a                     79.205 
_cell.length_a_esd                 ? 
_cell.length_b                     79.205 
_cell.length_b_esd                 ? 
_cell.length_c                     137.910 
_cell.length_c_esd                 ? 
_cell.volume                       ? 
_cell.volume_esd                   ? 
_cell.Z_PDB                        12 
_cell.reciprocal_angle_alpha       ? 
_cell.reciprocal_angle_beta        ? 
_cell.reciprocal_angle_gamma       ? 
_cell.reciprocal_angle_alpha_esd   ? 
_cell.reciprocal_angle_beta_esd    ? 
_cell.reciprocal_angle_gamma_esd   ? 
_cell.reciprocal_length_a          ? 
_cell.reciprocal_length_b          ? 
_cell.reciprocal_length_c          ? 
_cell.reciprocal_length_a_esd      ? 
_cell.reciprocal_length_b_esd      ? 
_cell.reciprocal_length_c_esd      ? 
_cell.pdbx_unique_axis             ? 
# 
_symmetry.entry_id                         7PPX 
_symmetry.cell_setting                     ? 
_symmetry.Int_Tables_number                179 
_symmetry.space_group_name_Hall            ? 
_symmetry.space_group_name_H-M             'P 65 2 2' 
_symmetry.pdbx_full_space_group_name_H-M   ? 
# 
_exptl.absorpt_coefficient_mu     ? 
_exptl.absorpt_correction_T_max   ? 
_exptl.absorpt_correction_T_min   ? 
_exptl.absorpt_correction_type    ? 
_exptl.absorpt_process_details    ? 
_exptl.entry_id                   7PPX 
_exptl.crystals_number            1 
_exptl.details                    ? 
_exptl.method                     'X-RAY DIFFRACTION' 
_exptl.method_details             ? 
# 
_exptl_crystal.colour                      ? 
_exptl_crystal.density_diffrn              ? 
_exptl_crystal.density_Matthews            ? 
_exptl_crystal.density_method              ? 
_exptl_crystal.density_percent_sol         ? 
_exptl_crystal.description                 ? 
_exptl_crystal.F_000                       ? 
_exptl_crystal.id                          1 
_exptl_crystal.preparation                 ? 
_exptl_crystal.size_max                    ? 
_exptl_crystal.size_mid                    ? 
_exptl_crystal.size_min                    ? 
_exptl_crystal.size_rad                    ? 
_exptl_crystal.colour_lustre               ? 
_exptl_crystal.colour_modifier             ? 
_exptl_crystal.colour_primary              ? 
_exptl_crystal.density_meas                ? 
_exptl_crystal.density_meas_esd            ? 
_exptl_crystal.density_meas_gt             ? 
_exptl_crystal.density_meas_lt             ? 
_exptl_crystal.density_meas_temp           ? 
_exptl_crystal.density_meas_temp_esd       ? 
_exptl_crystal.density_meas_temp_gt        ? 
_exptl_crystal.density_meas_temp_lt        ? 
_exptl_crystal.pdbx_crystal_image_url      ? 
_exptl_crystal.pdbx_crystal_image_format   ? 
_exptl_crystal.pdbx_mosaicity              ? 
_exptl_crystal.pdbx_mosaicity_esd          ? 
# 
_exptl_crystal_grow.apparatus       ? 
_exptl_crystal_grow.atmosphere      ? 
_exptl_crystal_grow.crystal_id      1 
_exptl_crystal_grow.details         ? 
_exptl_crystal_grow.method          'VAPOR DIFFUSION, HANGING DROP' 
_exptl_crystal_grow.method_ref      ? 
_exptl_crystal_grow.pH              ? 
_exptl_crystal_grow.pressure        ? 
_exptl_crystal_grow.pressure_esd    ? 
_exptl_crystal_grow.seeding         ? 
_exptl_crystal_grow.seeding_ref     ? 
_exptl_crystal_grow.temp            293 
_exptl_crystal_grow.temp_details    ? 
_exptl_crystal_grow.temp_esd        ? 
_exptl_crystal_grow.time            ? 
_exptl_crystal_grow.pdbx_details    '0.1M HEPES pH 7.0, 2.4 AmSO4, ATAD2~5 mg mL-1.' 
_exptl_crystal_grow.pdbx_pH_range   ? 
# 
_diffrn.ambient_environment              ? 
_diffrn.ambient_temp                     100 
_diffrn.ambient_temp_details             ? 
_diffrn.ambient_temp_esd                 ? 
_diffrn.crystal_id                       1 
_diffrn.crystal_support                  ? 
_diffrn.crystal_treatment                ? 
_diffrn.details                          ? 
_diffrn.id                               1 
_diffrn.ambient_pressure                 ? 
_diffrn.ambient_pressure_esd             ? 
_diffrn.ambient_pressure_gt              ? 
_diffrn.ambient_pressure_lt              ? 
_diffrn.ambient_temp_gt                  ? 
_diffrn.ambient_temp_lt                  ? 
_diffrn.pdbx_serial_crystal_experiment   N 
# 
_diffrn_detector.details                      ? 
_diffrn_detector.detector                     PIXEL 
_diffrn_detector.diffrn_id                    1 
_diffrn_detector.type                         'DECTRIS PILATUS 6M' 
_diffrn_detector.area_resol_mean              ? 
_diffrn_detector.dtime                        ? 
_diffrn_detector.pdbx_frames_total            ? 
_diffrn_detector.pdbx_collection_time_total   ? 
_diffrn_detector.pdbx_collection_date         2019-07-07 
_diffrn_detector.pdbx_frequency               ? 
# 
_diffrn_radiation.collimation                      ? 
_diffrn_radiation.diffrn_id                        1 
_diffrn_radiation.filter_edge                      ? 
_diffrn_radiation.inhomogeneity                    ? 
_diffrn_radiation.monochromator                    ? 
_diffrn_radiation.polarisn_norm                    ? 
_diffrn_radiation.polarisn_ratio                   ? 
_diffrn_radiation.probe                            ? 
_diffrn_radiation.type                             ? 
_diffrn_radiation.xray_symbol                      ? 
_diffrn_radiation.wavelength_id                    1 
_diffrn_radiation.pdbx_monochromatic_or_laue_m_l   M 
_diffrn_radiation.pdbx_wavelength_list             ? 
_diffrn_radiation.pdbx_wavelength                  ? 
_diffrn_radiation.pdbx_diffrn_protocol             'SINGLE WAVELENGTH' 
_diffrn_radiation.pdbx_analyzer                    ? 
_diffrn_radiation.pdbx_scattering_type             x-ray 
# 
_diffrn_radiation_wavelength.id           1 
_diffrn_radiation_wavelength.wavelength   0.97959 
_diffrn_radiation_wavelength.wt           1.0 
# 
_diffrn_source.current                     ? 
_diffrn_source.details                     ? 
_diffrn_source.diffrn_id                   1 
_diffrn_source.power                       ? 
_diffrn_source.size                        ? 
_diffrn_source.source                      SYNCHROTRON 
_diffrn_source.target                      ? 
_diffrn_source.type                        'DIAMOND BEAMLINE I04-1' 
_diffrn_source.voltage                     ? 
_diffrn_source.take-off_angle              ? 
_diffrn_source.pdbx_wavelength_list        0.97959 
_diffrn_source.pdbx_wavelength             ? 
_diffrn_source.pdbx_synchrotron_beamline   I04-1 
_diffrn_source.pdbx_synchrotron_site       Diamond 
# 
_reflns.B_iso_Wilson_estimate                          ? 
_reflns.entry_id                                       7PPX 
_reflns.data_reduction_details                         ? 
_reflns.data_reduction_method                          ? 
_reflns.d_resolution_high                              1.35 
_reflns.d_resolution_low                               68.96 
_reflns.details                                        ? 
_reflns.limit_h_max                                    ? 
_reflns.limit_h_min                                    ? 
_reflns.limit_k_max                                    ? 
_reflns.limit_k_min                                    ? 
_reflns.limit_l_max                                    ? 
_reflns.limit_l_min                                    ? 
_reflns.number_all                                     ? 
_reflns.number_obs                                     56615 
_reflns.observed_criterion                             ? 
_reflns.observed_criterion_F_max                       ? 
_reflns.observed_criterion_F_min                       ? 
_reflns.observed_criterion_I_max                       ? 
_reflns.observed_criterion_I_min                       ? 
_reflns.observed_criterion_sigma_F                     ? 
_reflns.observed_criterion_sigma_I                     ? 
_reflns.percent_possible_obs                           99.7 
_reflns.R_free_details                                 ? 
_reflns.Rmerge_F_all                                   ? 
_reflns.Rmerge_F_obs                                   ? 
_reflns.Friedel_coverage                               ? 
_reflns.number_gt                                      ? 
_reflns.threshold_expression                           ? 
_reflns.pdbx_redundancy                                19.8 
_reflns.pdbx_Rmerge_I_obs                              0.055 
_reflns.pdbx_Rmerge_I_all                              ? 
_reflns.pdbx_Rsym_value                                ? 
_reflns.pdbx_netI_over_av_sigmaI                       ? 
_reflns.pdbx_netI_over_sigmaI                          22.9 
_reflns.pdbx_res_netI_over_av_sigmaI_2                 ? 
_reflns.pdbx_res_netI_over_sigmaI_2                    ? 
_reflns.pdbx_chi_squared                               ? 
_reflns.pdbx_scaling_rejects                           ? 
_reflns.pdbx_d_res_high_opt                            ? 
_reflns.pdbx_d_res_low_opt                             ? 
_reflns.pdbx_d_res_opt_method                          ? 
_reflns.phase_calculation_details                      ? 
_reflns.pdbx_Rrim_I_all                                0.058 
_reflns.pdbx_Rpim_I_all                                0.017 
_reflns.pdbx_d_opt                                     ? 
_reflns.pdbx_number_measured_all                       ? 
_reflns.pdbx_diffrn_id                                 1 
_reflns.pdbx_ordinal                                   1 
_reflns.pdbx_CC_half                                   1.000 
_reflns.pdbx_CC_star                                   ? 
_reflns.pdbx_R_split                                   ? 
_reflns.pdbx_aniso_diffraction_limit_axis_1_ortho[1]   ? 
_reflns.pdbx_aniso_diffraction_limit_axis_1_ortho[2]   ? 
_reflns.pdbx_aniso_diffraction_limit_axis_1_ortho[3]   ? 
_reflns.pdbx_aniso_diffraction_limit_axis_2_ortho[1]   ? 
_reflns.pdbx_aniso_diffraction_limit_axis_2_ortho[2]   ? 
_reflns.pdbx_aniso_diffraction_limit_axis_2_ortho[3]   ? 
_reflns.pdbx_aniso_diffraction_limit_axis_3_ortho[1]   ? 
_reflns.pdbx_aniso_diffraction_limit_axis_3_ortho[2]   ? 
_reflns.pdbx_aniso_diffraction_limit_axis_3_ortho[3]   ? 
_reflns.pdbx_aniso_diffraction_limit_1                 ? 
_reflns.pdbx_aniso_diffraction_limit_2                 ? 
_reflns.pdbx_aniso_diffraction_limit_3                 ? 
_reflns.pdbx_aniso_B_tensor_eigenvector_1_ortho[1]     ? 
_reflns.pdbx_aniso_B_tensor_eigenvector_1_ortho[2]     ? 
_reflns.pdbx_aniso_B_tensor_eigenvector_1_ortho[3]     ? 
_reflns.pdbx_aniso_B_tensor_eigenvector_2_ortho[1]     ? 
_reflns.pdbx_aniso_B_tensor_eigenvector_2_ortho[2]     ? 
_reflns.pdbx_aniso_B_tensor_eigenvector_2_ortho[3]     ? 
_reflns.pdbx_aniso_B_tensor_eigenvector_3_ortho[1]     ? 
_reflns.pdbx_aniso_B_tensor_eigenvector_3_ortho[2]     ? 
_reflns.pdbx_aniso_B_tensor_eigenvector_3_ortho[3]     ? 
_reflns.pdbx_aniso_B_tensor_eigenvalue_1               ? 
_reflns.pdbx_aniso_B_tensor_eigenvalue_2               ? 
_reflns.pdbx_aniso_B_tensor_eigenvalue_3               ? 
_reflns.pdbx_orthogonalization_convention              ? 
_reflns.pdbx_percent_possible_ellipsoidal              ? 
_reflns.pdbx_percent_possible_spherical                ? 
_reflns.pdbx_percent_possible_ellipsoidal_anomalous    ? 
_reflns.pdbx_percent_possible_spherical_anomalous      ? 
_reflns.pdbx_redundancy_anomalous                      ? 
_reflns.pdbx_CC_half_anomalous                         ? 
_reflns.pdbx_absDiff_over_sigma_anomalous              ? 
_reflns.pdbx_percent_possible_anomalous                ? 
_reflns.pdbx_observed_signal_threshold                 ? 
_reflns.pdbx_signal_type                               ? 
_reflns.pdbx_signal_details                            ? 
_reflns.pdbx_signal_software_id                        ? 
# 
loop_
_reflns_shell.d_res_high 
_reflns_shell.d_res_low 
_reflns_shell.meanI_over_sigI_all 
_reflns_shell.meanI_over_sigI_obs 
_reflns_shell.number_measured_all 
_reflns_shell.number_measured_obs 
_reflns_shell.number_possible 
_reflns_shell.number_unique_all 
_reflns_shell.number_unique_obs 
_reflns_shell.percent_possible_all 
_reflns_shell.percent_possible_obs 
_reflns_shell.Rmerge_F_all 
_reflns_shell.Rmerge_F_obs 
_reflns_shell.Rmerge_I_all 
_reflns_shell.Rmerge_I_obs 
_reflns_shell.meanI_over_sigI_gt 
_reflns_shell.meanI_over_uI_all 
_reflns_shell.meanI_over_uI_gt 
_reflns_shell.number_measured_gt 
_reflns_shell.number_unique_gt 
_reflns_shell.percent_possible_gt 
_reflns_shell.Rmerge_F_gt 
_reflns_shell.Rmerge_I_gt 
_reflns_shell.pdbx_redundancy 
_reflns_shell.pdbx_Rsym_value 
_reflns_shell.pdbx_chi_squared 
_reflns_shell.pdbx_netI_over_sigmaI_all 
_reflns_shell.pdbx_netI_over_sigmaI_obs 
_reflns_shell.pdbx_Rrim_I_all 
_reflns_shell.pdbx_Rpim_I_all 
_reflns_shell.pdbx_rejects 
_reflns_shell.pdbx_ordinal 
_reflns_shell.pdbx_diffrn_id 
_reflns_shell.pdbx_CC_half 
_reflns_shell.pdbx_CC_star 
_reflns_shell.pdbx_R_split 
_reflns_shell.pdbx_percent_possible_ellipsoidal 
_reflns_shell.pdbx_percent_possible_spherical 
_reflns_shell.pdbx_percent_possible_ellipsoidal_anomalous 
_reflns_shell.pdbx_percent_possible_spherical_anomalous 
_reflns_shell.pdbx_redundancy_anomalous 
_reflns_shell.pdbx_CC_half_anomalous 
_reflns_shell.pdbx_absDiff_over_sigma_anomalous 
_reflns_shell.pdbx_percent_possible_anomalous 
7.39 68.96 ? ? ? ? ? ? 438  ? ? ? ? ? 0.031 ? ? ? ? ? ? ? ? 16.0 ? ? ? ? 0.033 0.010 ? 1 1 0.998 ? ? ? ? ? ? ? ? ? ? 
1.35 1.37  ? ? ? ? ? ? 2667 ? ? ? ? ? 3.900 ? ? ? ? ? ? ? ? 10.3 ? ? ? ? 4.317 1.813 ? 2 1 0.204 ? ? ? ? ? ? ? ? ? ? 
7.39 68.96 ? ? ? ? ? ? 438  ? ? ? ? ? 0.031 ? ? ? ? ? ? ? ? 16.0 ? ? ? ? 0.033 0.010 ? 3 1 0.998 ? ? ? ? ? ? ? ? ? ? 
1.35 1.37  ? ? ? ? ? ? 2667 ? ? ? ? ? 3.900 ? ? ? ? ? ? ? ? 10.3 ? ? ? ? 4.317 1.813 ? 4 1 0.204 ? ? ? ? ? ? ? ? ? ? 
# 
_refine.aniso_B[1][1]                            0.024 
_refine.aniso_B[1][2]                            0.012 
_refine.aniso_B[1][3]                            0.000 
_refine.aniso_B[2][2]                            0.024 
_refine.aniso_B[2][3]                            -0.000 
_refine.aniso_B[3][3]                            -0.077 
_refine.B_iso_max                                ? 
_refine.B_iso_mean                               32.546 
_refine.B_iso_min                                ? 
_refine.correlation_coeff_Fo_to_Fc               0.965 
_refine.correlation_coeff_Fo_to_Fc_free          0.958 
_refine.details                                  'Hydrogens have been added in their riding positions' 
_refine.diff_density_max                         ? 
_refine.diff_density_max_esd                     ? 
_refine.diff_density_min                         ? 
_refine.diff_density_min_esd                     ? 
_refine.diff_density_rms                         ? 
_refine.diff_density_rms_esd                     ? 
_refine.entry_id                                 7PPX 
_refine.pdbx_refine_id                           'X-RAY DIFFRACTION' 
_refine.ls_abs_structure_details                 ? 
_refine.ls_abs_structure_Flack                   ? 
_refine.ls_abs_structure_Flack_esd               ? 
_refine.ls_abs_structure_Rogers                  ? 
_refine.ls_abs_structure_Rogers_esd              ? 
_refine.ls_d_res_high                            1.350 
_refine.ls_d_res_low                             68.688 
_refine.ls_extinction_coef                       ? 
_refine.ls_extinction_coef_esd                   ? 
_refine.ls_extinction_expression                 ? 
_refine.ls_extinction_method                     ? 
_refine.ls_goodness_of_fit_all                   ? 
_refine.ls_goodness_of_fit_all_esd               ? 
_refine.ls_goodness_of_fit_obs                   ? 
_refine.ls_goodness_of_fit_obs_esd               ? 
_refine.ls_hydrogen_treatment                    ? 
_refine.ls_matrix_type                           ? 
_refine.ls_number_constraints                    ? 
_refine.ls_number_parameters                     ? 
_refine.ls_number_reflns_all                     ? 
_refine.ls_number_reflns_obs                     56534 
_refine.ls_number_reflns_R_free                  2936 
_refine.ls_number_reflns_R_work                  53598 
_refine.ls_number_restraints                     ? 
_refine.ls_percent_reflns_obs                    99.607 
_refine.ls_percent_reflns_R_free                 5.193 
_refine.ls_R_factor_all                          0.212 
_refine.ls_R_factor_obs                          ? 
_refine.ls_R_factor_R_free                       0.2306 
_refine.ls_R_factor_R_free_error                 ? 
_refine.ls_R_factor_R_free_error_details         ? 
_refine.ls_R_factor_R_work                       0.2108 
_refine.ls_R_Fsqd_factor_obs                     ? 
_refine.ls_R_I_factor_obs                        ? 
_refine.ls_redundancy_reflns_all                 ? 
_refine.ls_redundancy_reflns_obs                 ? 
_refine.ls_restrained_S_all                      ? 
_refine.ls_restrained_S_obs                      ? 
_refine.ls_shift_over_esd_max                    ? 
_refine.ls_shift_over_esd_mean                   ? 
_refine.ls_structure_factor_coef                 ? 
_refine.ls_weighting_details                     ? 
_refine.ls_weighting_scheme                      ? 
_refine.ls_wR_factor_all                         ? 
_refine.ls_wR_factor_obs                         ? 
_refine.ls_wR_factor_R_free                      0.236 
_refine.ls_wR_factor_R_work                      0.216 
_refine.occupancy_max                            ? 
_refine.occupancy_min                            ? 
_refine.solvent_model_details                    'MASK BULK SOLVENT' 
_refine.solvent_model_param_bsol                 ? 
_refine.solvent_model_param_ksol                 ? 
_refine.pdbx_R_complete                          ? 
_refine.ls_R_factor_gt                           ? 
_refine.ls_goodness_of_fit_gt                    ? 
_refine.ls_goodness_of_fit_ref                   ? 
_refine.ls_shift_over_su_max                     ? 
_refine.ls_shift_over_su_max_lt                  ? 
_refine.ls_shift_over_su_mean                    ? 
_refine.ls_shift_over_su_mean_lt                 ? 
_refine.pdbx_ls_sigma_I                          ? 
_refine.pdbx_ls_sigma_F                          ? 
_refine.pdbx_ls_sigma_Fsqd                       ? 
_refine.pdbx_data_cutoff_high_absF               ? 
_refine.pdbx_data_cutoff_high_rms_absF           ? 
_refine.pdbx_data_cutoff_low_absF                ? 
_refine.pdbx_isotropic_thermal_model             ? 
_refine.pdbx_ls_cross_valid_method               'FREE R-VALUE' 
_refine.pdbx_method_to_determine_struct          'MOLECULAR REPLACEMENT' 
_refine.pdbx_starting_model                      3DAI 
_refine.pdbx_stereochemistry_target_values       ? 
_refine.pdbx_R_Free_selection_details            ? 
_refine.pdbx_stereochem_target_val_spec_case     ? 
_refine.pdbx_overall_ESU_R                       0.048 
_refine.pdbx_overall_ESU_R_Free                  0.050 
_refine.pdbx_solvent_vdw_probe_radii             1.200 
_refine.pdbx_solvent_ion_probe_radii             0.800 
_refine.pdbx_solvent_shrinkage_radii             0.800 
_refine.pdbx_real_space_R                        ? 
_refine.pdbx_density_correlation                 ? 
_refine.pdbx_pd_number_of_powder_patterns        ? 
_refine.pdbx_pd_number_of_points                 ? 
_refine.pdbx_pd_meas_number_of_points            ? 
_refine.pdbx_pd_proc_ls_prof_R_factor            ? 
_refine.pdbx_pd_proc_ls_prof_wR_factor           ? 
_refine.pdbx_pd_Marquardt_correlation_coeff      ? 
_refine.pdbx_pd_Fsqrd_R_factor                   ? 
_refine.pdbx_pd_ls_matrix_band_width             ? 
_refine.pdbx_overall_phase_error                 ? 
_refine.pdbx_overall_SU_R_free_Cruickshank_DPI   ? 
_refine.pdbx_overall_SU_R_free_Blow_DPI          ? 
_refine.pdbx_overall_SU_R_Blow_DPI               ? 
_refine.pdbx_TLS_residual_ADP_flag               ? 
_refine.pdbx_diffrn_id                           1 
_refine.overall_SU_B                             ? 
_refine.overall_SU_ML                            ? 
_refine.overall_SU_R_Cruickshank_DPI             ? 
_refine.overall_SU_R_free                        ? 
_refine.overall_FOM_free_R_set                   ? 
_refine.overall_FOM_work_R_set                   ? 
_refine.pdbx_average_fsc_overall                 ? 
_refine.pdbx_average_fsc_work                    0.8913 
_refine.pdbx_average_fsc_free                    0.8859 
# 
_refine_hist.pdbx_refine_id                   'X-RAY DIFFRACTION' 
_refine_hist.cycle_id                         LAST 
_refine_hist.details                          ? 
_refine_hist.d_res_high                       1.350 
_refine_hist.d_res_low                        68.688 
_refine_hist.number_atoms_solvent             163 
_refine_hist.number_atoms_total               1312 
_refine_hist.number_reflns_all                ? 
_refine_hist.number_reflns_obs                ? 
_refine_hist.number_reflns_R_free             ? 
_refine_hist.number_reflns_R_work             ? 
_refine_hist.R_factor_all                     ? 
_refine_hist.R_factor_obs                     ? 
_refine_hist.R_factor_R_free                  ? 
_refine_hist.R_factor_R_work                  ? 
_refine_hist.pdbx_number_residues_total       ? 
_refine_hist.pdbx_B_iso_mean_ligand           ? 
_refine_hist.pdbx_B_iso_mean_solvent          ? 
_refine_hist.pdbx_number_atoms_protein        1084 
_refine_hist.pdbx_number_atoms_nucleic_acid   0 
_refine_hist.pdbx_number_atoms_ligand         65 
_refine_hist.pdbx_number_atoms_lipid          ? 
_refine_hist.pdbx_number_atoms_carb           ? 
_refine_hist.pdbx_pseudo_atom_details         ? 
# 
loop_
_refine_ls_restr.pdbx_refine_id 
_refine_ls_restr.criterion 
_refine_ls_restr.dev_ideal 
_refine_ls_restr.dev_ideal_target 
_refine_ls_restr.number 
_refine_ls_restr.rejects 
_refine_ls_restr.type 
_refine_ls_restr.weight 
_refine_ls_restr.pdbx_restraint_function 
'X-RAY DIFFRACTION' ? 0.016  0.012  1187 ? r_bond_refined_d               ? ? 
'X-RAY DIFFRACTION' ? 2.247  1.674  1585 ? r_angle_refined_deg            ? ? 
'X-RAY DIFFRACTION' ? 4.558  5.000  137  ? r_dihedral_angle_1_deg         ? ? 
'X-RAY DIFFRACTION' ? 33.235 20.921 76   ? r_dihedral_angle_2_deg         ? ? 
'X-RAY DIFFRACTION' ? 17.038 15.000 215  ? r_dihedral_angle_3_deg         ? ? 
'X-RAY DIFFRACTION' ? 18.919 15.000 14   ? r_dihedral_angle_4_deg         ? ? 
'X-RAY DIFFRACTION' ? 0.137  0.200  150  ? r_chiral_restr                 ? ? 
'X-RAY DIFFRACTION' ? 0.012  0.020  903  ? r_gen_planes_refined           ? ? 
'X-RAY DIFFRACTION' ? 0.227  0.200  583  ? r_nbd_refined                  ? ? 
'X-RAY DIFFRACTION' ? 0.319  0.200  801  ? r_nbtor_refined                ? ? 
'X-RAY DIFFRACTION' ? 0.190  0.200  135  ? r_xyhbond_nbd_refined          ? ? 
'X-RAY DIFFRACTION' ? 0.177  0.200  30   ? r_symmetry_nbd_refined         ? ? 
'X-RAY DIFFRACTION' ? 0.234  0.200  20   ? r_symmetry_xyhbond_nbd_refined ? ? 
'X-RAY DIFFRACTION' ? 2.817  2.575  539  ? r_mcbond_it                    ? ? 
'X-RAY DIFFRACTION' ? 3.992  3.833  679  ? r_mcangle_it                   ? ? 
'X-RAY DIFFRACTION' ? 5.761  3.315  648  ? r_scbond_it                    ? ? 
'X-RAY DIFFRACTION' ? 8.356  4.690  906  ? r_scangle_it                   ? ? 
'X-RAY DIFFRACTION' ? 11.505 38.683 1888 ? r_lrange_it                    ? ? 
# 
loop_
_refine_ls_shell.pdbx_refine_id 
_refine_ls_shell.d_res_high 
_refine_ls_shell.d_res_low 
_refine_ls_shell.number_reflns_all 
_refine_ls_shell.number_reflns_obs 
_refine_ls_shell.number_reflns_R_free 
_refine_ls_shell.number_reflns_R_work 
_refine_ls_shell.percent_reflns_obs 
_refine_ls_shell.percent_reflns_R_free 
_refine_ls_shell.R_factor_all 
_refine_ls_shell.R_factor_obs 
_refine_ls_shell.R_factor_R_free 
_refine_ls_shell.R_factor_R_free_error 
_refine_ls_shell.R_factor_R_work 
_refine_ls_shell.redundancy_reflns_all 
_refine_ls_shell.redundancy_reflns_obs 
_refine_ls_shell.wR_factor_all 
_refine_ls_shell.wR_factor_obs 
_refine_ls_shell.wR_factor_R_free 
_refine_ls_shell.wR_factor_R_work 
_refine_ls_shell.pdbx_R_complete 
_refine_ls_shell.pdbx_total_number_of_bins_used 
_refine_ls_shell.pdbx_phase_error 
_refine_ls_shell.pdbx_fsc_work 
_refine_ls_shell.pdbx_fsc_free 
'X-RAY DIFFRACTION' 1.350 1.385  . . 189 3784 96.4320  . . . 0.343 . 0.342 . . . . . . . . . . . 
'X-RAY DIFFRACTION' 1.385 1.423  . . 206 3755 98.8027  . . . 0.320 . 0.327 . . . . . . . . . . . 
'X-RAY DIFFRACTION' 1.423 1.464  . . 202 3721 100.0000 . . . 0.330 . 0.301 . . . . . . . . . . . 
'X-RAY DIFFRACTION' 1.464 1.509  . . 203 3595 100.0000 . . . 0.324 . 0.273 . . . . . . . . . . . 
'X-RAY DIFFRACTION' 1.509 1.559  . . 181 3512 100.0000 . . . 0.274 . 0.270 . . . . . . . . . . . 
'X-RAY DIFFRACTION' 1.559 1.613  . . 202 3369 100.0000 . . . 0.267 . 0.251 . . . . . . . . . . . 
'X-RAY DIFFRACTION' 1.613 1.674  . . 177 3276 100.0000 . . . 0.256 . 0.243 . . . . . . . . . . . 
'X-RAY DIFFRACTION' 1.674 1.743  . . 158 3163 100.0000 . . . 0.250 . 0.234 . . . . . . . . . . . 
'X-RAY DIFFRACTION' 1.743 1.820  . . 170 3036 100.0000 . . . 0.240 . 0.241 . . . . . . . . . . . 
'X-RAY DIFFRACTION' 1.820 1.909  . . 156 2917 99.9675  . . . 0.285 . 0.235 . . . . . . . . . . . 
'X-RAY DIFFRACTION' 1.909 2.012  . . 137 2785 100.0000 . . . 0.259 . 0.225 . . . . . . . . . . . 
'X-RAY DIFFRACTION' 2.012 2.134  . . 153 2625 100.0000 . . . 0.267 . 0.224 . . . . . . . . . . . 
'X-RAY DIFFRACTION' 2.134 2.282  . . 154 2470 100.0000 . . . 0.237 . 0.208 . . . . . . . . . . . 
'X-RAY DIFFRACTION' 2.282 2.464  . . 132 2324 100.0000 . . . 0.226 . 0.207 . . . . . . . . . . . 
'X-RAY DIFFRACTION' 2.464 2.700  . . 119 2147 100.0000 . . . 0.213 . 0.197 . . . . . . . . . . . 
'X-RAY DIFFRACTION' 2.700 3.018  . . 104 1959 100.0000 . . . 0.188 . 0.201 . . . . . . . . . . . 
'X-RAY DIFFRACTION' 3.018 3.485  . . 109 1740 100.0000 . . . 0.210 . 0.180 . . . . . . . . . . . 
'X-RAY DIFFRACTION' 3.485 4.267  . . 85  1500 100.0000 . . . 0.185 . 0.155 . . . . . . . . . . . 
'X-RAY DIFFRACTION' 4.267 6.032  . . 60  1203 100.0000 . . . 0.214 . 0.187 . . . . . . . . . . . 
'X-RAY DIFFRACTION' 6.032 68.688 . . 39  717  97.6744  . . . 0.243 . 0.271 . . . . . . . . . . . 
# 
_struct.entry_id                     7PPX 
_struct.title                        'ATAD2 in complex with FragLite3' 
_struct.pdbx_model_details           ? 
_struct.pdbx_formula_weight          ? 
_struct.pdbx_formula_weight_method   ? 
_struct.pdbx_model_type_details      ? 
_struct.pdbx_CASP_flag               N 
# 
_struct_keywords.entry_id        7PPX 
_struct_keywords.text            
'Transcription, Transcription regulation, Activator, Hydrolase, Nucleotide-binding, Fragment binding, inhibitor' 
_struct_keywords.pdbx_keywords   TRANSCRIPTION 
# 
loop_
_struct_asym.id 
_struct_asym.pdbx_blank_PDB_chainid_flag 
_struct_asym.pdbx_modified 
_struct_asym.entity_id 
_struct_asym.details 
A N N 1 ? 
B N N 2 ? 
C N N 3 ? 
D N N 4 ? 
E N N 5 ? 
F N N 5 ? 
G N N 5 ? 
H N N 5 ? 
I N N 5 ? 
J N N 5 ? 
K N N 5 ? 
L N N 5 ? 
M N N 5 ? 
N N N 5 ? 
O N N 5 ? 
P N N 5 ? 
Q N N 2 ? 
R N N 6 ? 
# 
_struct_ref.id                         1 
_struct_ref.db_name                    UNP 
_struct_ref.db_code                    ATAD2_HUMAN 
_struct_ref.pdbx_db_accession          Q6PL18 
_struct_ref.pdbx_db_isoform            ? 
_struct_ref.entity_id                  1 
_struct_ref.pdbx_seq_one_letter_code   
;QEEDTFRELRIFLRNVTHRLAIDKRFRVFTKPVDPDEVPDYVTVIKQPMDLSSVISKIDLHKYLTVKDYLRDIDLICSNA
LEYNPDRDPGDRLIRHRACALRDTAYAIIKEELDEDFEQLCEEIQESR
;
_struct_ref.pdbx_align_begin           981 
# 
_struct_ref_seq.align_id                      1 
_struct_ref_seq.ref_id                        1 
_struct_ref_seq.pdbx_PDB_id_code              7PPX 
_struct_ref_seq.pdbx_strand_id                AAA 
_struct_ref_seq.seq_align_beg                 3 
_struct_ref_seq.pdbx_seq_align_beg_ins_code   ? 
_struct_ref_seq.seq_align_end                 130 
_struct_ref_seq.pdbx_seq_align_end_ins_code   ? 
_struct_ref_seq.pdbx_db_accession             Q6PL18 
_struct_ref_seq.db_align_beg                  981 
_struct_ref_seq.pdbx_db_align_beg_ins_code    ? 
_struct_ref_seq.db_align_end                  1108 
_struct_ref_seq.pdbx_db_align_end_ins_code    ? 
_struct_ref_seq.pdbx_auth_seq_align_beg       981 
_struct_ref_seq.pdbx_auth_seq_align_end       1108 
# 
loop_
_struct_ref_seq_dif.align_id 
_struct_ref_seq_dif.pdbx_pdb_id_code 
_struct_ref_seq_dif.mon_id 
_struct_ref_seq_dif.pdbx_pdb_strand_id 
_struct_ref_seq_dif.seq_num 
_struct_ref_seq_dif.pdbx_pdb_ins_code 
_struct_ref_seq_dif.pdbx_seq_db_name 
_struct_ref_seq_dif.pdbx_seq_db_accession_code 
_struct_ref_seq_dif.db_mon_id 
_struct_ref_seq_dif.pdbx_seq_db_seq_num 
_struct_ref_seq_dif.details 
_struct_ref_seq_dif.pdbx_auth_seq_num 
_struct_ref_seq_dif.pdbx_ordinal 
1 7PPX SER AAA 1 ? UNP Q6PL18 ? ? 'expression tag' 979 1 
1 7PPX MET AAA 2 ? UNP Q6PL18 ? ? 'expression tag' 980 2 
# 
_pdbx_struct_assembly.id                   1 
_pdbx_struct_assembly.details              author_and_software_defined_assembly 
_pdbx_struct_assembly.method_details       PISA 
_pdbx_struct_assembly.oligomeric_details   monomeric 
_pdbx_struct_assembly.oligomeric_count     1 
# 
loop_
_pdbx_struct_assembly_prop.biol_id 
_pdbx_struct_assembly_prop.type 
_pdbx_struct_assembly_prop.value 
_pdbx_struct_assembly_prop.details 
1 'ABSA (A^2)' 2420 ? 
1 MORE         5    ? 
1 'SSA (A^2)'  8430 ? 
# 
_pdbx_struct_assembly_gen.assembly_id       1 
_pdbx_struct_assembly_gen.oper_expression   1 
_pdbx_struct_assembly_gen.asym_id_list      A,B,C,D,E,F,G,H,I,J,K,L,M,N,O,P,Q,R 
# 
_pdbx_struct_assembly_auth_evidence.id                     1 
_pdbx_struct_assembly_auth_evidence.assembly_id            1 
_pdbx_struct_assembly_auth_evidence.experimental_support   'gel filtration' 
_pdbx_struct_assembly_auth_evidence.details                ? 
# 
_pdbx_struct_oper_list.id                   1 
_pdbx_struct_oper_list.type                 'identity operation' 
_pdbx_struct_oper_list.name                 1_555 
_pdbx_struct_oper_list.symmetry_operation   x,y,z 
_pdbx_struct_oper_list.matrix[1][1]         1.0000000000 
_pdbx_struct_oper_list.matrix[1][2]         0.0000000000 
_pdbx_struct_oper_list.matrix[1][3]         0.0000000000 
_pdbx_struct_oper_list.vector[1]            0.0000000000 
_pdbx_struct_oper_list.matrix[2][1]         0.0000000000 
_pdbx_struct_oper_list.matrix[2][2]         1.0000000000 
_pdbx_struct_oper_list.matrix[2][3]         0.0000000000 
_pdbx_struct_oper_list.vector[2]            0.0000000000 
_pdbx_struct_oper_list.matrix[3][1]         0.0000000000 
_pdbx_struct_oper_list.matrix[3][2]         0.0000000000 
_pdbx_struct_oper_list.matrix[3][3]         1.0000000000 
_pdbx_struct_oper_list.vector[3]            0.0000000000 
# 
loop_
_struct_conf.conf_type_id 
_struct_conf.id 
_struct_conf.pdbx_PDB_helix_id 
_struct_conf.beg_label_comp_id 
_struct_conf.beg_label_asym_id 
_struct_conf.beg_label_seq_id 
_struct_conf.pdbx_beg_PDB_ins_code 
_struct_conf.end_label_comp_id 
_struct_conf.end_label_asym_id 
_struct_conf.end_label_seq_id 
_struct_conf.pdbx_end_PDB_ins_code 
_struct_conf.beg_auth_comp_id 
_struct_conf.beg_auth_asym_id 
_struct_conf.beg_auth_seq_id 
_struct_conf.end_auth_comp_id 
_struct_conf.end_auth_asym_id 
_struct_conf.end_auth_seq_id 
_struct_conf.pdbx_PDB_helix_class 
_struct_conf.details 
_struct_conf.pdbx_PDB_helix_length 
HELX_P HELX_P1 AA1 SER A 1   ? ILE A 24  ? SER AAA 979  ILE AAA 1002 1 ? 24 
HELX_P HELX_P2 AA2 ASP A 25  ? THR A 32  ? ASP AAA 1003 THR AAA 1010 5 ? 8  
HELX_P HELX_P3 AA3 ASP A 42  ? ILE A 47  ? ASP AAA 1020 ILE AAA 1025 1 ? 6  
HELX_P HELX_P4 AA4 ASP A 52  ? LEU A 62  ? ASP AAA 1030 LEU AAA 1040 1 ? 11 
HELX_P HELX_P5 AA5 THR A 67  ? ASN A 86  ? THR AAA 1045 ASN AAA 1064 1 ? 20 
HELX_P HELX_P6 AA6 ASP A 90  ? LEU A 115 ? ASP AAA 1068 LEU AAA 1093 1 ? 26 
HELX_P HELX_P7 AA7 ASP A 116 ? SER A 129 ? ASP AAA 1094 SER AAA 1107 1 ? 14 
# 
_struct_conf_type.id          HELX_P 
_struct_conf_type.criteria    ? 
_struct_conf_type.reference   ? 
# 
_pdbx_validate_torsion.id              1 
_pdbx_validate_torsion.PDB_model_num   1 
_pdbx_validate_torsion.auth_comp_id    ASP 
_pdbx_validate_torsion.auth_asym_id    AAA 
_pdbx_validate_torsion.auth_seq_id     1016 
_pdbx_validate_torsion.PDB_ins_code    ? 
_pdbx_validate_torsion.label_alt_id    ? 
_pdbx_validate_torsion.phi             -70.56 
_pdbx_validate_torsion.psi             -73.75 
# 
_pdbx_struct_special_symmetry.id              1 
_pdbx_struct_special_symmetry.PDB_model_num   1 
_pdbx_struct_special_symmetry.auth_asym_id    AAA 
_pdbx_struct_special_symmetry.auth_comp_id    SO4 
_pdbx_struct_special_symmetry.auth_seq_id     1216 
_pdbx_struct_special_symmetry.PDB_ins_code    ? 
_pdbx_struct_special_symmetry.label_asym_id   Q 
_pdbx_struct_special_symmetry.label_comp_id   SO4 
_pdbx_struct_special_symmetry.label_seq_id    . 
# 
_pdbx_entry_details.entry_id                 7PPX 
_pdbx_entry_details.has_ligand_of_interest   Y 
_pdbx_entry_details.compound_details         ? 
_pdbx_entry_details.source_details           ? 
_pdbx_entry_details.nonpolymer_details       ? 
_pdbx_entry_details.sequence_details         ? 
# 
_pdbx_distant_solvent_atoms.id                                1 
_pdbx_distant_solvent_atoms.PDB_model_num                     1 
_pdbx_distant_solvent_atoms.auth_atom_id                      O 
_pdbx_distant_solvent_atoms.label_alt_id                      ? 
_pdbx_distant_solvent_atoms.auth_asym_id                      AAA 
_pdbx_distant_solvent_atoms.auth_comp_id                      HOH 
_pdbx_distant_solvent_atoms.auth_seq_id                       1463 
_pdbx_distant_solvent_atoms.PDB_ins_code                      ? 
_pdbx_distant_solvent_atoms.neighbor_macromolecule_distance   6.14 
_pdbx_distant_solvent_atoms.neighbor_ligand_distance          . 
# 
loop_
_chem_comp_atom.comp_id 
_chem_comp_atom.atom_id 
_chem_comp_atom.type_symbol 
_chem_comp_atom.pdbx_aromatic_flag 
_chem_comp_atom.pdbx_stereo_config 
_chem_comp_atom.pdbx_ordinal 
7ZX N1   N  Y N 1   
7ZX C3   C  Y N 2   
7ZX BR1  BR N N 3   
7ZX C1   C  Y N 4   
7ZX C2   C  Y N 5   
7ZX O1   O  Y N 6   
7ZX H1   H  N N 7   
7ZX H2   H  N N 8   
ALA N    N  N N 9   
ALA CA   C  N S 10  
ALA C    C  N N 11  
ALA O    O  N N 12  
ALA CB   C  N N 13  
ALA OXT  O  N N 14  
ALA H    H  N N 15  
ALA H2   H  N N 16  
ALA HA   H  N N 17  
ALA HB1  H  N N 18  
ALA HB2  H  N N 19  
ALA HB3  H  N N 20  
ALA HXT  H  N N 21  
ARG N    N  N N 22  
ARG CA   C  N S 23  
ARG C    C  N N 24  
ARG O    O  N N 25  
ARG CB   C  N N 26  
ARG CG   C  N N 27  
ARG CD   C  N N 28  
ARG NE   N  N N 29  
ARG CZ   C  N N 30  
ARG NH1  N  N N 31  
ARG NH2  N  N N 32  
ARG OXT  O  N N 33  
ARG H    H  N N 34  
ARG H2   H  N N 35  
ARG HA   H  N N 36  
ARG HB2  H  N N 37  
ARG HB3  H  N N 38  
ARG HG2  H  N N 39  
ARG HG3  H  N N 40  
ARG HD2  H  N N 41  
ARG HD3  H  N N 42  
ARG HE   H  N N 43  
ARG HH11 H  N N 44  
ARG HH12 H  N N 45  
ARG HH21 H  N N 46  
ARG HH22 H  N N 47  
ARG HXT  H  N N 48  
ASN N    N  N N 49  
ASN CA   C  N S 50  
ASN C    C  N N 51  
ASN O    O  N N 52  
ASN CB   C  N N 53  
ASN CG   C  N N 54  
ASN OD1  O  N N 55  
ASN ND2  N  N N 56  
ASN OXT  O  N N 57  
ASN H    H  N N 58  
ASN H2   H  N N 59  
ASN HA   H  N N 60  
ASN HB2  H  N N 61  
ASN HB3  H  N N 62  
ASN HD21 H  N N 63  
ASN HD22 H  N N 64  
ASN HXT  H  N N 65  
ASP N    N  N N 66  
ASP CA   C  N S 67  
ASP C    C  N N 68  
ASP O    O  N N 69  
ASP CB   C  N N 70  
ASP CG   C  N N 71  
ASP OD1  O  N N 72  
ASP OD2  O  N N 73  
ASP OXT  O  N N 74  
ASP H    H  N N 75  
ASP H2   H  N N 76  
ASP HA   H  N N 77  
ASP HB2  H  N N 78  
ASP HB3  H  N N 79  
ASP HD2  H  N N 80  
ASP HXT  H  N N 81  
CL  CL   CL N N 82  
CYS N    N  N N 83  
CYS CA   C  N R 84  
CYS C    C  N N 85  
CYS O    O  N N 86  
CYS CB   C  N N 87  
CYS SG   S  N N 88  
CYS OXT  O  N N 89  
CYS H    H  N N 90  
CYS H2   H  N N 91  
CYS HA   H  N N 92  
CYS HB2  H  N N 93  
CYS HB3  H  N N 94  
CYS HG   H  N N 95  
CYS HXT  H  N N 96  
EDO C1   C  N N 97  
EDO O1   O  N N 98  
EDO C2   C  N N 99  
EDO O2   O  N N 100 
EDO H11  H  N N 101 
EDO H12  H  N N 102 
EDO HO1  H  N N 103 
EDO H21  H  N N 104 
EDO H22  H  N N 105 
EDO HO2  H  N N 106 
GLN N    N  N N 107 
GLN CA   C  N S 108 
GLN C    C  N N 109 
GLN O    O  N N 110 
GLN CB   C  N N 111 
GLN CG   C  N N 112 
GLN CD   C  N N 113 
GLN OE1  O  N N 114 
GLN NE2  N  N N 115 
GLN OXT  O  N N 116 
GLN H    H  N N 117 
GLN H2   H  N N 118 
GLN HA   H  N N 119 
GLN HB2  H  N N 120 
GLN HB3  H  N N 121 
GLN HG2  H  N N 122 
GLN HG3  H  N N 123 
GLN HE21 H  N N 124 
GLN HE22 H  N N 125 
GLN HXT  H  N N 126 
GLU N    N  N N 127 
GLU CA   C  N S 128 
GLU C    C  N N 129 
GLU O    O  N N 130 
GLU CB   C  N N 131 
GLU CG   C  N N 132 
GLU CD   C  N N 133 
GLU OE1  O  N N 134 
GLU OE2  O  N N 135 
GLU OXT  O  N N 136 
GLU H    H  N N 137 
GLU H2   H  N N 138 
GLU HA   H  N N 139 
GLU HB2  H  N N 140 
GLU HB3  H  N N 141 
GLU HG2  H  N N 142 
GLU HG3  H  N N 143 
GLU HE2  H  N N 144 
GLU HXT  H  N N 145 
GLY N    N  N N 146 
GLY CA   C  N N 147 
GLY C    C  N N 148 
GLY O    O  N N 149 
GLY OXT  O  N N 150 
GLY H    H  N N 151 
GLY H2   H  N N 152 
GLY HA2  H  N N 153 
GLY HA3  H  N N 154 
GLY HXT  H  N N 155 
HIS N    N  N N 156 
HIS CA   C  N S 157 
HIS C    C  N N 158 
HIS O    O  N N 159 
HIS CB   C  N N 160 
HIS CG   C  Y N 161 
HIS ND1  N  Y N 162 
HIS CD2  C  Y N 163 
HIS CE1  C  Y N 164 
HIS NE2  N  Y N 165 
HIS OXT  O  N N 166 
HIS H    H  N N 167 
HIS H2   H  N N 168 
HIS HA   H  N N 169 
HIS HB2  H  N N 170 
HIS HB3  H  N N 171 
HIS HD1  H  N N 172 
HIS HD2  H  N N 173 
HIS HE1  H  N N 174 
HIS HE2  H  N N 175 
HIS HXT  H  N N 176 
HOH O    O  N N 177 
HOH H1   H  N N 178 
HOH H2   H  N N 179 
ILE N    N  N N 180 
ILE CA   C  N S 181 
ILE C    C  N N 182 
ILE O    O  N N 183 
ILE CB   C  N S 184 
ILE CG1  C  N N 185 
ILE CG2  C  N N 186 
ILE CD1  C  N N 187 
ILE OXT  O  N N 188 
ILE H    H  N N 189 
ILE H2   H  N N 190 
ILE HA   H  N N 191 
ILE HB   H  N N 192 
ILE HG12 H  N N 193 
ILE HG13 H  N N 194 
ILE HG21 H  N N 195 
ILE HG22 H  N N 196 
ILE HG23 H  N N 197 
ILE HD11 H  N N 198 
ILE HD12 H  N N 199 
ILE HD13 H  N N 200 
ILE HXT  H  N N 201 
LEU N    N  N N 202 
LEU CA   C  N S 203 
LEU C    C  N N 204 
LEU O    O  N N 205 
LEU CB   C  N N 206 
LEU CG   C  N N 207 
LEU CD1  C  N N 208 
LEU CD2  C  N N 209 
LEU OXT  O  N N 210 
LEU H    H  N N 211 
LEU H2   H  N N 212 
LEU HA   H  N N 213 
LEU HB2  H  N N 214 
LEU HB3  H  N N 215 
LEU HG   H  N N 216 
LEU HD11 H  N N 217 
LEU HD12 H  N N 218 
LEU HD13 H  N N 219 
LEU HD21 H  N N 220 
LEU HD22 H  N N 221 
LEU HD23 H  N N 222 
LEU HXT  H  N N 223 
LYS N    N  N N 224 
LYS CA   C  N S 225 
LYS C    C  N N 226 
LYS O    O  N N 227 
LYS CB   C  N N 228 
LYS CG   C  N N 229 
LYS CD   C  N N 230 
LYS CE   C  N N 231 
LYS NZ   N  N N 232 
LYS OXT  O  N N 233 
LYS H    H  N N 234 
LYS H2   H  N N 235 
LYS HA   H  N N 236 
LYS HB2  H  N N 237 
LYS HB3  H  N N 238 
LYS HG2  H  N N 239 
LYS HG3  H  N N 240 
LYS HD2  H  N N 241 
LYS HD3  H  N N 242 
LYS HE2  H  N N 243 
LYS HE3  H  N N 244 
LYS HZ1  H  N N 245 
LYS HZ2  H  N N 246 
LYS HZ3  H  N N 247 
LYS HXT  H  N N 248 
MET N    N  N N 249 
MET CA   C  N S 250 
MET C    C  N N 251 
MET O    O  N N 252 
MET CB   C  N N 253 
MET CG   C  N N 254 
MET SD   S  N N 255 
MET CE   C  N N 256 
MET OXT  O  N N 257 
MET H    H  N N 258 
MET H2   H  N N 259 
MET HA   H  N N 260 
MET HB2  H  N N 261 
MET HB3  H  N N 262 
MET HG2  H  N N 263 
MET HG3  H  N N 264 
MET HE1  H  N N 265 
MET HE2  H  N N 266 
MET HE3  H  N N 267 
MET HXT  H  N N 268 
PHE N    N  N N 269 
PHE CA   C  N S 270 
PHE C    C  N N 271 
PHE O    O  N N 272 
PHE CB   C  N N 273 
PHE CG   C  Y N 274 
PHE CD1  C  Y N 275 
PHE CD2  C  Y N 276 
PHE CE1  C  Y N 277 
PHE CE2  C  Y N 278 
PHE CZ   C  Y N 279 
PHE OXT  O  N N 280 
PHE H    H  N N 281 
PHE H2   H  N N 282 
PHE HA   H  N N 283 
PHE HB2  H  N N 284 
PHE HB3  H  N N 285 
PHE HD1  H  N N 286 
PHE HD2  H  N N 287 
PHE HE1  H  N N 288 
PHE HE2  H  N N 289 
PHE HZ   H  N N 290 
PHE HXT  H  N N 291 
PRO N    N  N N 292 
PRO CA   C  N S 293 
PRO C    C  N N 294 
PRO O    O  N N 295 
PRO CB   C  N N 296 
PRO CG   C  N N 297 
PRO CD   C  N N 298 
PRO OXT  O  N N 299 
PRO H    H  N N 300 
PRO HA   H  N N 301 
PRO HB2  H  N N 302 
PRO HB3  H  N N 303 
PRO HG2  H  N N 304 
PRO HG3  H  N N 305 
PRO HD2  H  N N 306 
PRO HD3  H  N N 307 
PRO HXT  H  N N 308 
SER N    N  N N 309 
SER CA   C  N S 310 
SER C    C  N N 311 
SER O    O  N N 312 
SER CB   C  N N 313 
SER OG   O  N N 314 
SER OXT  O  N N 315 
SER H    H  N N 316 
SER H2   H  N N 317 
SER HA   H  N N 318 
SER HB2  H  N N 319 
SER HB3  H  N N 320 
SER HG   H  N N 321 
SER HXT  H  N N 322 
SO4 S    S  N N 323 
SO4 O1   O  N N 324 
SO4 O2   O  N N 325 
SO4 O3   O  N N 326 
SO4 O4   O  N N 327 
THR N    N  N N 328 
THR CA   C  N S 329 
THR C    C  N N 330 
THR O    O  N N 331 
THR CB   C  N R 332 
THR OG1  O  N N 333 
THR CG2  C  N N 334 
THR OXT  O  N N 335 
THR H    H  N N 336 
THR H2   H  N N 337 
THR HA   H  N N 338 
THR HB   H  N N 339 
THR HG1  H  N N 340 
THR HG21 H  N N 341 
THR HG22 H  N N 342 
THR HG23 H  N N 343 
THR HXT  H  N N 344 
TYR N    N  N N 345 
TYR CA   C  N S 346 
TYR C    C  N N 347 
TYR O    O  N N 348 
TYR CB   C  N N 349 
TYR CG   C  Y N 350 
TYR CD1  C  Y N 351 
TYR CD2  C  Y N 352 
TYR CE1  C  Y N 353 
TYR CE2  C  Y N 354 
TYR CZ   C  Y N 355 
TYR OH   O  N N 356 
TYR OXT  O  N N 357 
TYR H    H  N N 358 
TYR H2   H  N N 359 
TYR HA   H  N N 360 
TYR HB2  H  N N 361 
TYR HB3  H  N N 362 
TYR HD1  H  N N 363 
TYR HD2  H  N N 364 
TYR HE1  H  N N 365 
TYR HE2  H  N N 366 
TYR HH   H  N N 367 
TYR HXT  H  N N 368 
VAL N    N  N N 369 
VAL CA   C  N S 370 
VAL C    C  N N 371 
VAL O    O  N N 372 
VAL CB   C  N N 373 
VAL CG1  C  N N 374 
VAL CG2  C  N N 375 
VAL OXT  O  N N 376 
VAL H    H  N N 377 
VAL H2   H  N N 378 
VAL HA   H  N N 379 
VAL HB   H  N N 380 
VAL HG11 H  N N 381 
VAL HG12 H  N N 382 
VAL HG13 H  N N 383 
VAL HG21 H  N N 384 
VAL HG22 H  N N 385 
VAL HG23 H  N N 386 
VAL HXT  H  N N 387 
# 
loop_
_chem_comp_bond.comp_id 
_chem_comp_bond.atom_id_1 
_chem_comp_bond.atom_id_2 
_chem_comp_bond.value_order 
_chem_comp_bond.pdbx_aromatic_flag 
_chem_comp_bond.pdbx_stereo_config 
_chem_comp_bond.pdbx_ordinal 
7ZX N1  C2   doub Y N 1   
7ZX N1  O1   sing Y N 2   
7ZX C2  C1   sing Y N 3   
7ZX C1  BR1  sing N N 4   
7ZX C1  C3   doub Y N 5   
7ZX O1  C3   sing Y N 6   
7ZX C3  H1   sing N N 7   
7ZX C2  H2   sing N N 8   
ALA N   CA   sing N N 9   
ALA N   H    sing N N 10  
ALA N   H2   sing N N 11  
ALA CA  C    sing N N 12  
ALA CA  CB   sing N N 13  
ALA CA  HA   sing N N 14  
ALA C   O    doub N N 15  
ALA C   OXT  sing N N 16  
ALA CB  HB1  sing N N 17  
ALA CB  HB2  sing N N 18  
ALA CB  HB3  sing N N 19  
ALA OXT HXT  sing N N 20  
ARG N   CA   sing N N 21  
ARG N   H    sing N N 22  
ARG N   H2   sing N N 23  
ARG CA  C    sing N N 24  
ARG CA  CB   sing N N 25  
ARG CA  HA   sing N N 26  
ARG C   O    doub N N 27  
ARG C   OXT  sing N N 28  
ARG CB  CG   sing N N 29  
ARG CB  HB2  sing N N 30  
ARG CB  HB3  sing N N 31  
ARG CG  CD   sing N N 32  
ARG CG  HG2  sing N N 33  
ARG CG  HG3  sing N N 34  
ARG CD  NE   sing N N 35  
ARG CD  HD2  sing N N 36  
ARG CD  HD3  sing N N 37  
ARG NE  CZ   sing N N 38  
ARG NE  HE   sing N N 39  
ARG CZ  NH1  sing N N 40  
ARG CZ  NH2  doub N N 41  
ARG NH1 HH11 sing N N 42  
ARG NH1 HH12 sing N N 43  
ARG NH2 HH21 sing N N 44  
ARG NH2 HH22 sing N N 45  
ARG OXT HXT  sing N N 46  
ASN N   CA   sing N N 47  
ASN N   H    sing N N 48  
ASN N   H2   sing N N 49  
ASN CA  C    sing N N 50  
ASN CA  CB   sing N N 51  
ASN CA  HA   sing N N 52  
ASN C   O    doub N N 53  
ASN C   OXT  sing N N 54  
ASN CB  CG   sing N N 55  
ASN CB  HB2  sing N N 56  
ASN CB  HB3  sing N N 57  
ASN CG  OD1  doub N N 58  
ASN CG  ND2  sing N N 59  
ASN ND2 HD21 sing N N 60  
ASN ND2 HD22 sing N N 61  
ASN OXT HXT  sing N N 62  
ASP N   CA   sing N N 63  
ASP N   H    sing N N 64  
ASP N   H2   sing N N 65  
ASP CA  C    sing N N 66  
ASP CA  CB   sing N N 67  
ASP CA  HA   sing N N 68  
ASP C   O    doub N N 69  
ASP C   OXT  sing N N 70  
ASP CB  CG   sing N N 71  
ASP CB  HB2  sing N N 72  
ASP CB  HB3  sing N N 73  
ASP CG  OD1  doub N N 74  
ASP CG  OD2  sing N N 75  
ASP OD2 HD2  sing N N 76  
ASP OXT HXT  sing N N 77  
CYS N   CA   sing N N 78  
CYS N   H    sing N N 79  
CYS N   H2   sing N N 80  
CYS CA  C    sing N N 81  
CYS CA  CB   sing N N 82  
CYS CA  HA   sing N N 83  
CYS C   O    doub N N 84  
CYS C   OXT  sing N N 85  
CYS CB  SG   sing N N 86  
CYS CB  HB2  sing N N 87  
CYS CB  HB3  sing N N 88  
CYS SG  HG   sing N N 89  
CYS OXT HXT  sing N N 90  
EDO C1  O1   sing N N 91  
EDO C1  C2   sing N N 92  
EDO C1  H11  sing N N 93  
EDO C1  H12  sing N N 94  
EDO O1  HO1  sing N N 95  
EDO C2  O2   sing N N 96  
EDO C2  H21  sing N N 97  
EDO C2  H22  sing N N 98  
EDO O2  HO2  sing N N 99  
GLN N   CA   sing N N 100 
GLN N   H    sing N N 101 
GLN N   H2   sing N N 102 
GLN CA  C    sing N N 103 
GLN CA  CB   sing N N 104 
GLN CA  HA   sing N N 105 
GLN C   O    doub N N 106 
GLN C   OXT  sing N N 107 
GLN CB  CG   sing N N 108 
GLN CB  HB2  sing N N 109 
GLN CB  HB3  sing N N 110 
GLN CG  CD   sing N N 111 
GLN CG  HG2  sing N N 112 
GLN CG  HG3  sing N N 113 
GLN CD  OE1  doub N N 114 
GLN CD  NE2  sing N N 115 
GLN NE2 HE21 sing N N 116 
GLN NE2 HE22 sing N N 117 
GLN OXT HXT  sing N N 118 
GLU N   CA   sing N N 119 
GLU N   H    sing N N 120 
GLU N   H2   sing N N 121 
GLU CA  C    sing N N 122 
GLU CA  CB   sing N N 123 
GLU CA  HA   sing N N 124 
GLU C   O    doub N N 125 
GLU C   OXT  sing N N 126 
GLU CB  CG   sing N N 127 
GLU CB  HB2  sing N N 128 
GLU CB  HB3  sing N N 129 
GLU CG  CD   sing N N 130 
GLU CG  HG2  sing N N 131 
GLU CG  HG3  sing N N 132 
GLU CD  OE1  doub N N 133 
GLU CD  OE2  sing N N 134 
GLU OE2 HE2  sing N N 135 
GLU OXT HXT  sing N N 136 
GLY N   CA   sing N N 137 
GLY N   H    sing N N 138 
GLY N   H2   sing N N 139 
GLY CA  C    sing N N 140 
GLY CA  HA2  sing N N 141 
GLY CA  HA3  sing N N 142 
GLY C   O    doub N N 143 
GLY C   OXT  sing N N 144 
GLY OXT HXT  sing N N 145 
HIS N   CA   sing N N 146 
HIS N   H    sing N N 147 
HIS N   H2   sing N N 148 
HIS CA  C    sing N N 149 
HIS CA  CB   sing N N 150 
HIS CA  HA   sing N N 151 
HIS C   O    doub N N 152 
HIS C   OXT  sing N N 153 
HIS CB  CG   sing N N 154 
HIS CB  HB2  sing N N 155 
HIS CB  HB3  sing N N 156 
HIS CG  ND1  sing Y N 157 
HIS CG  CD2  doub Y N 158 
HIS ND1 CE1  doub Y N 159 
HIS ND1 HD1  sing N N 160 
HIS CD2 NE2  sing Y N 161 
HIS CD2 HD2  sing N N 162 
HIS CE1 NE2  sing Y N 163 
HIS CE1 HE1  sing N N 164 
HIS NE2 HE2  sing N N 165 
HIS OXT HXT  sing N N 166 
HOH O   H1   sing N N 167 
HOH O   H2   sing N N 168 
ILE N   CA   sing N N 169 
ILE N   H    sing N N 170 
ILE N   H2   sing N N 171 
ILE CA  C    sing N N 172 
ILE CA  CB   sing N N 173 
ILE CA  HA   sing N N 174 
ILE C   O    doub N N 175 
ILE C   OXT  sing N N 176 
ILE CB  CG1  sing N N 177 
ILE CB  CG2  sing N N 178 
ILE CB  HB   sing N N 179 
ILE CG1 CD1  sing N N 180 
ILE CG1 HG12 sing N N 181 
ILE CG1 HG13 sing N N 182 
ILE CG2 HG21 sing N N 183 
ILE CG2 HG22 sing N N 184 
ILE CG2 HG23 sing N N 185 
ILE CD1 HD11 sing N N 186 
ILE CD1 HD12 sing N N 187 
ILE CD1 HD13 sing N N 188 
ILE OXT HXT  sing N N 189 
LEU N   CA   sing N N 190 
LEU N   H    sing N N 191 
LEU N   H2   sing N N 192 
LEU CA  C    sing N N 193 
LEU CA  CB   sing N N 194 
LEU CA  HA   sing N N 195 
LEU C   O    doub N N 196 
LEU C   OXT  sing N N 197 
LEU CB  CG   sing N N 198 
LEU CB  HB2  sing N N 199 
LEU CB  HB3  sing N N 200 
LEU CG  CD1  sing N N 201 
LEU CG  CD2  sing N N 202 
LEU CG  HG   sing N N 203 
LEU CD1 HD11 sing N N 204 
LEU CD1 HD12 sing N N 205 
LEU CD1 HD13 sing N N 206 
LEU CD2 HD21 sing N N 207 
LEU CD2 HD22 sing N N 208 
LEU CD2 HD23 sing N N 209 
LEU OXT HXT  sing N N 210 
LYS N   CA   sing N N 211 
LYS N   H    sing N N 212 
LYS N   H2   sing N N 213 
LYS CA  C    sing N N 214 
LYS CA  CB   sing N N 215 
LYS CA  HA   sing N N 216 
LYS C   O    doub N N 217 
LYS C   OXT  sing N N 218 
LYS CB  CG   sing N N 219 
LYS CB  HB2  sing N N 220 
LYS CB  HB3  sing N N 221 
LYS CG  CD   sing N N 222 
LYS CG  HG2  sing N N 223 
LYS CG  HG3  sing N N 224 
LYS CD  CE   sing N N 225 
LYS CD  HD2  sing N N 226 
LYS CD  HD3  sing N N 227 
LYS CE  NZ   sing N N 228 
LYS CE  HE2  sing N N 229 
LYS CE  HE3  sing N N 230 
LYS NZ  HZ1  sing N N 231 
LYS NZ  HZ2  sing N N 232 
LYS NZ  HZ3  sing N N 233 
LYS OXT HXT  sing N N 234 
MET N   CA   sing N N 235 
MET N   H    sing N N 236 
MET N   H2   sing N N 237 
MET CA  C    sing N N 238 
MET CA  CB   sing N N 239 
MET CA  HA   sing N N 240 
MET C   O    doub N N 241 
MET C   OXT  sing N N 242 
MET CB  CG   sing N N 243 
MET CB  HB2  sing N N 244 
MET CB  HB3  sing N N 245 
MET CG  SD   sing N N 246 
MET CG  HG2  sing N N 247 
MET CG  HG3  sing N N 248 
MET SD  CE   sing N N 249 
MET CE  HE1  sing N N 250 
MET CE  HE2  sing N N 251 
MET CE  HE3  sing N N 252 
MET OXT HXT  sing N N 253 
PHE N   CA   sing N N 254 
PHE N   H    sing N N 255 
PHE N   H2   sing N N 256 
PHE CA  C    sing N N 257 
PHE CA  CB   sing N N 258 
PHE CA  HA   sing N N 259 
PHE C   O    doub N N 260 
PHE C   OXT  sing N N 261 
PHE CB  CG   sing N N 262 
PHE CB  HB2  sing N N 263 
PHE CB  HB3  sing N N 264 
PHE CG  CD1  doub Y N 265 
PHE CG  CD2  sing Y N 266 
PHE CD1 CE1  sing Y N 267 
PHE CD1 HD1  sing N N 268 
PHE CD2 CE2  doub Y N 269 
PHE CD2 HD2  sing N N 270 
PHE CE1 CZ   doub Y N 271 
PHE CE1 HE1  sing N N 272 
PHE CE2 CZ   sing Y N 273 
PHE CE2 HE2  sing N N 274 
PHE CZ  HZ   sing N N 275 
PHE OXT HXT  sing N N 276 
PRO N   CA   sing N N 277 
PRO N   CD   sing N N 278 
PRO N   H    sing N N 279 
PRO CA  C    sing N N 280 
PRO CA  CB   sing N N 281 
PRO CA  HA   sing N N 282 
PRO C   O    doub N N 283 
PRO C   OXT  sing N N 284 
PRO CB  CG   sing N N 285 
PRO CB  HB2  sing N N 286 
PRO CB  HB3  sing N N 287 
PRO CG  CD   sing N N 288 
PRO CG  HG2  sing N N 289 
PRO CG  HG3  sing N N 290 
PRO CD  HD2  sing N N 291 
PRO CD  HD3  sing N N 292 
PRO OXT HXT  sing N N 293 
SER N   CA   sing N N 294 
SER N   H    sing N N 295 
SER N   H2   sing N N 296 
SER CA  C    sing N N 297 
SER CA  CB   sing N N 298 
SER CA  HA   sing N N 299 
SER C   O    doub N N 300 
SER C   OXT  sing N N 301 
SER CB  OG   sing N N 302 
SER CB  HB2  sing N N 303 
SER CB  HB3  sing N N 304 
SER OG  HG   sing N N 305 
SER OXT HXT  sing N N 306 
SO4 S   O1   doub N N 307 
SO4 S   O2   doub N N 308 
SO4 S   O3   sing N N 309 
SO4 S   O4   sing N N 310 
THR N   CA   sing N N 311 
THR N   H    sing N N 312 
THR N   H2   sing N N 313 
THR CA  C    sing N N 314 
THR CA  CB   sing N N 315 
THR CA  HA   sing N N 316 
THR C   O    doub N N 317 
THR C   OXT  sing N N 318 
THR CB  OG1  sing N N 319 
THR CB  CG2  sing N N 320 
THR CB  HB   sing N N 321 
THR OG1 HG1  sing N N 322 
THR CG2 HG21 sing N N 323 
THR CG2 HG22 sing N N 324 
THR CG2 HG23 sing N N 325 
THR OXT HXT  sing N N 326 
TYR N   CA   sing N N 327 
TYR N   H    sing N N 328 
TYR N   H2   sing N N 329 
TYR CA  C    sing N N 330 
TYR CA  CB   sing N N 331 
TYR CA  HA   sing N N 332 
TYR C   O    doub N N 333 
TYR C   OXT  sing N N 334 
TYR CB  CG   sing N N 335 
TYR CB  HB2  sing N N 336 
TYR CB  HB3  sing N N 337 
TYR CG  CD1  doub Y N 338 
TYR CG  CD2  sing Y N 339 
TYR CD1 CE1  sing Y N 340 
TYR CD1 HD1  sing N N 341 
TYR CD2 CE2  doub Y N 342 
TYR CD2 HD2  sing N N 343 
TYR CE1 CZ   doub Y N 344 
TYR CE1 HE1  sing N N 345 
TYR CE2 CZ   sing Y N 346 
TYR CE2 HE2  sing N N 347 
TYR CZ  OH   sing N N 348 
TYR OH  HH   sing N N 349 
TYR OXT HXT  sing N N 350 
VAL N   CA   sing N N 351 
VAL N   H    sing N N 352 
VAL N   H2   sing N N 353 
VAL CA  C    sing N N 354 
VAL CA  CB   sing N N 355 
VAL CA  HA   sing N N 356 
VAL C   O    doub N N 357 
VAL C   OXT  sing N N 358 
VAL CB  CG1  sing N N 359 
VAL CB  CG2  sing N N 360 
VAL CB  HB   sing N N 361 
VAL CG1 HG11 sing N N 362 
VAL CG1 HG12 sing N N 363 
VAL CG1 HG13 sing N N 364 
VAL CG2 HG21 sing N N 365 
VAL CG2 HG22 sing N N 366 
VAL CG2 HG23 sing N N 367 
VAL OXT HXT  sing N N 368 
# 
loop_
_pdbx_audit_support.funding_organization 
_pdbx_audit_support.country 
_pdbx_audit_support.grant_number 
_pdbx_audit_support.ordinal 
'Medical Research Council (MRC, United Kingdom)' 'United Kingdom' MR/N009738/1  1 
'Cancer Research UK'                             'United Kingdom' C2215/A21421  2 
'Cancer Research UK'                             'United Kingdom' C57659/A27310 3 
'Cancer Research UK'                             'United Kingdom' C1362/A20263  4 
# 
_pdbx_entity_instance_feature.ordinal        1 
_pdbx_entity_instance_feature.comp_id        7ZX 
_pdbx_entity_instance_feature.asym_id        ? 
_pdbx_entity_instance_feature.seq_num        ? 
_pdbx_entity_instance_feature.auth_comp_id   7ZX 
_pdbx_entity_instance_feature.auth_asym_id   ? 
_pdbx_entity_instance_feature.auth_seq_num   ? 
_pdbx_entity_instance_feature.feature_type   'SUBJECT OF INVESTIGATION' 
_pdbx_entity_instance_feature.details        ? 
# 
_pdbx_initial_refinement_model.id               1 
_pdbx_initial_refinement_model.entity_id_list   ? 
_pdbx_initial_refinement_model.type             'experimental model' 
_pdbx_initial_refinement_model.source_name      PDB 
_pdbx_initial_refinement_model.accession_code   3DAI 
_pdbx_initial_refinement_model.details          ? 
# 
_atom_sites.entry_id                    7PPX 
_atom_sites.Cartn_transf_matrix[1][1]   ? 
_atom_sites.Cartn_transf_matrix[1][2]   ? 
_atom_sites.Cartn_transf_matrix[1][3]   ? 
_atom_sites.Cartn_transf_matrix[2][1]   ? 
_atom_sites.Cartn_transf_matrix[2][2]   ? 
_atom_sites.Cartn_transf_matrix[2][3]   ? 
_atom_sites.Cartn_transf_matrix[3][1]   ? 
_atom_sites.Cartn_transf_matrix[3][2]   ? 
_atom_sites.Cartn_transf_matrix[3][3]   ? 
_atom_sites.Cartn_transf_vector[1]      ? 
_atom_sites.Cartn_transf_vector[2]      ? 
_atom_sites.Cartn_transf_vector[3]      ? 
_atom_sites.fract_transf_matrix[1][1]   -0.00719140 
_atom_sites.fract_transf_matrix[1][2]   0.00847869 
_atom_sites.fract_transf_matrix[1][3]   0.00942952 
_atom_sites.fract_transf_matrix[2][1]   -0.01438264 
_atom_sites.fract_transf_matrix[2][2]   0.00191495 
_atom_sites.fract_transf_matrix[2][3]   -0.00142120 
_atom_sites.fract_transf_matrix[3][1]   -0.00118606 
_atom_sites.fract_transf_matrix[3][2]   -0.00574541 
_atom_sites.fract_transf_matrix[3][3]   0.00426152 
_atom_sites.fract_transf_vector[1]      0.136779 
_atom_sites.fract_transf_vector[2]      0.600141 
_atom_sites.fract_transf_vector[3]      0.026787 
_atom_sites.solution_primary            ? 
_atom_sites.solution_secondary          ? 
_atom_sites.solution_hydrogens          ? 
_atom_sites.special_details             ? 
# 
loop_
_atom_type.symbol 
_atom_type.pdbx_scat_Z 
_atom_type.pdbx_N_electrons 
_atom_type.scat_Cromer_Mann_a1 
_atom_type.scat_Cromer_Mann_b1 
_atom_type.scat_Cromer_Mann_a2 
_atom_type.scat_Cromer_Mann_b2 
_atom_type.scat_Cromer_Mann_a3 
_atom_type.scat_Cromer_Mann_b3 
_atom_type.scat_Cromer_Mann_a4 
_atom_type.scat_Cromer_Mann_b4 
_atom_type.scat_Cromer_Mann_c 
BR 35 35 17.182 2.172  5.237 16.580 5.639 0.261  3.986 41.433 0.487   
C  6  6  2.310  20.844 1.020 10.208 1.589 0.569  0.865 51.651 0.216   
CL 17 17 11.460 0.010  7.196 1.166  6.255 18.519 1.645 47.778 -9.344  
N  7  7  12.222 0.006  3.135 9.893  2.014 28.997 1.167 0.583  -11.538 
O  8  8  3.049  13.277 2.287 5.701  1.546 0.324  0.867 32.909 0.251   
S  16 16 6.905  1.468  5.203 22.215 1.438 0.254  1.586 56.172 1.050   
# 
loop_
_atom_site.group_PDB 
_atom_site.id 
_atom_site.type_symbol 
_atom_site.label_atom_id 
_atom_site.label_alt_id 
_atom_site.label_comp_id 
_atom_site.label_asym_id 
_atom_site.label_entity_id 
_atom_site.label_seq_id 
_atom_site.pdbx_PDB_ins_code 
_atom_site.Cartn_x 
_atom_site.Cartn_y 
_atom_site.Cartn_z 
_atom_site.occupancy 
_atom_site.B_iso_or_equiv 
_atom_site.pdbx_formal_charge 
_atom_site.auth_seq_id 
_atom_site.auth_comp_id 
_atom_site.auth_asym_id 
_atom_site.auth_atom_id 
_atom_site.pdbx_PDB_model_num 
ATOM   1    N  N   . SER A 1 1   ? -3.246  21.296  16.180  1.000 42.400  ? 979  SER AAA N   1 
ATOM   2    C  CA  . SER A 1 1   ? -3.297  22.654  15.619  1.000 41.870  ? 979  SER AAA CA  1 
ATOM   3    C  C   . SER A 1 1   ? -3.622  22.592  14.132  1.000 52.950  ? 979  SER AAA C   1 
ATOM   4    O  O   . SER A 1 1   ? -3.575  21.528  13.505  1.000 43.730  ? 979  SER AAA O   1 
ATOM   5    C  CB  . SER A 1 1   ? -1.958  23.307  15.803  1.000 48.470  ? 979  SER AAA CB  1 
ATOM   6    O  OG  . SER A 1 1   ? -0.974  22.608  15.043  1.000 44.320  ? 979  SER AAA OG  1 
ATOM   7    N  N   . MET A 1 2   ? -3.884  23.762  13.559  1.000 47.050  ? 980  MET AAA N   1 
ATOM   8    C  CA  . MET A 1 2   ? -4.094  23.843  12.125  1.000 52.320  ? 980  MET AAA CA  1 
ATOM   9    C  C   . MET A 1 2   ? -2.795  23.569  11.364  1.000 44.740  ? 980  MET AAA C   1 
ATOM   10   O  O   . MET A 1 2   ? -2.860  23.027  10.264  1.000 39.230  ? 980  MET AAA O   1 
ATOM   11   C  CB  . MET A 1 2   ? -4.710  25.185  11.695  1.000 69.780  ? 980  MET AAA CB  1 
ATOM   12   C  CG  . MET A 1 2   ? -4.120  26.422  12.374  1.000 93.280  ? 980  MET AAA CG  1 
ATOM   13   S  SD  . MET A 1 2   ? -3.119  27.501  11.291  1.000 122.920 ? 980  MET AAA SD  1 
ATOM   14   C  CE  . MET A 1 2   ? -2.936  28.957  12.327  1.000 97.160  ? 980  MET AAA CE  1 
ATOM   15   N  N   . GLN A 1 3   ? -1.622  23.952  11.884  1.000 37.940  ? 981  GLN AAA N   1 
ATOM   16   C  CA  . GLN A 1 3   ? -0.381  23.608  11.205  1.000 39.690  ? 981  GLN AAA CA  1 
ATOM   17   C  C   . GLN A 1 3   ? -0.201  22.081  11.148  1.000 37.140  ? 981  GLN AAA C   1 
ATOM   18   O  O   . GLN A 1 3   ? 0.397   21.562  10.197  1.000 32.870  ? 981  GLN AAA O   1 
ATOM   19   C  CB  . GLN A 1 3   ? 0.865   24.187  11.897  1.000 47.270  ? 981  GLN AAA CB  1 
ATOM   20   C  CG  . GLN A 1 3   ? 0.830   25.702  12.050  1.000 59.480  ? 981  GLN AAA CG  1 
ATOM   21   C  CD  . GLN A 1 3   ? 0.346   26.054  13.438  1.000 67.380  ? 981  GLN AAA CD  1 
ATOM   22   O  OE1 . GLN A 1 3   ? 1.119   26.065  14.393  1.000 84.000  ? 981  GLN AAA OE1 1 
ATOM   23   N  NE2 . GLN A 1 3   ? -0.950  26.295  13.574  1.000 63.970  ? 981  GLN AAA NE2 1 
ATOM   24   N  N   . GLU A 1 4   ? -0.581  21.374  12.213  1.000 30.710  ? 982  GLU AAA N   1 
ATOM   25   C  CA  . GLU A 1 4   ? -0.469  19.919  12.224  1.000 27.580  ? 982  GLU AAA CA  1 
ATOM   26   C  C   . GLU A 1 4   ? -1.474  19.389  11.225  1.000 28.870  ? 982  GLU AAA C   1 
ATOM   27   O  O   . GLU A 1 4   ? -1.149  18.420  10.523  1.000 21.810  ? 982  GLU AAA O   1 
ATOM   28   C  CB  . GLU A 1 4   ? -0.764  19.344  13.601  1.000 29.600  ? 982  GLU AAA CB  1 
ATOM   29   C  CG  . GLU A 1 4   ? 0.424   19.613  14.501  1.000 30.850  ? 982  GLU AAA CG  1 
ATOM   30   C  CD  . GLU A 1 4   ? 0.198   19.232  15.957  1.000 42.500  ? 982  GLU AAA CD  1 
ATOM   31   O  OE1 . GLU A 1 4   ? -0.976  18.994  16.335  1.000 44.000  ? 982  GLU AAA OE1 1 
ATOM   32   O  OE2 . GLU A 1 4   ? 1.191   19.154  16.699  1.000 35.180  ? 982  GLU AAA OE2 1 
ATOM   33   N  N   . GLU A 1 5   ? -2.675  19.940  11.145  1.000 25.700  ? 983  GLU AAA N   1 
ATOM   34   C  CA  . GLU A 1 5   ? -3.644  19.466  10.171  1.000 26.260  ? 983  GLU AAA CA  1 
ATOM   35   C  C   . GLU A 1 5   ? -3.069  19.687  8.771   1.000 24.920  ? 983  GLU AAA C   1 
ATOM   36   O  O   . GLU A 1 5   ? -3.316  18.863  7.889   1.000 23.720  ? 983  GLU AAA O   1 
ATOM   37   C  CB  . GLU A 1 5   ? -4.992  20.214  10.233  1.000 34.870  ? 983  GLU AAA CB  1 
ATOM   38   C  CG  . GLU A 1 5   ? -5.865  19.848  11.439  1.000 51.250  ? 983  GLU AAA CG  1 
ATOM   39   C  CD  . GLU A 1 5   ? -5.435  18.708  12.366  1.000 73.180  ? 983  GLU AAA CD  1 
ATOM   40   O  OE1 . GLU A 1 5   ? -5.365  18.954  13.589  1.000 95.490  ? 983  GLU AAA OE1 1 
ATOM   41   O  OE2 . GLU A 1 5   ? -5.199  17.566  11.887  1.000 83.550  ? 983  GLU AAA OE2 1 
ATOM   42   N  N   . ASP A 1 6   ? -2.443  20.816  8.521   1.000 23.050  ? 984  ASP AAA N   1 
ATOM   43   C  CA  . ASP A 1 6   ? -1.822  21.089  7.241   1.000 23.940  ? 984  ASP AAA CA  1 
ATOM   44   C  C   . ASP A 1 6   ? -0.748  20.020  6.946   1.000 22.790  ? 984  ASP AAA C   1 
ATOM   45   O  O   . ASP A 1 6   ? -0.601  19.632  5.769   1.000 21.760  ? 984  ASP AAA O   1 
ATOM   46   C  CB  . ASP A 1 6   ? -1.058  22.421  7.242   1.000 28.880  ? 984  ASP AAA CB  1 
ATOM   47   C  CG  . ASP A 1 6   ? -1.908  23.684  7.206   1.000 40.630  ? 984  ASP AAA CG  1 
ATOM   48   O  OD1 . ASP A 1 6   ? -3.084  23.579  6.922   1.000 37.390  ? 984  ASP AAA OD1 1 
ATOM   49   O  OD2 . ASP A 1 6   ? -1.346  24.779  7.509   1.000 50.070  ? 984  ASP AAA OD2 1 
ATOM   50   N  N   . THR A 1 7   ? 0.056   19.621  7.928   1.000 19.580  ? 985  THR AAA N   1 
ATOM   51   C  CA  . THR A 1 7   ? 1.075   18.581  7.732   1.000 19.640  ? 985  THR AAA CA  1 
ATOM   52   C  C   . THR A 1 7   ? 0.400   17.282  7.299   1.000 19.180  ? 985  THR AAA C   1 
ATOM   53   O  O   . THR A 1 7   ? 0.843   16.675  6.273   1.000 17.210  ? 985  THR AAA O   1 
ATOM   54   C  CB  . THR A 1 7   ? 1.838   18.313  9.019   1.000 19.060  ? 985  THR AAA CB  1 
ATOM   55   O  OG1 . THR A 1 7   ? 2.525   19.546  9.349   1.000 24.080  ? 985  THR AAA OG1 1 
ATOM   56   C  CG2 . THR A 1 7   ? 2.912   17.252  8.885   1.000 21.750  ? 985  THR AAA CG2 1 
ATOM   57   N  N   . PHE A 1 8   ? -0.675  16.852  7.962   1.000 18.330  ? 986  PHE AAA N   1 
ATOM   58   C  CA  . PHE A 1 8   ? -1.305  15.594  7.595   1.000 18.130  ? 986  PHE AAA CA  1 
ATOM   59   C  C   . PHE A 1 8   ? -1.962  15.771  6.248   1.000 18.160  ? 986  PHE AAA C   1 
ATOM   60   O  O   . PHE A 1 8   ? -2.031  14.758  5.491   1.000 17.890  ? 986  PHE AAA O   1 
ATOM   61   C  CB  . PHE A 1 8   ? -2.269  15.127  8.698   1.000 20.370  ? 986  PHE AAA CB  1 
ATOM   62   C  CG  . PHE A 1 8   ? -1.555  14.674  9.935   1.000 21.660  ? 986  PHE AAA CG  1 
ATOM   63   C  CD1 . PHE A 1 8   ? -0.449  13.816  9.905   1.000 23.590  ? 986  PHE AAA CD1 1 
ATOM   64   C  CD2 . PHE A 1 8   ? -2.005  15.121  11.177  1.000 23.840  ? 986  PHE AAA CD2 1 
ATOM   65   C  CE1 . PHE A 1 8   ? 0.219   13.381  11.052  1.000 24.090  ? 986  PHE AAA CE1 1 
ATOM   66   C  CE2 . PHE A 1 8   ? -1.408  14.607  12.315  1.000 23.610  ? 986  PHE AAA CE2 1 
ATOM   67   C  CZ  . PHE A 1 8   ? -0.301  13.778  12.289  1.000 26.280  ? 986  PHE AAA CZ  1 
ATOM   68   N  N   . ARG A 1 9   ? -2.451  16.921  5.852   1.000 17.500  ? 987  ARG AAA N   1 
ATOM   69   C  CA  . ARG A 1 9   ? -3.073  17.055  4.555   1.000 16.750  ? 987  ARG AAA CA  1 
ATOM   70   C  C   . ARG A 1 9   ? -1.966  16.873  3.487   1.000 17.280  ? 987  ARG AAA C   1 
ATOM   71   O  O   . ARG A 1 9   ? -2.238  16.213  2.479   1.000 16.720  ? 987  ARG AAA O   1 
ATOM   72   C  CB  . ARG A 1 9   ? -3.784  18.401  4.410   1.000 20.560  ? 987  ARG AAA CB  1 
ATOM   73   C  CG  . ARG A 1 9   ? -4.521  18.526  3.093   1.000 22.880  ? 987  ARG AAA CG  1 
ATOM   74   C  CD  . ARG A 1 9   ? -5.604  19.617  3.114   1.000 26.230  ? 987  ARG AAA CD  1 
ATOM   75   N  NE  . ARG A 1 9   ? -6.188  19.579  1.779   1.000 32.560  ? 987  ARG AAA NE  1 
ATOM   76   C  CZ  . ARG A 1 9   ? -5.853  20.407  0.758   1.000 30.950  ? 987  ARG AAA CZ  1 
ATOM   77   N  NH1 . ARG A 1 9   ? -4.879  21.322  0.877   1.000 34.300  ? 987  ARG AAA NH1 1 
ATOM   78   N  NH2 . ARG A 1 9   ? -6.479  20.253  -0.402  1.000 36.190  ? 987  ARG AAA NH2 1 
ATOM   79   N  N   . GLU A 1 10  ? -0.803  17.469  3.688   1.000 16.460  ? 988  GLU AAA N   1 
ATOM   80   C  CA  . GLU A 1 10  ? 0.293   17.292  2.716   1.000 15.560  ? 988  GLU AAA CA  1 
ATOM   81   C  C   . GLU A 1 10  ? 0.672   15.805  2.679   1.000 15.150  ? 988  GLU AAA C   1 
ATOM   82   O  O   . GLU A 1 10  ? 0.868   15.283  1.536   1.000 15.540  ? 988  GLU AAA O   1 
ATOM   83   C  CB  . GLU A 1 10  ? 1.480   18.160  3.114   1.000 15.980  ? 988  GLU AAA CB  1 
ATOM   84   C  CG  . GLU A 1 10  ? 2.636   17.875  2.155   1.000 16.550  ? 988  GLU AAA CG  1 
ATOM   85   C  CD  . GLU A 1 10  ? 3.731   18.933  2.133   1.000 20.170  ? 988  GLU AAA CD  1 
ATOM   86   O  OE1 . GLU A 1 10  ? 4.765   18.715  1.442   1.000 20.450  ? 988  GLU AAA OE1 1 
ATOM   87   O  OE2 . GLU A 1 10  ? 3.623   19.937  2.880   1.000 22.830  ? 988  GLU AAA OE2 1 
ATOM   88   N  N   . LEU A 1 11  ? 0.659   15.089  3.774   1.000 14.650  ? 989  LEU AAA N   1 
ATOM   89   C  CA  . LEU A 1 11  ? 0.942   13.662  3.775   1.000 14.320  ? 989  LEU AAA CA  1 
ATOM   90   C  C   . LEU A 1 11  ? -0.097  12.982  2.908   1.000 15.750  ? 989  LEU AAA C   1 
ATOM   91   O  O   . LEU A 1 11  ? 0.266   12.112  2.056   1.000 15.470  ? 989  LEU AAA O   1 
ATOM   92   C  CB  . LEU A 1 11  ? 0.886   13.105  5.209   1.000 15.600  ? 989  LEU AAA CB  1 
ATOM   93   C  CG  . LEU A 1 11  ? 1.008   11.565  5.246   1.000 17.360  ? 989  LEU AAA CG  1 
ATOM   94   C  CD1 . LEU A 1 11  ? 2.375   11.084  4.762   1.000 18.920  ? 989  LEU AAA CD1 1 
ATOM   95   C  CD2 . LEU A 1 11  ? 0.713   11.121  6.677   1.000 21.450  ? 989  LEU AAA CD2 1 
ATOM   96   N  N   . ARG A 1 12  ? -1.369  13.347  3.074   1.000 14.820  ? 990  ARG AAA N   1 
ATOM   97   C  CA  . ARG A 1 12  ? -2.449  12.665  2.312   1.000 15.390  ? 990  ARG AAA CA  1 
ATOM   98   C  C   . ARG A 1 12  ? -2.235  12.881  0.811   1.000 14.820  ? 990  ARG AAA C   1 
ATOM   99   O  O   . ARG A 1 12  ? -2.364  11.901  0.060   1.000 15.160  ? 990  ARG AAA O   1 
ATOM   100  C  CB  . ARG A 1 12  ? -3.823  13.147  2.780   1.000 16.150  ? 990  ARG AAA CB  1 
ATOM   101  C  CG  . ARG A 1 12  ? -4.232  12.555  4.118   1.000 16.290  ? 990  ARG AAA CG  1 
ATOM   102  C  CD  . ARG A 1 12  ? -5.697  12.767  4.423   1.000 17.440  ? 990  ARG AAA CD  1 
ATOM   103  N  NE  . ARG A 1 12  ? -6.104  14.162  4.430   1.000 18.110  ? 990  ARG AAA NE  1 
ATOM   104  C  CZ  . ARG A 1 12  ? -5.995  14.978  5.470   1.000 19.400  ? 990  ARG AAA CZ  1 
ATOM   105  N  NH1 . ARG A 1 12  ? -5.480  14.548  6.609   1.000 19.790  ? 990  ARG AAA NH1 1 
ATOM   106  N  NH2 . ARG A 1 12  ? -6.411  16.225  5.367   1.000 21.270  ? 990  ARG AAA NH2 1 
ATOM   107  N  N   . ILE A 1 13  ? -1.910  14.111  0.402   1.000 14.280  ? 991  ILE AAA N   1 
ATOM   108  C  CA  . ILE A 1 13  ? -1.708  14.408  -1.020  1.000 14.830  ? 991  ILE AAA CA  1 
ATOM   109  C  C   . ILE A 1 13  ? -0.489  13.572  -1.530  1.000 14.340  ? 991  ILE AAA C   1 
ATOM   110  O  O   . ILE A 1 13  ? -0.615  12.995  -2.641  1.000 14.600  ? 991  ILE AAA O   1 
ATOM   111  C  CB  . ILE A 1 13  ? -1.479  15.932  -1.175  1.000 15.900  ? 991  ILE AAA CB  1 
ATOM   112  C  CG1 . ILE A 1 13  ? -2.808  16.637  -0.795  1.000 18.210  ? 991  ILE AAA CG1 1 
ATOM   113  C  CG2 . ILE A 1 13  ? -1.004  16.256  -2.590  1.000 16.940  ? 991  ILE AAA CG2 1 
ATOM   114  C  CD1 . ILE A 1 13  ? -2.622  18.157  -0.475  1.000 19.660  ? 991  ILE AAA CD1 1 
ATOM   115  N  N   . PHE A 1 14  ? 0.581   13.523  -0.776  1.000 14.170  ? 992  PHE AAA N   1 
ATOM   116  C  CA  . PHE A 1 14  ? 1.749   12.742  -1.192  1.000 14.360  ? 992  PHE AAA CA  1 
ATOM   117  C  C   . PHE A 1 14  ? 1.351   11.285  -1.348  1.000 14.090  ? 992  PHE AAA C   1 
ATOM   118  O  O   . PHE A 1 14  ? 1.696   10.658  -2.393  1.000 13.990  ? 992  PHE AAA O   1 
ATOM   119  C  CB  . PHE A 1 14  ? 2.864   12.945  -0.182  1.000 15.430  ? 992  PHE AAA CB  1 
ATOM   120  C  CG  . PHE A 1 14  ? 4.063   12.062  -0.393  1.000 16.080  ? 992  PHE AAA CG  1 
ATOM   121  C  CD1 . PHE A 1 14  ? 4.916   12.347  -1.453  1.000 18.950  ? 992  PHE AAA CD1 1 
ATOM   122  C  CD2 . PHE A 1 14  ? 4.285   10.967  0.402   1.000 18.480  ? 992  PHE AAA CD2 1 
ATOM   123  C  CE1 . PHE A 1 14  ? 6.015   11.467  -1.712  1.000 18.510  ? 992  PHE AAA CE1 1 
ATOM   124  C  CE2 . PHE A 1 14  ? 5.399   10.134  0.174   1.000 19.280  ? 992  PHE AAA CE2 1 
ATOM   125  C  CZ  . PHE A 1 14  ? 6.225   10.435  -0.854  1.000 18.050  ? 992  PHE AAA CZ  1 
ATOM   126  N  N   . LEU A 1 15  ? 0.638   10.699  -0.392  1.000 14.030  ? 993  LEU AAA N   1 
ATOM   127  C  CA  . LEU A 1 15  ? 0.313   9.281   -0.464  1.000 13.440  ? 993  LEU AAA CA  1 
ATOM   128  C  C   . LEU A 1 15  ? -0.658  9.021   -1.567  1.000 13.720  ? 993  LEU AAA C   1 
ATOM   129  O  O   . LEU A 1 15  ? -0.535  7.936   -2.220  1.000 14.730  ? 993  LEU AAA O   1 
ATOM   130  C  CB  . LEU A 1 15  ? -0.257  8.798   0.866   1.000 14.640  ? 993  LEU AAA CB  1 
ATOM   131  C  CG  . LEU A 1 15  ? 0.684   8.851   2.069   1.000 15.930  ? 993  LEU AAA CG  1 
ATOM   132  C  CD1 . LEU A 1 15  ? -0.033  8.325   3.343   1.000 16.510  ? 993  LEU AAA CD1 1 
ATOM   133  C  CD2 . LEU A 1 15  ? 1.947   8.005   1.814   1.000 17.750  ? 993  LEU AAA CD2 1 
ATOM   134  N  N   . ARG A 1 16  ? -1.587  9.943   -1.822  1.000 13.600  ? 994  ARG AAA N   1 
ATOM   135  C  CA  . ARG A 1 16  ? -2.543  9.774   -2.950  1.000 14.930  ? 994  ARG AAA CA  1 
ATOM   136  C  C   . ARG A 1 16  ? -1.767  9.698   -4.269  1.000 14.840  ? 994  ARG AAA C   1 
ATOM   137  O  O   . ARG A 1 16  ? -2.141  8.866   -5.113  1.000 16.300  ? 994  ARG AAA O   1 
ATOM   138  C  CB  . ARG A 1 16  ? -3.547  10.927  -2.981  1.000 17.920  ? 994  ARG AAA CB  1 
ATOM   139  C  CG  . ARG A 1 16  ? -4.980  10.508  -2.695  1.000 21.190  ? 994  ARG AAA CG  1 
ATOM   140  C  CD  . ARG A 1 16  ? -5.855  11.728  -2.502  1.000 19.010  ? 994  ARG AAA CD  1 
ATOM   141  N  NE  . ARG A 1 16  ? -6.448  11.738  -1.176  1.000 20.690  ? 994  ARG AAA NE  1 
ATOM   142  C  CZ  . ARG A 1 16  ? -6.227  12.667  -0.255  1.000 18.750  ? 994  ARG AAA CZ  1 
ATOM   143  N  NH1 . ARG A 1 16  ? -5.419  13.680  -0.515  1.000 17.750  ? 994  ARG AAA NH1 1 
ATOM   144  N  NH2 . ARG A 1 16  ? -6.822  12.578  0.921   1.000 23.070  ? 994  ARG AAA NH2 1 
ATOM   145  N  N   . ASN A 1 17  ? -0.730  10.526  -4.428  1.000 14.430  ? 995  ASN AAA N   1 
ATOM   146  C  CA  . ASN A 1 17  ? 0.040   10.569  -5.687  1.000 14.690  ? 995  ASN AAA CA  1 
ATOM   147  C  C   . ASN A 1 17  ? 0.888   9.295   -5.814  1.000 15.070  ? 995  ASN AAA C   1 
ATOM   148  O  O   . ASN A 1 17  ? 0.884   8.734   -6.936  1.000 15.730  ? 995  ASN AAA O   1 
ATOM   149  C  CB  . ASN A 1 17  ? 0.908   11.828  -5.669  1.000 16.970  ? 995  ASN AAA CB  1 
ATOM   150  C  CG  . ASN A 1 17  ? 1.770   11.854  -6.908  1.000 18.740  ? 995  ASN AAA CG  1 
ATOM   151  O  OD1 . ASN A 1 17  ? 2.857   11.455  -6.778  1.000 19.770  ? 995  ASN AAA OD1 1 
ATOM   152  N  ND2 . ASN A 1 17  ? 1.256   12.231  -8.080  1.000 21.530  ? 995  ASN AAA ND2 1 
ATOM   153  N  N   . VAL A 1 18  ? 1.541   8.827   -4.790  1.000 14.060  ? 996  VAL AAA N   1 
ATOM   154  C  CA  . VAL A 1 18  ? 2.322   7.578   -4.902  1.000 14.690  ? 996  VAL AAA CA  1 
ATOM   155  C  C   . VAL A 1 18  ? 1.358   6.446   -5.261  1.000 14.130  ? 996  VAL AAA C   1 
ATOM   156  O  O   . VAL A 1 18  ? 1.644   5.662   -6.188  1.000 15.460  ? 996  VAL AAA O   1 
ATOM   157  C  CB  . VAL A 1 18  ? 3.038   7.273   -3.576  1.000 15.200  ? 996  VAL AAA CB  1 
ATOM   158  C  CG1 . VAL A 1 18  ? 3.711   5.856   -3.616  1.000 16.660  ? 996  VAL AAA CG1 1 
ATOM   159  C  CG2 . VAL A 1 18  ? 4.043   8.394   -3.252  1.000 17.020  ? 996  VAL AAA CG2 1 
ATOM   160  N  N   . THR A 1 19  ? 0.193   6.352   -4.625  1.000 14.770  ? 997  THR AAA N   1 
ATOM   161  C  CA  . THR A 1 19  ? -0.739  5.238   -4.857  1.000 15.160  ? 997  THR AAA CA  1 
ATOM   162  C  C   . THR A 1 19  ? -1.266  5.304   -6.265  1.000 16.420  ? 997  THR AAA C   1 
ATOM   163  O  O   . THR A 1 19  ? -1.374  4.228   -6.920  1.000 16.140  ? 997  THR AAA O   1 
ATOM   164  C  CB  . THR A 1 19  ? -1.854  5.295   -3.814  1.000 15.270  ? 997  THR AAA CB  1 
ATOM   165  O  OG1 . THR A 1 19  ? -1.297  5.333   -2.519  1.000 16.010  ? 997  THR AAA OG1 1 
ATOM   166  C  CG2 . THR A 1 19  ? -2.742  4.050   -3.896  1.000 17.720  ? 997  THR AAA CG2 1 
ATOM   167  N  N   . HIS A 1 20  ? -1.587  6.482   -6.780  1.000 15.510  ? 998  HIS AAA N   1 
ATOM   168  C  CA  . HIS A 1 20  ? -2.075  6.602   -8.122  1.000 16.130  ? 998  HIS AAA CA  1 
ATOM   169  C  C   . HIS A 1 20  ? -0.991  6.134   -9.099  1.000 16.170  ? 998  HIS AAA C   1 
ATOM   170  O  O   . HIS A 1 20  ? -1.340  5.462   -10.096 1.000 17.050  ? 998  HIS AAA O   1 
ATOM   171  C  CB  . HIS A 1 20  ? -2.362  8.104   -8.396  1.000 17.270  ? 998  HIS AAA CB  1 
ATOM   172  C  CG  . HIS A 1 20  ? -2.834  8.374   -9.776  1.000 19.960  ? 998  HIS AAA CG  1 
ATOM   173  N  ND1 . HIS A 1 20  ? -2.083  9.027   -10.758 1.000 27.230  ? 998  HIS AAA ND1 1 
ATOM   174  C  CD2 . HIS A 1 20  ? -4.009  7.954   -10.353 1.000 20.240  ? 998  HIS AAA CD2 1 
ATOM   175  C  CE1 . HIS A 1 20  ? -2.812  9.070   -11.884 1.000 23.210  ? 998  HIS AAA CE1 1 
ATOM   176  N  NE2 . HIS A 1 20  ? -3.992  8.424   -11.662 1.000 25.550  ? 998  HIS AAA NE2 1 
ATOM   177  N  N   . ARG A 1 21  ? 0.279   6.487   -8.896  1.000 14.870  ? 999  ARG AAA N   1 
ATOM   178  C  CA  . ARG A 1 21  ? 1.318   6.048   -9.838  1.000 16.460  ? 999  ARG AAA CA  1 
ATOM   179  C  C   . ARG A 1 21  ? 1.412   4.525   -9.817  1.000 16.810  ? 999  ARG AAA C   1 
ATOM   180  O  O   . ARG A 1 21  ? 1.726   3.939   -10.886 1.000 18.800  ? 999  ARG AAA O   1 
ATOM   181  C  CB  . ARG A 1 21  ? 2.613   6.755   -9.444  1.000 16.660  ? 999  ARG AAA CB  1 
ATOM   182  C  CG  . ARG A 1 21  ? 2.488   8.216   -9.908  1.000 17.350  ? 999  ARG AAA CG  1 
ATOM   183  C  CD  . ARG A 1 21  ? 3.395   9.159   -9.074  1.000 19.210  ? 999  ARG AAA CD  1 
ATOM   184  N  NE  . ARG A 1 21  ? 4.754   8.863   -9.326  1.000 19.420  ? 999  ARG AAA NE  1 
ATOM   185  C  CZ  . ARG A 1 21  ? 5.737   9.401   -8.579  1.000 17.880  ? 999  ARG AAA CZ  1 
ATOM   186  N  NH1 . ARG A 1 21  ? 5.449   10.237  -7.570  1.000 18.490  ? 999  ARG AAA NH1 1 
ATOM   187  N  NH2 . ARG A 1 21  ? 6.984   9.123   -8.845  1.000 18.570  ? 999  ARG AAA NH2 1 
ATOM   188  N  N   . LEU A 1 22  ? 1.242   3.871   -8.685  1.000 14.950  ? 1000 LEU AAA N   1 
ATOM   189  C  CA  . LEU A 1 22  ? 1.267   2.403   -8.664  1.000 16.590  ? 1000 LEU AAA CA  1 
ATOM   190  C  C   . LEU A 1 22  ? 0.050   1.869   -9.368  1.000 17.970  ? 1000 LEU AAA C   1 
ATOM   191  O  O   . LEU A 1 22  ? 0.164   0.891   -10.158 1.000 18.840  ? 1000 LEU AAA O   1 
ATOM   192  C  CB  . LEU A 1 22  ? 1.278   1.896   -7.211  1.000 16.280  ? 1000 LEU AAA CB  1 
ATOM   193  C  CG  . LEU A 1 22  ? 2.472   2.342   -6.371  1.000 17.650  ? 1000 LEU AAA CG  1 
ATOM   194  C  CD1 . LEU A 1 22  ? 2.277   1.927   -4.897  1.000 17.850  ? 1000 LEU AAA CD1 1 
ATOM   195  C  CD2 . LEU A 1 22  ? 3.788   1.767   -6.868  1.000 19.070  ? 1000 LEU AAA CD2 1 
ATOM   196  N  N   . ALA A 1 23  ? -1.111  2.480   -9.191  1.000 16.880  ? 1001 ALA AAA N   1 
ATOM   197  C  CA  . ALA A 1 23  ? -2.365  1.922   -9.711  1.000 19.120  ? 1001 ALA AAA CA  1 
ATOM   198  C  C   . ALA A 1 23  ? -2.452  2.044   -11.232 1.000 20.820  ? 1001 ALA AAA C   1 
ATOM   199  O  O   . ALA A 1 23  ? -3.238  1.258   -11.812 1.000 23.370  ? 1001 ALA AAA O   1 
ATOM   200  C  CB  . ALA A 1 23  ? -3.532  2.651   -9.072  1.000 20.930  ? 1001 ALA AAA CB  1 
ATOM   201  N  N   . ILE A 1 24  ? -1.775  2.993   -11.851 1.000 19.100  ? 1002 ILE AAA N   1 
ATOM   202  C  CA  . ILE A 1 24  ? -1.882  3.162   -13.303 1.000 20.570  ? 1002 ILE AAA CA  1 
ATOM   203  C  C   . ILE A 1 24  ? -0.828  2.293   -13.986 1.000 22.300  ? 1002 ILE AAA C   1 
ATOM   204  O  O   . ILE A 1 24  ? -0.804  2.254   -15.233 1.000 27.770  ? 1002 ILE AAA O   1 
ATOM   205  C  CB  . ILE A 1 24  ? -1.751  4.629   -13.765 1.000 22.420  ? 1002 ILE AAA CB  1 
ATOM   206  C  CG1 . ILE A 1 24  ? -0.380  5.202   -13.448 1.000 20.690  ? 1002 ILE AAA CG1 1 
ATOM   207  C  CG2 . ILE A 1 24  ? -2.916  5.437   -13.226 1.000 23.780  ? 1002 ILE AAA CG2 1 
ATOM   208  C  CD1 . ILE A 1 24  ? -0.192  6.680   -13.918 1.000 25.620  ? 1002 ILE AAA CD1 1 
ATOM   209  N  N   . ASP A 1 25  ? 0.069   1.624   -13.254 1.000 21.560  ? 1003 ASP AAA N   1 
ATOM   210  C  CA  . ASP A 1 25  ? 1.034   0.719   -13.885 1.000 22.260  ? 1003 ASP AAA CA  1 
ATOM   211  C  C   . ASP A 1 25  ? 0.335   -0.604  -14.221 1.000 25.510  ? 1003 ASP AAA C   1 
ATOM   212  O  O   . ASP A 1 25  ? -0.215  -1.295  -13.352 1.000 23.660  ? 1003 ASP AAA O   1 
ATOM   213  C  CB  . ASP A 1 25  ? 2.175   0.490   -12.897 1.000 23.250  ? 1003 ASP AAA CB  1 
ATOM   214  C  CG  . ASP A 1 25  ? 3.414   -0.160  -13.475 1.000 25.530  ? 1003 ASP AAA CG  1 
ATOM   215  O  OD1 . ASP A 1 25  ? 3.243   -1.229  -14.038 1.000 26.970  ? 1003 ASP AAA OD1 1 
ATOM   216  O  OD2 . ASP A 1 25  ? 4.503   0.295   -13.166 1.000 29.160  ? 1003 ASP AAA OD2 1 
ATOM   217  N  N   . LYS A 1 26  ? 0.449   -1.026  -15.505 1.000 27.350  ? 1004 LYS AAA N   1 
ATOM   218  C  CA  . LYS A 1 26  ? -0.261  -2.245  -15.924 1.000 29.650  ? 1004 LYS AAA CA  1 
ATOM   219  C  C   . LYS A 1 26  ? 0.196   -3.513  -15.197 1.000 23.870  ? 1004 LYS AAA C   1 
ATOM   220  O  O   . LYS A 1 26  ? -0.643  -4.390  -14.990 1.000 29.660  ? 1004 LYS AAA O   1 
ATOM   221  C  CB  . LYS A 1 26  ? -0.117  -2.454  -17.434 1.000 33.350  ? 1004 LYS AAA CB  1 
ATOM   222  C  CG  . LYS A 1 26  ? -1.041  -1.549  -18.240 1.000 51.420  ? 1004 LYS AAA CG  1 
ATOM   223  C  CD  . LYS A 1 26  ? -1.161  -1.901  -19.721 1.000 58.980  ? 1004 LYS AAA CD  1 
ATOM   224  C  CE  . LYS A 1 26  ? -2.574  -1.714  -20.244 1.000 69.680  ? 1004 LYS AAA CE  1 
ATOM   225  N  NZ  . LYS A 1 26  ? -2.824  -2.497  -21.483 1.000 77.090  ? 1004 LYS AAA NZ  1 
ATOM   226  N  N   . ARG A 1 27  ? 1.438   -3.529  -14.713 1.000 23.640  ? 1005 ARG AAA N   1 
ATOM   227  C  CA  . ARG A 1 27  ? 1.911   -4.690  -13.956 1.000 23.790  ? 1005 ARG AAA CA  1 
ATOM   228  C  C   . ARG A 1 27  ? 1.093   -4.932  -12.700 1.000 26.960  ? 1005 ARG AAA C   1 
ATOM   229  O  O   . ARG A 1 27  ? 1.041   -6.059  -12.183 1.000 25.650  ? 1005 ARG AAA O   1 
ATOM   230  C  CB  . ARG A 1 27  ? 3.355   -4.585  -13.494 1.000 24.900  ? 1005 ARG AAA CB  1 
ATOM   231  C  CG  . ARG A 1 27  ? 4.375   -4.615  -14.625 1.000 26.690  ? 1005 ARG AAA CG  1 
ATOM   232  C  CD  . ARG A 1 27  ? 5.718   -4.310  -13.964 1.000 27.760  ? 1005 ARG AAA CD  1 
ATOM   233  N  NE  . ARG A 1 27  ? 5.854   -2.944  -13.495 1.000 27.650  ? 1005 ARG AAA NE  1 
ATOM   234  C  CZ  . ARG A 1 27  ? 6.890   -2.452  -12.828 1.000 27.220  ? 1005 ARG AAA CZ  1 
ATOM   235  N  NH1 . ARG A 1 27  ? 7.925   -3.212  -12.457 1.000 30.290  ? 1005 ARG AAA NH1 1 
ATOM   236  N  NH2 . ARG A 1 27  ? 6.870   -1.167  -12.478 1.000 30.560  ? 1005 ARG AAA NH2 1 
ATOM   237  N  N   . PHE A 1 28  ? 0.490   -3.855  -12.160 1.000 22.730  ? 1006 PHE AAA N   1 
ATOM   238  C  CA  . PHE A 1 28  ? -0.112  -3.899  -10.830 1.000 22.920  ? 1006 PHE AAA CA  1 
ATOM   239  C  C   . PHE A 1 28  ? -1.635  -3.952  -10.871 1.000 23.580  ? 1006 PHE AAA C   1 
ATOM   240  O  O   . PHE A 1 28  ? -2.313  -3.838  -9.835  1.000 22.000  ? 1006 PHE AAA O   1 
ATOM   241  C  CB  . PHE A 1 28  ? 0.422   -2.740  -9.971  1.000 19.490  ? 1006 PHE AAA CB  1 
ATOM   242  C  CG  . PHE A 1 28  ? 1.929   -2.679  -9.914  1.000 19.070  ? 1006 PHE AAA CG  1 
ATOM   243  C  CD1 . PHE A 1 28  ? 2.737   -3.836  -9.991  1.000 20.340  ? 1006 PHE AAA CD1 1 
ATOM   244  C  CD2 . PHE A 1 28  ? 2.623   -1.448  -9.842  1.000 18.940  ? 1006 PHE AAA CD2 1 
ATOM   245  C  CE1 . PHE A 1 28  ? 4.109   -3.745  -9.906  1.000 20.190  ? 1006 PHE AAA CE1 1 
ATOM   246  C  CE2 . PHE A 1 28  ? 3.985   -1.375  -9.812  1.000 19.250  ? 1006 PHE AAA CE2 1 
ATOM   247  C  CZ  . PHE A 1 28  ? 4.759   -2.529  -9.862  1.000 19.950  ? 1006 PHE AAA CZ  1 
ATOM   248  N  N   . ARG A 1 29  ? -2.227  -4.198  -12.035 1.000 24.740  ? 1007 ARG AAA N   1 
ATOM   249  C  CA  . ARG A 1 29  ? -3.681  -4.229  -12.135 1.000 26.190  ? 1007 ARG AAA CA  1 
ATOM   250  C  C   . ARG A 1 29  ? -4.341  -5.166  -11.116 1.000 25.180  ? 1007 ARG AAA C   1 
ATOM   251  O  O   . ARG A 1 29  ? -5.378  -4.818  -10.590 1.000 28.840  ? 1007 ARG AAA O   1 
ATOM   252  C  CB  . ARG A 1 29  ? -4.083  -4.530  -13.576 1.000 34.860  ? 1007 ARG AAA CB  1 
ATOM   253  C  CG  . ARG A 1 29  ? -5.588  -4.548  -13.752 1.000 41.040  ? 1007 ARG AAA CG  1 
ATOM   254  C  CD  . ARG A 1 29  ? -5.983  -4.946  -15.174 1.000 53.060  ? 1007 ARG AAA CD  1 
ATOM   255  N  NE  . ARG A 1 29  ? -7.156  -4.131  -15.476 1.000 71.410  ? 1007 ARG AAA NE  1 
ATOM   256  C  CZ  . ARG A 1 29  ? -7.155  -2.995  -16.178 1.000 74.660  ? 1007 ARG AAA CZ  1 
ATOM   257  N  NH1 . ARG A 1 29  ? -6.037  -2.537  -16.714 1.000 79.300  ? 1007 ARG AAA NH1 1 
ATOM   258  N  NH2 . ARG A 1 29  ? -8.280  -2.323  -16.352 1.000 82.600  ? 1007 ARG AAA NH2 1 
ATOM   259  N  N   . VAL A 1 30  ? -3.761  -6.343  -10.853 1.000 26.850  ? 1008 VAL AAA N   1 
ATOM   260  C  CA  . VAL A 1 30  ? -4.415  -7.301  -9.981  1.000 31.020  ? 1008 VAL AAA CA  1 
ATOM   261  C  C   . VAL A 1 30  ? -4.488  -6.779  -8.549  1.000 30.560  ? 1008 VAL AAA C   1 
ATOM   262  O  O   . VAL A 1 30  ? -5.282  -7.269  -7.752  1.000 32.480  ? 1008 VAL AAA O   1 
ATOM   263  C  CB  . VAL A 1 30  ? -3.705  -8.669  -9.985  1.000 32.310  ? 1008 VAL AAA CB  1 
ATOM   264  C  CG1 . VAL A 1 30  ? -2.252  -8.584  -9.564  1.000 39.800  ? 1008 VAL AAA CG1 1 
ATOM   265  C  CG2 . VAL A 1 30  ? -4.447  -9.666  -9.099  1.000 41.460  ? 1008 VAL AAA CG2 1 
ATOM   266  N  N   . PHE A 1 31  ? -3.634  -5.801  -8.224  1.000 24.180  ? 1009 PHE AAA N   1 
ATOM   267  C  CA  . PHE A 1 31  ? -3.605  -5.258  -6.871  1.000 22.690  ? 1009 PHE AAA CA  1 
ATOM   268  C  C   . PHE A 1 31  ? -4.498  -4.018  -6.734  1.000 21.590  ? 1009 PHE AAA C   1 
ATOM   269  O  O   . PHE A 1 31  ? -4.442  -3.436  -5.640  1.000 23.190  ? 1009 PHE AAA O   1 
ATOM   270  C  CB  . PHE A 1 31  ? -2.163  -4.923  -6.463  1.000 22.880  ? 1009 PHE AAA CB  1 
ATOM   271  C  CG  . PHE A 1 31  ? -1.251  -6.110  -6.636  1.000 22.950  ? 1009 PHE AAA CG  1 
ATOM   272  C  CD1 . PHE A 1 31  ? -1.408  -7.296  -5.926  1.000 22.400  ? 1009 PHE AAA CD1 1 
ATOM   273  C  CD2 . PHE A 1 31  ? -0.189  -5.991  -7.533  1.000 26.760  ? 1009 PHE AAA CD2 1 
ATOM   274  C  CE1 . PHE A 1 31  ? -0.600  -8.401  -6.184  1.000 25.920  ? 1009 PHE AAA CE1 1 
ATOM   275  C  CE2 . PHE A 1 31  ? 0.674   -7.072  -7.733  1.000 31.810  ? 1009 PHE AAA CE2 1 
ATOM   276  C  CZ  . PHE A 1 31  ? 0.493   -8.256  -7.033  1.000 29.350  ? 1009 PHE AAA CZ  1 
ATOM   277  N  N   . THR A 1 32  ? -5.246  -3.614  -7.748  1.000 22.050  ? 1010 THR AAA N   1 
ATOM   278  C  CA  . THR A 1 32  ? -5.973  -2.358  -7.716  1.000 24.030  ? 1010 THR AAA CA  1 
ATOM   279  C  C   . THR A 1 32  ? -7.333  -2.485  -7.029  1.000 29.220  ? 1010 THR AAA C   1 
ATOM   280  O  O   . THR A 1 32  ? -7.932  -1.473  -6.665  1.000 30.620  ? 1010 THR AAA O   1 
ATOM   281  C  CB  . THR A 1 32  ? -6.151  -1.703  -9.063  1.000 26.850  ? 1010 THR AAA CB  1 
ATOM   282  O  OG1 . THR A 1 32  ? -6.799  -2.649  -9.919  1.000 29.410  ? 1010 THR AAA OG1 1 
ATOM   283  C  CG2 . THR A 1 32  ? -4.815  -1.284  -9.646  1.000 24.070  ? 1010 THR AAA CG2 1 
ATOM   284  N  N   . LYS A 1 33  ? -7.846  -3.702  -6.922  1.000 27.430  ? 1011 LYS AAA N   1 
ATOM   285  C  CA  . LYS A 1 33  ? -9.186  -3.918  -6.395  1.000 28.100  ? 1011 LYS AAA CA  1 
ATOM   286  C  C   . LYS A 1 33  ? -9.134  -5.126  -5.477  1.000 28.090  ? 1011 LYS AAA C   1 
ATOM   287  O  O   . LYS A 1 33  ? -8.252  -5.974  -5.562  1.000 28.190  ? 1011 LYS AAA O   1 
ATOM   288  C  CB  . LYS A 1 33  ? -10.131 -4.293  -7.550  1.000 34.620  ? 1011 LYS AAA CB  1 
ATOM   289  C  CG  . LYS A 1 33  ? -10.434 -3.197  -8.567  1.000 47.840  ? 1011 LYS AAA CG  1 
ATOM   290  C  CD  . LYS A 1 33  ? -10.991 -1.893  -7.992  1.000 56.990  ? 1011 LYS AAA CD  1 
ATOM   291  C  CE  . LYS A 1 33  ? -11.124 -0.805  -9.039  1.000 62.540  ? 1011 LYS AAA CE  1 
ATOM   292  N  NZ  . LYS A 1 33  ? -11.233 0.535   -8.413  1.000 70.650  ? 1011 LYS AAA NZ  1 
ATOM   293  N  N   . PRO A 1 34  ? -10.096 -5.256  -4.535  1.000 32.010  ? 1012 PRO AAA N   1 
ATOM   294  C  CA  . PRO A 1 34  ? -10.187 -6.453  -3.688  1.000 34.590  ? 1012 PRO AAA CA  1 
ATOM   295  C  C   . PRO A 1 34  ? -10.429 -7.691  -4.560  1.000 36.980  ? 1012 PRO AAA C   1 
ATOM   296  O  O   . PRO A 1 34  ? -10.915 -7.578  -5.678  1.000 37.070  ? 1012 PRO AAA O   1 
ATOM   297  C  CB  . PRO A 1 34  ? -11.451 -6.202  -2.856  1.000 37.580  ? 1012 PRO AAA CB  1 
ATOM   298  C  CG  . PRO A 1 34  ? -11.671 -4.704  -2.892  1.000 38.060  ? 1012 PRO AAA CG  1 
ATOM   299  C  CD  . PRO A 1 34  ? -11.150 -4.276  -4.256  1.000 33.710  ? 1012 PRO AAA CD  1 
ATOM   300  N  N   . VAL A 1 35  ? -10.032 -8.862  -4.043  1.000 41.670  ? 1013 VAL AAA N   1 
ATOM   301  C  CA  . VAL A 1 35  ? -10.230 -10.157 -4.688  1.000 48.550  ? 1013 VAL AAA CA  1 
ATOM   302  C  C   . VAL A 1 35  ? -11.726 -10.463 -4.691  1.000 53.800  ? 1013 VAL AAA C   1 
ATOM   303  O  O   . VAL A 1 35  ? -12.379 -10.326 -3.658  1.000 57.710  ? 1013 VAL AAA O   1 
ATOM   304  C  CB  . VAL A 1 35  ? -9.458  -11.269 -3.949  1.000 45.690  ? 1013 VAL AAA CB  1 
ATOM   305  C  CG1 . VAL A 1 35  ? -9.912  -12.649 -4.392  1.000 48.640  ? 1013 VAL AAA CG1 1 
ATOM   306  C  CG2 . VAL A 1 35  ? -7.953  -11.165 -4.083  1.000 41.580  ? 1013 VAL AAA CG2 1 
ATOM   307  N  N   . ASP A 1 36  ? -12.268 -10.887 -5.841  1.000 56.840  ? 1014 ASP AAA N   1 
ATOM   308  C  CA  . ASP A 1 36  ? -13.685 -11.228 -5.910  1.000 69.660  ? 1014 ASP AAA CA  1 
ATOM   309  C  C   . ASP A 1 36  ? -13.921 -12.588 -5.245  1.000 66.880  ? 1014 ASP AAA C   1 
ATOM   310  O  O   . ASP A 1 36  ? -13.316 -13.591 -5.641  1.000 66.770  ? 1014 ASP AAA O   1 
ATOM   311  C  CB  . ASP A 1 36  ? -14.241 -11.123 -7.334  1.000 72.630  ? 1014 ASP AAA CB  1 
ATOM   312  C  CG  . ASP A 1 36  ? -15.731 -11.425 -7.451  1.000 85.020  ? 1014 ASP AAA CG  1 
ATOM   313  O  OD1 . ASP A 1 36  ? -16.479 -11.212 -6.459  1.000 80.320  ? 1014 ASP AAA OD1 1 
ATOM   314  O  OD2 . ASP A 1 36  ? -16.138 -11.873 -8.539  1.000 89.690  ? 1014 ASP AAA OD2 1 
ATOM   315  N  N   . PRO A 1 37  ? -14.783 -12.652 -4.197  1.000 65.640  ? 1015 PRO AAA N   1 
ATOM   316  C  CA  . PRO A 1 37  ? -15.024 -13.904 -3.469  1.000 80.570  ? 1015 PRO AAA CA  1 
ATOM   317  C  C   . PRO A 1 37  ? -15.656 -15.003 -4.322  1.000 83.340  ? 1015 PRO AAA C   1 
ATOM   318  O  O   . PRO A 1 37  ? -15.663 -16.168 -3.930  1.000 91.290  ? 1015 PRO AAA O   1 
ATOM   319  C  CB  . PRO A 1 37  ? -15.890 -13.504 -2.262  1.000 75.530  ? 1015 PRO AAA CB  1 
ATOM   320  C  CG  . PRO A 1 37  ? -16.511 -12.177 -2.663  1.000 73.930  ? 1015 PRO AAA CG  1 
ATOM   321  C  CD  . PRO A 1 37  ? -15.548 -11.527 -3.638  1.000 62.490  ? 1015 PRO AAA CD  1 
ATOM   322  N  N   . ASP A 1 38  ? -16.148 -14.620 -5.508  1.000 85.300  ? 1016 ASP AAA N   1 
ATOM   323  C  CA  . ASP A 1 38  ? -16.584 -15.575 -6.510  1.000 86.090  ? 1016 ASP AAA CA  1 
ATOM   324  C  C   . ASP A 1 38  ? -15.361 -16.281 -7.084  1.000 87.010  ? 1016 ASP AAA C   1 
ATOM   325  O  O   . ASP A 1 38  ? -15.113 -17.433 -6.743  1.000 89.900  ? 1016 ASP AAA O   1 
ATOM   326  C  CB  . ASP A 1 38  ? -17.500 -14.928 -7.549  1.000 87.730  ? 1016 ASP AAA CB  1 
ATOM   327  C  CG  . ASP A 1 38  ? -18.679 -14.211 -6.911  1.000 92.310  ? 1016 ASP AAA CG  1 
ATOM   328  O  OD1 . ASP A 1 38  ? -19.089 -14.613 -5.797  1.000 83.950  ? 1016 ASP AAA OD1 1 
ATOM   329  O  OD2 . ASP A 1 38  ? -19.168 -13.244 -7.521  1.000 95.290  ? 1016 ASP AAA OD2 1 
ATOM   330  N  N   . GLU A 1 39  ? -14.587 -15.579 -7.920  1.000 81.920  ? 1017 GLU AAA N   1 
ATOM   331  C  CA  . GLU A 1 39  ? -13.376 -16.163 -8.477  1.000 80.880  ? 1017 GLU AAA CA  1 
ATOM   332  C  C   . GLU A 1 39  ? -12.647 -16.967 -7.410  1.000 75.350  ? 1017 GLU AAA C   1 
ATOM   333  O  O   . GLU A 1 39  ? -12.247 -18.102 -7.665  1.000 73.200  ? 1017 GLU AAA O   1 
ATOM   334  C  CB  . GLU A 1 39  ? -12.401 -15.102 -8.993  1.000 91.310  ? 1017 GLU AAA CB  1 
ATOM   335  C  CG  . GLU A 1 39  ? -12.540 -14.821 -10.473 1.000 95.450  ? 1017 GLU AAA CG  1 
ATOM   336  C  CD  . GLU A 1 39  ? -13.862 -14.157 -10.798 1.000 98.600  ? 1017 GLU AAA CD  1 
ATOM   337  O  OE1 . GLU A 1 39  ? -14.186 -13.139 -10.148 1.000 98.610  ? 1017 GLU AAA OE1 1 
ATOM   338  O  OE2 . GLU A 1 39  ? -14.577 -14.678 -11.674 1.000 110.120 ? 1017 GLU AAA OE2 1 
ATOM   339  N  N   . VAL A 1 40  ? -12.473 -16.365 -6.223  1.000 64.790  ? 1018 VAL AAA N   1 
ATOM   340  C  CA  . VAL A 1 40  ? -11.581 -16.943 -5.230  1.000 65.980  ? 1018 VAL AAA CA  1 
ATOM   341  C  C   . VAL A 1 40  ? -12.295 -17.039 -3.878  1.000 69.160  ? 1018 VAL AAA C   1 
ATOM   342  O  O   . VAL A 1 40  ? -12.035 -16.240 -2.979  1.000 63.260  ? 1018 VAL AAA O   1 
ATOM   343  C  CB  . VAL A 1 40  ? -10.241 -16.173 -5.147  1.000 65.530  ? 1018 VAL AAA CB  1 
ATOM   344  C  CG1 . VAL A 1 40  ? -9.122  -17.034 -4.592  1.000 60.180  ? 1018 VAL AAA CG1 1 
ATOM   345  C  CG2 . VAL A 1 40  ? -9.807  -15.582 -6.487  1.000 65.400  ? 1018 VAL AAA CG2 1 
ATOM   346  N  N   . PRO A 1 41  ? -13.177 -18.050 -3.656  1.000 72.050  ? 1019 PRO AAA N   1 
ATOM   347  C  CA  . PRO A 1 41  ? -13.864 -18.198 -2.366  1.000 61.710  ? 1019 PRO AAA CA  1 
ATOM   348  C  C   . PRO A 1 41  ? -12.965 -18.598 -1.190  1.000 53.740  ? 1019 PRO AAA C   1 
ATOM   349  O  O   . PRO A 1 41  ? -13.324 -18.399 -0.026  1.000 62.160  ? 1019 PRO AAA O   1 
ATOM   350  C  CB  . PRO A 1 41  ? -14.934 -19.265 -2.666  1.000 61.990  ? 1019 PRO AAA CB  1 
ATOM   351  C  CG  . PRO A 1 41  ? -14.304 -20.107 -3.769  1.000 64.570  ? 1019 PRO AAA CG  1 
ATOM   352  C  CD  . PRO A 1 41  ? -13.550 -19.105 -4.620  1.000 66.230  ? 1019 PRO AAA CD  1 
ATOM   353  N  N   . ASP A 1 42  ? -11.768 -19.128 -1.462  1.000 47.820  ? 1020 ASP AAA N   1 
ATOM   354  C  CA  . ASP A 1 42  ? -10.900 -19.434 -0.335  1.000 50.660  ? 1020 ASP AAA CA  1 
ATOM   355  C  C   . ASP A 1 42  ? -10.060 -18.223 0.109   1.000 42.940  ? 1020 ASP AAA C   1 
ATOM   356  O  O   . ASP A 1 42  ? -9.334  -18.339 1.101   1.000 47.360  ? 1020 ASP AAA O   1 
ATOM   357  C  CB  . ASP A 1 42  ? -10.058 -20.700 -0.538  1.000 52.780  ? 1020 ASP AAA CB  1 
ATOM   358  C  CG  . ASP A 1 42  ? -9.011  -20.588 -1.629  1.000 59.850  ? 1020 ASP AAA CG  1 
ATOM   359  O  OD1 . ASP A 1 42  ? -9.407  -20.426 -2.798  1.000 72.490  ? 1020 ASP AAA OD1 1 
ATOM   360  O  OD2 . ASP A 1 42  ? -7.806  -20.675 -1.302  1.000 58.310  ? 1020 ASP AAA OD2 1 
ATOM   361  N  N   . TYR A 1 43  ? -10.135 -17.088 -0.620  1.000 43.070  ? 1021 TYR AAA N   1 
ATOM   362  C  CA  . TYR A 1 43  ? -9.133  -16.052 -0.361  1.000 39.060  ? 1021 TYR AAA CA  1 
ATOM   363  C  C   . TYR A 1 43  ? -9.294  -15.556 1.076   1.000 39.510  ? 1021 TYR AAA C   1 
ATOM   364  O  O   . TYR A 1 43  ? -8.329  -15.608 1.862   1.000 36.000  ? 1021 TYR AAA O   1 
ATOM   365  C  CB  . TYR A 1 43  ? -9.234  -14.912 -1.385  1.000 33.920  ? 1021 TYR AAA CB  1 
ATOM   366  C  CG  . TYR A 1 43  ? -8.118  -13.910 -1.269  1.000 32.620  ? 1021 TYR AAA CG  1 
ATOM   367  C  CD1 . TYR A 1 43  ? -6.854  -14.202 -1.760  1.000 30.190  ? 1021 TYR AAA CD1 1 
ATOM   368  C  CD2 . TYR A 1 43  ? -8.285  -12.727 -0.551  1.000 32.020  ? 1021 TYR AAA CD2 1 
ATOM   369  C  CE1 . TYR A 1 43  ? -5.799  -13.300 -1.688  1.000 28.870  ? 1021 TYR AAA CE1 1 
ATOM   370  C  CE2 . TYR A 1 43  ? -7.237  -11.824 -0.453  1.000 29.020  ? 1021 TYR AAA CE2 1 
ATOM   371  C  CZ  . TYR A 1 43  ? -5.986  -12.146 -0.957  1.000 28.430  ? 1021 TYR AAA CZ  1 
ATOM   372  O  OH  . TYR A 1 43  ? -4.912  -11.319 -0.854  1.000 27.840  ? 1021 TYR AAA OH  1 
ATOM   373  N  N   . VAL A 1 44  ? -10.545 -15.140 1.361   1.000 44.250  ? 1022 VAL AAA N   1 
ATOM   374  C  CA  . VAL A 1 44  ? -11.000 -14.505 2.590   1.000 53.250  ? 1022 VAL AAA CA  1 
ATOM   375  C  C   . VAL A 1 44  ? -10.736 -15.424 3.779   1.000 57.360  ? 1022 VAL AAA C   1 
ATOM   376  O  O   . VAL A 1 44  ? -10.576 -14.918 4.887   1.000 54.150  ? 1022 VAL AAA O   1 
ATOM   377  C  CB  . VAL A 1 44  ? -12.480 -14.064 2.494   1.000 62.290  ? 1022 VAL AAA CB  1 
ATOM   378  C  CG1 . VAL A 1 44  ? -13.463 -15.201 2.744   1.000 60.760  ? 1022 VAL AAA CG1 1 
ATOM   379  C  CG2 . VAL A 1 44  ? -12.802 -12.869 3.379   1.000 55.420  ? 1022 VAL AAA CG2 1 
ATOM   380  N  N   . THR A 1 45  ? -10.648 -16.743 3.527   1.000 52.040  ? 1023 THR AAA N   1 
ATOM   381  C  CA  . THR A 1 45  ? -10.353 -17.734 4.549   1.000 54.160  ? 1023 THR AAA CA  1 
ATOM   382  C  C   . THR A 1 45  ? -8.848  -17.849 4.793   1.000 58.820  ? 1023 THR AAA C   1 
ATOM   383  O  O   . THR A 1 45  ? -8.437  -18.114 5.926   1.000 60.250  ? 1023 THR AAA O   1 
ATOM   384  C  CB  . THR A 1 45  ? -11.059 -19.088 4.312   1.000 62.090  ? 1023 THR AAA CB  1 
ATOM   385  O  OG1 . THR A 1 45  ? -10.255 -20.006 3.562   1.000 62.580  ? 1023 THR AAA OG1 1 
ATOM   386  C  CG2 . THR A 1 45  ? -12.433 -18.980 3.685   1.000 55.270  ? 1023 THR AAA CG2 1 
ATOM   387  N  N   . VAL A 1 46  ? -8.020  -17.681 3.745   1.000 43.140  ? 1024 VAL AAA N   1 
ATOM   388  C  CA  . VAL A 1 46  ? -6.582  -17.831 3.940   1.000 35.340  ? 1024 VAL AAA CA  1 
ATOM   389  C  C   . VAL A 1 46  ? -5.974  -16.502 4.416   1.000 32.890  ? 1024 VAL AAA C   1 
ATOM   390  O  O   . VAL A 1 46  ? -5.005  -16.484 5.181   1.000 36.630  ? 1024 VAL AAA O   1 
ATOM   391  C  CB  . VAL A 1 46  ? -5.860  -18.321 2.664   1.000 36.940  ? 1024 VAL AAA CB  1 
ATOM   392  C  CG1 . VAL A 1 46  ? -4.349  -18.270 2.808   1.000 34.380  ? 1024 VAL AAA CG1 1 
ATOM   393  C  CG2 . VAL A 1 46  ? -6.326  -19.712 2.225   1.000 41.670  ? 1024 VAL AAA CG2 1 
ATOM   394  N  N   . ILE A 1 47  ? -6.396  -15.417 3.758   1.000 28.760  ? 1025 ILE AAA N   1 
ATOM   395  C  CA  . ILE A 1 47  ? -5.758  -14.136 4.001   1.000 27.070  ? 1025 ILE AAA CA  1 
ATOM   396  C  C   . ILE A 1 47  ? -6.666  -13.353 4.941   1.000 25.210  ? 1025 ILE AAA C   1 
ATOM   397  O  O   . ILE A 1 47  ? -7.796  -12.983 4.604   1.000 28.770  ? 1025 ILE AAA O   1 
ATOM   398  C  CB  . ILE A 1 47  ? -5.540  -13.416 2.639   1.000 22.690  ? 1025 ILE AAA CB  1 
ATOM   399  C  CG1 . ILE A 1 47  ? -4.561  -14.162 1.702   1.000 24.910  ? 1025 ILE AAA CG1 1 
ATOM   400  C  CG2 . ILE A 1 47  ? -5.067  -11.988 2.861   1.000 22.950  ? 1025 ILE AAA CG2 1 
ATOM   401  C  CD1 . ILE A 1 47  ? -3.212  -14.360 2.289   1.000 23.380  ? 1025 ILE AAA CD1 1 
ATOM   402  N  N   . LYS A 1 48  ? -6.067  -13.122 6.099   1.000 25.870  ? 1026 LYS AAA N   1 
ATOM   403  C  CA  . LYS A 1 48  ? -6.861  -12.535 7.182   1.000 29.990  ? 1026 LYS AAA CA  1 
ATOM   404  C  C   . LYS A 1 48  ? -6.879  -11.015 7.107   1.000 32.820  ? 1026 LYS AAA C   1 
ATOM   405  O  O   . LYS A 1 48  ? -7.808  -10.432 7.659   1.000 31.290  ? 1026 LYS AAA O   1 
ATOM   406  C  CB  . LYS A 1 48  ? -6.207  -12.872 8.520   1.000 31.510  ? 1026 LYS AAA CB  1 
ATOM   407  C  CG  . LYS A 1 48  ? -6.213  -14.358 8.851   1.000 33.620  ? 1026 LYS AAA CG  1 
ATOM   408  C  CD  . LYS A 1 48  ? -7.547  -15.038 8.608   1.000 36.130  ? 1026 LYS AAA CD  1 
ATOM   409  C  CE  . LYS A 1 48  ? -7.529  -16.515 8.994   1.000 37.990  ? 1026 LYS AAA CE  1 
ATOM   410  N  NZ  . LYS A 1 48  ? -8.786  -17.167 8.557   1.000 46.250  ? 1026 LYS AAA NZ  1 
ATOM   411  N  N   . GLN A 1 49  ? -5.912  -10.371 6.427   1.000 27.690  ? 1027 GLN AAA N   1 
ATOM   412  C  CA  . GLN A 1 49  ? -5.939  -8.926  6.322   1.000 30.220  ? 1027 GLN AAA CA  1 
ATOM   413  C  C   . GLN A 1 49  ? -5.734  -8.572  4.842   1.000 24.100  ? 1027 GLN AAA C   1 
ATOM   414  O  O   . GLN A 1 49  ? -4.667  -8.129  4.463   1.000 26.360  ? 1027 GLN AAA O   1 
ATOM   415  C  CB  . GLN A 1 49  ? -4.724  -8.404  7.079   1.000 36.290  ? 1027 GLN AAA CB  1 
ATOM   416  C  CG  . GLN A 1 49  ? -5.089  -7.250  7.979   1.000 45.360  ? 1027 GLN AAA CG  1 
ATOM   417  C  CD  . GLN A 1 49  ? -4.056  -6.953  9.040   1.000 41.750  ? 1027 GLN AAA CD  1 
ATOM   418  O  OE1 . GLN A 1 49  ? -3.035  -7.622  9.205   1.000 40.450  ? 1027 GLN AAA OE1 1 
ATOM   419  N  NE2 . GLN A 1 49  ? -4.361  -5.931  9.806   1.000 48.350  ? 1027 GLN AAA NE2 1 
ATOM   420  N  N   . PRO A 1 50  ? -6.772  -8.738  4.023   1.000 25.640  ? 1028 PRO AAA N   1 
ATOM   421  C  CA  . PRO A 1 50  ? -6.661  -8.440  2.596   1.000 23.600  ? 1028 PRO AAA CA  1 
ATOM   422  C  C   . PRO A 1 50  ? -6.358  -6.955  2.453   1.000 24.220  ? 1028 PRO AAA C   1 
ATOM   423  O  O   . PRO A 1 50  ? -6.725  -6.120  3.262   1.000 26.260  ? 1028 PRO AAA O   1 
ATOM   424  C  CB  . PRO A 1 50  ? -8.057  -8.650  2.027   1.000 25.240  ? 1028 PRO AAA CB  1 
ATOM   425  C  CG  . PRO A 1 50  ? -8.840  -9.428  3.097   1.000 32.520  ? 1028 PRO AAA CG  1 
ATOM   426  C  CD  . PRO A 1 50  ? -8.120  -9.191  4.397   1.000 26.740  ? 1028 PRO AAA CD  1 
ATOM   427  N  N   . MET A 1 51  ? -5.615  -6.642  1.399   1.000 22.050  ? 1029 MET AAA N   1 
ATOM   428  C  CA  . MET A 1 51  ? -5.319  -5.243  1.124   1.000 22.000  ? 1029 MET AAA CA  1 
ATOM   429  C  C   . MET A 1 51  ? -5.115  -5.085  -0.378  1.000 21.940  ? 1029 MET AAA C   1 
ATOM   430  O  O   . MET A 1 51  ? -4.632  -5.983  -1.055  1.000 22.940  ? 1029 MET AAA O   1 
ATOM   431  C  CB  . MET A 1 51  ? -4.036  -4.890  1.884   1.000 23.560  ? 1029 MET AAA CB  1 
ATOM   432  C  CG  . MET A 1 51  ? -3.606  -3.365  1.832   1.000 24.000  ? 1029 MET AAA CG  1 
ATOM   433  S  SD  . MET A 1 51  ? -4.914  -2.267  2.391   1.000 27.810  ? 1029 MET AAA SD  1 
ATOM   434  C  CE  . MET A 1 51  ? -5.041  -2.909  4.064   1.000 28.170  ? 1029 MET AAA CE  1 
ATOM   435  N  N   . ASP A 1 52  ? -5.476  -3.922  -0.903  1.000 20.680  ? 1030 ASP AAA N   1 
ATOM   436  C  CA  . ASP A 1 52  ? -5.328  -3.600  -2.309  1.000 22.790  ? 1030 ASP AAA CA  1 
ATOM   437  C  C   . ASP A 1 52  ? -5.237  -2.076  -2.399  1.000 20.680  ? 1030 ASP AAA C   1 
ATOM   438  O  O   . ASP A 1 52  ? -5.528  -1.356  -1.423  1.000 20.340  ? 1030 ASP AAA O   1 
ATOM   439  C  CB  . ASP A 1 52  ? -6.564  -4.104  -3.108  1.000 22.520  ? 1030 ASP AAA CB  1 
ATOM   440  C  CG  . ASP A 1 52  ? -7.781  -3.331  -2.677  1.000 26.490  ? 1030 ASP AAA CG  1 
ATOM   441  O  OD1 . ASP A 1 52  ? -8.397  -3.708  -1.622  1.000 35.650  ? 1030 ASP AAA OD1 1 
ATOM   442  O  OD2 . ASP A 1 52  ? -8.152  -2.379  -3.350  1.000 30.930  ? 1030 ASP AAA OD2 1 
ATOM   443  N  N   . LEU A 1 53  ? -4.929  -1.593  -3.604  1.000 18.940  ? 1031 LEU AAA N   1 
ATOM   444  C  CA  . LEU A 1 53  ? -4.683  -0.161  -3.726  1.000 18.900  ? 1031 LEU AAA CA  1 
ATOM   445  C  C   . LEU A 1 53  ? -5.958  0.669   -3.599  1.000 20.630  ? 1031 LEU AAA C   1 
ATOM   446  O  O   . LEU A 1 53  ? -5.874  1.836   -3.188  1.000 20.230  ? 1031 LEU AAA O   1 
ATOM   447  C  CB  . LEU A 1 53  ? -3.970  0.154   -5.043  1.000 19.030  ? 1031 LEU AAA CB  1 
ATOM   448  C  CG  . LEU A 1 53  ? -2.566  -0.459  -5.149  1.000 20.950  ? 1031 LEU AAA CG  1 
ATOM   449  C  CD1 . LEU A 1 53  ? -2.034  -0.266  -6.566  1.000 23.110  ? 1031 LEU AAA CD1 1 
ATOM   450  C  CD2 . LEU A 1 53  ? -1.553  0.071   -4.115  1.000 19.910  ? 1031 LEU AAA CD2 1 
ATOM   451  N  N   A SER A 1 54  ? -7.128  0.141   -3.973  0.500 20.410  ? 1032 SER AAA N   1 
ATOM   452  N  N   B SER A 1 54  ? -7.132  0.130   -3.951  0.500 21.160  ? 1032 SER AAA N   1 
ATOM   453  C  CA  A SER A 1 54  ? -8.368  0.881   -3.754  0.500 21.990  ? 1032 SER AAA CA  1 
ATOM   454  C  CA  B SER A 1 54  ? -8.376  0.866   -3.729  0.500 23.050  ? 1032 SER AAA CA  1 
ATOM   455  C  C   A SER A 1 54  ? -8.635  1.055   -2.252  0.500 21.620  ? 1032 SER AAA C   1 
ATOM   456  C  C   B SER A 1 54  ? -8.629  1.060   -2.234  0.500 22.160  ? 1032 SER AAA C   1 
ATOM   457  O  O   A SER A 1 54  ? -9.078  2.128   -1.840  0.500 23.490  ? 1032 SER AAA O   1 
ATOM   458  O  O   B SER A 1 54  ? -9.072  2.130   -1.819  0.500 23.980  ? 1032 SER AAA O   1 
ATOM   459  C  CB  A SER A 1 54  ? -9.532  0.248   -4.503  0.500 23.390  ? 1032 SER AAA CB  1 
ATOM   460  C  CB  B SER A 1 54  ? -9.551  0.204   -4.421  0.500 25.800  ? 1032 SER AAA CB  1 
ATOM   461  O  OG  A SER A 1 54  ? -9.858  -1.003  -3.920  0.500 26.060  ? 1032 SER AAA OG  1 
ATOM   462  O  OG  B SER A 1 54  ? -9.408  0.316   -5.819  0.500 30.140  ? 1032 SER AAA OG  1 
ATOM   463  N  N   . SER A 1 55  ? -8.358  0.023   -1.450  1.000 20.760  ? 1033 SER AAA N   1 
ATOM   464  C  CA  . SER A 1 55  ? -8.520  0.091   -0.005  1.000 22.850  ? 1033 SER AAA CA  1 
ATOM   465  C  C   . SER A 1 55  ? -7.527  1.086   0.582   1.000 21.330  ? 1033 SER AAA C   1 
ATOM   466  O  O   . SER A 1 55  ? -7.844  1.810   1.510   1.000 20.970  ? 1033 SER AAA O   1 
ATOM   467  C  CB  . SER A 1 55  ? -8.361  -1.222  0.686   1.000 26.390  ? 1033 SER AAA CB  1 
ATOM   468  O  OG  . SER A 1 55  ? -9.419  -2.060  0.222   1.000 31.360  ? 1033 SER AAA OG  1 
ATOM   469  N  N   . VAL A 1 56  ? -6.299  1.129   0.025   1.000 18.810  ? 1034 VAL AAA N   1 
ATOM   470  C  CA  . VAL A 1 56  ? -5.325  2.135   0.477   1.000 18.380  ? 1034 VAL AAA CA  1 
ATOM   471  C  C   . VAL A 1 56  ? -5.828  3.540   0.208   1.000 17.350  ? 1034 VAL AAA C   1 
ATOM   472  O  O   . VAL A 1 56  ? -5.749  4.374   1.126   1.000 17.320  ? 1034 VAL AAA O   1 
ATOM   473  C  CB  . VAL A 1 56  ? -3.986  1.867   -0.231  1.000 17.600  ? 1034 VAL AAA CB  1 
ATOM   474  C  CG1 . VAL A 1 56  ? -3.001  3.011   0.039   1.000 18.120  ? 1034 VAL AAA CG1 1 
ATOM   475  C  CG2 . VAL A 1 56  ? -3.366  0.587   0.324   1.000 19.660  ? 1034 VAL AAA CG2 1 
ATOM   476  N  N   . ILE A 1 57  ? -6.390  3.825   -0.963  1.000 17.840  ? 1035 ILE AAA N   1 
ATOM   477  C  CA  . ILE A 1 57  ? -6.956  5.159   -1.205  1.000 18.420  ? 1035 ILE AAA CA  1 
ATOM   478  C  C   . ILE A 1 57  ? -8.054  5.480   -0.194  1.000 18.960  ? 1035 ILE AAA C   1 
ATOM   479  O  O   . ILE A 1 57  ? -8.097  6.577   0.351   1.000 19.870  ? 1035 ILE AAA O   1 
ATOM   480  C  CB  . ILE A 1 57  ? -7.484  5.325   -2.645  1.000 21.300  ? 1035 ILE AAA CB  1 
ATOM   481  C  CG1 . ILE A 1 57  ? -6.329  5.265   -3.663  1.000 23.430  ? 1035 ILE AAA CG1 1 
ATOM   482  C  CG2 . ILE A 1 57  ? -8.284  6.629   -2.768  1.000 24.330  ? 1035 ILE AAA CG2 1 
ATOM   483  C  CD1 . ILE A 1 57  ? -5.402  6.482   -3.576  1.000 26.130  ? 1035 ILE AAA CD1 1 
ATOM   484  N  N   A SER A 1 58  ? -8.929  4.505   0.118   0.500 19.170  ? 1036 SER AAA N   1 
ATOM   485  N  N   B SER A 1 58  ? -8.942  4.482   -0.026  0.500 20.710  ? 1036 SER AAA N   1 
ATOM   486  C  CA  A SER A 1 58  ? -10.032 4.799   1.045   0.500 18.110  ? 1036 SER AAA CA  1 
ATOM   487  C  CA  B SER A 1 58  ? -10.035 4.608   0.922   0.500 22.120  ? 1036 SER AAA CA  1 
ATOM   488  C  C   A SER A 1 58  ? -9.455  5.083   2.438   0.500 18.430  ? 1036 SER AAA C   1 
ATOM   489  C  C   B SER A 1 58  ? -9.489  5.052   2.266   0.500 18.550  ? 1036 SER AAA C   1 
ATOM   490  O  O   A SER A 1 58  ? -9.825  5.953   3.242   0.500 16.890  ? 1036 SER AAA O   1 
ATOM   491  O  O   B SER A 1 58  ? -10.067 6.012   2.808   0.500 19.960  ? 1036 SER AAA O   1 
ATOM   492  C  CB  A SER A 1 58  ? -10.978 3.576   1.058   0.500 18.140  ? 1036 SER AAA CB  1 
ATOM   493  C  CB  B SER A 1 58  ? -10.820 3.324   1.088   0.500 22.720  ? 1036 SER AAA CB  1 
ATOM   494  O  OG  A SER A 1 58  ? -11.629 3.322   -0.179  0.500 20.190  ? 1036 SER AAA OG  1 
ATOM   495  O  OG  B SER A 1 58  ? -11.579 3.438   2.297   0.500 29.730  ? 1036 SER AAA OG  1 
ATOM   496  N  N   . LYS A 1 59  ? -8.437  4.357   2.803   1.000 18.610  ? 1037 LYS AAA N   1 
ATOM   497  C  CA  . LYS A 1 59  ? -7.779  4.622   4.068   1.000 18.900  ? 1037 LYS AAA CA  1 
ATOM   498  C  C   . LYS A 1 59  ? -7.133  6.015   4.134   1.000 18.780  ? 1037 LYS AAA C   1 
ATOM   499  O  O   . LYS A 1 59  ? -7.180  6.687   5.177   1.000 20.080  ? 1037 LYS AAA O   1 
ATOM   500  C  CB  . LYS A 1 59  ? -6.809  3.541   4.533   1.000 19.850  ? 1037 LYS AAA CB  1 
ATOM   501  C  CG  . LYS A 1 59  ? -7.568  2.237   4.792   1.000 20.810  ? 1037 LYS AAA CG  1 
ATOM   502  C  CD  . LYS A 1 59  ? -6.656  1.140   5.254   1.000 21.540  ? 1037 LYS AAA CD  1 
ATOM   503  C  CE  . LYS A 1 59  ? -5.923  1.502   6.517   1.000 21.730  ? 1037 LYS AAA CE  1 
ATOM   504  N  NZ  . LYS A 1 59  ? -5.249  0.337   7.127   1.000 24.800  ? 1037 LYS AAA NZ  1 
ATOM   505  N  N   . ILE A 1 60  ? -6.500  6.437   3.002   1.000 18.800  ? 1038 ILE AAA N   1 
ATOM   506  C  CA  . ILE A 1 60  ? -5.918  7.774   3.011   1.000 19.740  ? 1038 ILE AAA CA  1 
ATOM   507  C  C   . ILE A 1 60  ? -7.029  8.786   3.288   1.000 18.810  ? 1038 ILE AAA C   1 
ATOM   508  O  O   . ILE A 1 60  ? -6.836  9.699   4.129   1.000 18.790  ? 1038 ILE AAA O   1 
ATOM   509  C  CB  . ILE A 1 60  ? -5.242  8.037   1.639   1.000 17.480  ? 1038 ILE AAA CB  1 
ATOM   510  C  CG1 . ILE A 1 60  ? -4.002  7.170   1.462   1.000 17.940  ? 1038 ILE AAA CG1 1 
ATOM   511  C  CG2 . ILE A 1 60  ? -4.835  9.538   1.581   1.000 18.320  ? 1038 ILE AAA CG2 1 
ATOM   512  C  CD1 . ILE A 1 60  ? -3.452  7.153   0.026   1.000 17.840  ? 1038 ILE AAA CD1 1 
ATOM   513  N  N   . ASP A 1 61  ? -8.126  8.638   2.546   1.000 19.120  ? 1039 ASP AAA N   1 
ATOM   514  C  CA  . ASP A 1 61  ? -9.238  9.582   2.613   1.000 21.130  ? 1039 ASP AAA CA  1 
ATOM   515  C  C   . ASP A 1 61  ? -9.957  9.549   3.962   1.000 24.600  ? 1039 ASP AAA C   1 
ATOM   516  O  O   . ASP A 1 61  ? -10.494 10.587  4.368   1.000 26.560  ? 1039 ASP AAA O   1 
ATOM   517  C  CB  . ASP A 1 61  ? -10.193 9.362   1.472   1.000 20.800  ? 1039 ASP AAA CB  1 
ATOM   518  C  CG  . ASP A 1 61  ? -9.627  9.654   0.079   1.000 27.200  ? 1039 ASP AAA CG  1 
ATOM   519  O  OD1 . ASP A 1 61  ? -8.575  10.339  -0.016  1.000 26.520  ? 1039 ASP AAA OD1 1 
ATOM   520  O  OD2 . ASP A 1 61  ? -10.252 9.262   -0.946  1.000 27.580  ? 1039 ASP AAA OD2 1 
ATOM   521  N  N   . LEU A 1 62  ? -9.885  8.437   4.691   1.000 21.930  ? 1040 LEU AAA N   1 
ATOM   522  C  CA  . LEU A 1 62  ? -10.446 8.349   6.050   1.000 20.940  ? 1040 LEU AAA CA  1 
ATOM   523  C  C   . LEU A 1 62  ? -9.441  8.808   7.098   1.000 22.980  ? 1040 LEU AAA C   1 
ATOM   524  O  O   . LEU A 1 62  ? -9.602  8.675   8.324   1.000 24.870  ? 1040 LEU AAA O   1 
ATOM   525  C  CB  . LEU A 1 62  ? -10.851 6.895   6.320   1.000 20.850  ? 1040 LEU AAA CB  1 
ATOM   526  C  CG  . LEU A 1 62  ? -12.081 6.464   5.533   1.000 21.570  ? 1040 LEU AAA CG  1 
ATOM   527  C  CD1 . LEU A 1 62  ? -12.250 4.957   5.612   1.000 23.980  ? 1040 LEU AAA CD1 1 
ATOM   528  C  CD2 . LEU A 1 62  ? -13.390 7.115   6.085   1.000 23.740  ? 1040 LEU AAA CD2 1 
ATOM   529  N  N   . HIS A 1 63  ? -8.275  9.355   6.697   1.000 20.780  ? 1041 HIS AAA N   1 
ATOM   530  C  CA  . HIS A 1 63  ? -7.317  9.858   7.648   1.000 20.690  ? 1041 HIS AAA CA  1 
ATOM   531  C  C   . HIS A 1 63  ? -6.738  8.765   8.528   1.000 21.780  ? 1041 HIS AAA C   1 
ATOM   532  O  O   . HIS A 1 63  ? -6.239  8.969   9.638   1.000 26.550  ? 1041 HIS AAA O   1 
ATOM   533  C  CB  . HIS A 1 63  ? -7.870  11.056  8.471   1.000 22.740  ? 1041 HIS AAA CB  1 
ATOM   534  C  CG  . HIS A 1 63  ? -8.277  12.207  7.669   1.000 22.630  ? 1041 HIS AAA CG  1 
ATOM   535  N  ND1 . HIS A 1 63  ? -8.468  13.470  8.284   1.000 28.760  ? 1041 HIS AAA ND1 1 
ATOM   536  C  CD2 . HIS A 1 63  ? -8.603  12.375  6.385   1.000 23.000  ? 1041 HIS AAA CD2 1 
ATOM   537  C  CE1 . HIS A 1 63  ? -8.908  14.288  7.355   1.000 27.390  ? 1041 HIS AAA CE1 1 
ATOM   538  N  NE2 . HIS A 1 63  ? -9.026  13.690  6.201   1.000 30.990  ? 1041 HIS AAA NE2 1 
ATOM   539  N  N   . LYS A 1 64  ? -6.568  7.584   7.927   1.000 19.430  ? 1042 LYS AAA N   1 
ATOM   540  C  CA  . LYS A 1 64  ? -6.036  6.494   8.706   1.000 20.550  ? 1042 LYS AAA CA  1 
ATOM   541  C  C   . LYS A 1 64  ? -4.527  6.448   8.740   1.000 22.960  ? 1042 LYS AAA C   1 
ATOM   542  O  O   . LYS A 1 64  ? -3.950  5.791   9.609   1.000 25.370  ? 1042 LYS AAA O   1 
ATOM   543  C  CB  . LYS A 1 64  ? -6.518  5.122   8.220   1.000 22.950  ? 1042 LYS AAA CB  1 
ATOM   544  C  CG  . LYS A 1 64  ? -8.010  4.952   8.142   1.000 27.860  ? 1042 LYS AAA CG  1 
ATOM   545  C  CD  . LYS A 1 64  ? -8.579  4.710   9.484   1.000 36.380  ? 1042 LYS AAA CD  1 
ATOM   546  C  CE  . LYS A 1 64  ? -9.950  4.064   9.316   1.000 40.290  ? 1042 LYS AAA CE  1 
ATOM   547  N  NZ  . LYS A 1 64  ? -10.609 4.037   10.640  1.000 52.460  ? 1042 LYS AAA NZ  1 
ATOM   548  N  N   . TYR A 1 65  ? -3.844  7.149   7.803   1.000 20.560  ? 1043 TYR AAA N   1 
ATOM   549  C  CA  . TYR A 1 65  ? -2.403  7.164   7.815   1.000 20.130  ? 1043 TYR AAA CA  1 
ATOM   550  C  C   . TYR A 1 65  ? -1.899  8.502   8.328   1.000 21.790  ? 1043 TYR AAA C   1 
ATOM   551  O  O   . TYR A 1 65  ? -2.232  9.530   7.745   1.000 25.840  ? 1043 TYR AAA O   1 
ATOM   552  C  CB  . TYR A 1 65  ? -1.799  6.890   6.413   1.000 20.200  ? 1043 TYR AAA CB  1 
ATOM   553  C  CG  . TYR A 1 65  ? -2.246  5.597   5.741   1.000 18.680  ? 1043 TYR AAA CG  1 
ATOM   554  C  CD1 . TYR A 1 65  ? -1.962  4.358   6.305   1.000 20.080  ? 1043 TYR AAA CD1 1 
ATOM   555  C  CD2 . TYR A 1 65  ? -2.988  5.648   4.571   1.000 18.890  ? 1043 TYR AAA CD2 1 
ATOM   556  C  CE1 . TYR A 1 65  ? -2.311  3.181   5.648   1.000 18.820  ? 1043 TYR AAA CE1 1 
ATOM   557  C  CE2 . TYR A 1 65  ? -3.393  4.481   3.916   1.000 18.750  ? 1043 TYR AAA CE2 1 
ATOM   558  C  CZ  . TYR A 1 65  ? -3.042  3.261   4.461   1.000 19.520  ? 1043 TYR AAA CZ  1 
ATOM   559  O  OH  . TYR A 1 65  ? -3.476  2.123   3.839   1.000 20.820  ? 1043 TYR AAA OH  1 
ATOM   560  N  N   . LEU A 1 66  ? -1.138  8.419   9.386   1.000 21.530  ? 1044 LEU AAA N   1 
ATOM   561  C  CA  . LEU A 1 66  ? -0.556  9.655   9.934   1.000 21.310  ? 1044 LEU AAA CA  1 
ATOM   562  C  C   . LEU A 1 66  ? 0.949   9.672   9.697   1.000 21.200  ? 1044 LEU AAA C   1 
ATOM   563  O  O   . LEU A 1 66  ? 1.617   10.671  9.944   1.000 21.120  ? 1044 LEU AAA O   1 
ATOM   564  C  CB  . LEU A 1 66  ? -0.783  9.691   11.456  1.000 24.780  ? 1044 LEU AAA CB  1 
ATOM   565  C  CG  . LEU A 1 66  ? -2.257  9.827   11.890  1.000 32.020  ? 1044 LEU AAA CG  1 
ATOM   566  C  CD1 . LEU A 1 66  ? -2.297  10.270  13.353  1.000 35.020  ? 1044 LEU AAA CD1 1 
ATOM   567  C  CD2 . LEU A 1 66  ? -3.011  10.807  11.000  1.000 38.510  ? 1044 LEU AAA CD2 1 
ATOM   568  N  N   . THR A 1 67  ? 1.556   8.588   9.109   1.000 19.470  ? 1045 THR AAA N   1 
ATOM   569  C  CA  . THR A 1 67  ? 2.954   8.583   8.758   1.000 19.740  ? 1045 THR AAA CA  1 
ATOM   570  C  C   . THR A 1 67  ? 3.132   7.757   7.480   1.000 19.140  ? 1045 THR AAA C   1 
ATOM   571  O  O   . THR A 1 67  ? 2.260   6.930   7.173   1.000 18.950  ? 1045 THR AAA O   1 
ATOM   572  C  CB  . THR A 1 67  ? 3.845   7.984   9.824   1.000 19.260  ? 1045 THR AAA CB  1 
ATOM   573  O  OG1 . THR A 1 67  ? 3.559   6.567   9.910   1.000 21.850  ? 1045 THR AAA OG1 1 
ATOM   574  C  CG2 . THR A 1 67  ? 3.600   8.654   11.163  1.000 21.660  ? 1045 THR AAA CG2 1 
ATOM   575  N  N   . VAL A 1 68  ? 4.235   7.998   6.789   1.000 18.220  ? 1046 VAL AAA N   1 
ATOM   576  C  CA  . VAL A 1 68  ? 4.553   7.121   5.644   1.000 17.770  ? 1046 VAL AAA CA  1 
ATOM   577  C  C   . VAL A 1 68  ? 4.900   5.734   6.111   1.000 19.320  ? 1046 VAL AAA C   1 
ATOM   578  O  O   . VAL A 1 68  ? 4.547   4.751   5.415   1.000 19.120  ? 1046 VAL AAA O   1 
ATOM   579  C  CB  . VAL A 1 68  ? 5.655   7.734   4.786   1.000 17.690  ? 1046 VAL AAA CB  1 
ATOM   580  C  CG1 . VAL A 1 68  ? 5.882   6.795   3.574   1.000 20.850  ? 1046 VAL AAA CG1 1 
ATOM   581  C  CG2 . VAL A 1 68  ? 5.255   9.128   4.249   1.000 20.520  ? 1046 VAL AAA CG2 1 
ATOM   582  N  N   . LYS A 1 69  ? 5.460   5.545   7.302   1.000 19.630  ? 1047 LYS AAA N   1 
ATOM   583  C  CA  . LYS A 1 69  ? 5.725   4.208   7.820   1.000 20.540  ? 1047 LYS AAA CA  1 
ATOM   584  C  C   . LYS A 1 69  ? 4.410   3.439   7.905   1.000 20.900  ? 1047 LYS AAA C   1 
ATOM   585  O  O   . LYS A 1 69  ? 4.360   2.235   7.513   1.000 24.110  ? 1047 LYS AAA O   1 
ATOM   586  C  CB  . LYS A 1 69  ? 6.438   4.374   9.174   1.000 24.670  ? 1047 LYS AAA CB  1 
ATOM   587  C  CG  . LYS A 1 69  ? 6.854   3.055   9.782   1.000 34.030  ? 1047 LYS AAA CG  1 
ATOM   588  C  CD  . LYS A 1 69  ? 7.627   3.269   11.078  1.000 40.730  ? 1047 LYS AAA CD  1 
ATOM   589  C  CE  . LYS A 1 69  ? 8.932   3.998   10.821  1.000 54.660  ? 1047 LYS AAA CE  1 
ATOM   590  N  NZ  . LYS A 1 69  ? 10.079  3.341   11.503  1.000 71.330  ? 1047 LYS AAA NZ  1 
ATOM   591  N  N   . ASP A 1 70  ? 3.276   3.997   8.351   1.000 19.820  ? 1048 ASP AAA N   1 
ATOM   592  C  CA  . ASP A 1 70  ? 2.051   3.248   8.457   1.000 21.730  ? 1048 ASP AAA CA  1 
ATOM   593  C  C   . ASP A 1 70  ? 1.531   2.879   7.052   1.000 21.480  ? 1048 ASP AAA C   1 
ATOM   594  O  O   . ASP A 1 70  ? 0.940   1.824   6.851   1.000 21.530  ? 1048 ASP AAA O   1 
ATOM   595  C  CB  . ASP A 1 70  ? 1.062   4.036   9.311   1.000 24.570  ? 1048 ASP AAA CB  1 
ATOM   596  C  CG  . ASP A 1 70  ? 1.413   3.982   10.816  1.000 30.140  ? 1048 ASP AAA CG  1 
ATOM   597  O  OD1 . ASP A 1 70  ? 2.324   3.209   11.222  1.000 35.510  ? 1048 ASP AAA OD1 1 
ATOM   598  O  OD2 . ASP A 1 70  ? 0.854   4.740   11.520  1.000 39.490  ? 1048 ASP AAA OD2 1 
ATOM   599  N  N   . TYR A 1 71  ? 1.731   3.792   6.099   1.000 18.680  ? 1049 TYR AAA N   1 
ATOM   600  C  CA  . TYR A 1 71  ? 1.291   3.533   4.703   1.000 18.150  ? 1049 TYR AAA CA  1 
ATOM   601  C  C   . TYR A 1 71  ? 2.094   2.354   4.155   1.000 18.240  ? 1049 TYR AAA C   1 
ATOM   602  O  O   . TYR A 1 71  ? 1.502   1.482   3.489   1.000 17.880  ? 1049 TYR AAA O   1 
ATOM   603  C  CB  . TYR A 1 71  ? 1.501   4.795   3.865   1.000 16.740  ? 1049 TYR AAA CB  1 
ATOM   604  C  CG  . TYR A 1 71  ? 1.463   4.606   2.370   1.000 15.180  ? 1049 TYR AAA CG  1 
ATOM   605  C  CD1 . TYR A 1 71  ? 0.260   4.576   1.688   1.000 15.600  ? 1049 TYR AAA CD1 1 
ATOM   606  C  CD2 . TYR A 1 71  ? 2.631   4.502   1.628   1.000 15.540  ? 1049 TYR AAA CD2 1 
ATOM   607  C  CE1 . TYR A 1 71  ? 0.216   4.428   0.313   1.000 15.450  ? 1049 TYR AAA CE1 1 
ATOM   608  C  CE2 . TYR A 1 71  ? 2.602   4.349   0.252   1.000 15.570  ? 1049 TYR AAA CE2 1 
ATOM   609  C  CZ  . TYR A 1 71  ? 1.389   4.311   -0.408  1.000 15.860  ? 1049 TYR AAA CZ  1 
ATOM   610  O  OH  . TYR A 1 71  ? 1.342   4.157   -1.763  1.000 16.820  ? 1049 TYR AAA OH  1 
ATOM   611  N  N   . LEU A 1 72  ? 3.400   2.333   4.435   1.000 17.640  ? 1050 LEU AAA N   1 
ATOM   612  C  CA  . LEU A 1 72  ? 4.261   1.272   3.897   1.000 18.720  ? 1050 LEU AAA CA  1 
ATOM   613  C  C   . LEU A 1 72  ? 3.918   -0.045  4.571   1.000 20.950  ? 1050 LEU AAA C   1 
ATOM   614  O  O   . LEU A 1 72  ? 4.134   -1.100  3.940   1.000 20.270  ? 1050 LEU AAA O   1 
ATOM   615  C  CB  . LEU A 1 72  ? 5.743   1.591   4.017   1.000 19.240  ? 1050 LEU AAA CB  1 
ATOM   616  C  CG  . LEU A 1 72  ? 6.183   2.678   3.067   1.000 19.390  ? 1050 LEU AAA CG  1 
ATOM   617  C  CD1 . LEU A 1 72  ? 7.588   3.103   3.388   1.000 23.580  ? 1050 LEU AAA CD1 1 
ATOM   618  C  CD2 . LEU A 1 72  ? 6.061   2.259   1.616   1.000 21.370  ? 1050 LEU AAA CD2 1 
ATOM   619  N  N   . ARG A 1 73  ? 3.338   -0.098  5.752   1.000 18.860  ? 1051 ARG AAA N   1 
ATOM   620  C  CA  . ARG A 1 73  ? 2.961   -1.369  6.350   1.000 22.090  ? 1051 ARG AAA CA  1 
ATOM   621  C  C   . ARG A 1 73  ? 1.842   -1.949  5.520   1.000 19.020  ? 1051 ARG AAA C   1 
ATOM   622  O  O   . ARG A 1 73  ? 1.756   -3.185  5.401   1.000 20.100  ? 1051 ARG AAA O   1 
ATOM   623  C  CB  . ARG A 1 73  ? 2.521   -1.144  7.809   1.000 26.360  ? 1051 ARG AAA CB  1 
ATOM   624  C  CG  . ARG A 1 73  ? 3.724   -0.934  8.715   1.000 33.150  ? 1051 ARG AAA CG  1 
ATOM   625  C  CD  . ARG A 1 73  ? 3.181   -1.040  10.143  1.000 45.040  ? 1051 ARG AAA CD  1 
ATOM   626  N  NE  . ARG A 1 73  ? 3.518   0.096   11.008  1.000 59.630  ? 1051 ARG AAA NE  1 
ATOM   627  C  CZ  . ARG A 1 73  ? 4.665   0.254   11.661  1.000 68.680  ? 1051 ARG AAA CZ  1 
ATOM   628  N  NH1 . ARG A 1 73  ? 4.838   1.323   12.423  1.000 78.070  ? 1051 ARG AAA NH1 1 
ATOM   629  N  NH2 . ARG A 1 73  ? 5.631   -0.643  11.549  1.000 73.410  ? 1051 ARG AAA NH2 1 
ATOM   630  N  N   . ASP A 1 74  ? 0.940   -1.146  4.966   1.000 18.640  ? 1052 ASP AAA N   1 
ATOM   631  C  CA  . ASP A 1 74  ? -0.118  -1.688  4.124   1.000 18.870  ? 1052 ASP AAA CA  1 
ATOM   632  C  C   . ASP A 1 74  ? 0.423   -2.089  2.732   1.000 18.210  ? 1052 ASP AAA C   1 
ATOM   633  O  O   . ASP A 1 74  ? -0.055  -3.091  2.181   1.000 18.610  ? 1052 ASP AAA O   1 
ATOM   634  C  CB  . ASP A 1 74  ? -1.329  -0.783  3.993   1.000 19.360  ? 1052 ASP AAA CB  1 
ATOM   635  C  CG  . ASP A 1 74  ? -2.245  -0.810  5.224   1.000 22.300  ? 1052 ASP AAA CG  1 
ATOM   636  O  OD1 . ASP A 1 74  ? -2.068  -1.763  6.038   1.000 24.870  ? 1052 ASP AAA OD1 1 
ATOM   637  O  OD2 . ASP A 1 74  ? -3.182  -0.018  5.285   1.000 22.030  ? 1052 ASP AAA OD2 1 
ATOM   638  N  N   . ILE A 1 75  ? 1.389   -1.333  2.208   1.000 16.350  ? 1053 ILE AAA N   1 
ATOM   639  C  CA  . ILE A 1 75  ? 2.011   -1.772  0.965   1.000 18.040  ? 1053 ILE AAA CA  1 
ATOM   640  C  C   . ILE A 1 75  ? 2.697   -3.104  1.224   1.000 18.620  ? 1053 ILE AAA C   1 
ATOM   641  O  O   . ILE A 1 75  ? 2.581   -4.047  0.374   1.000 18.530  ? 1053 ILE AAA O   1 
ATOM   642  C  CB  . ILE A 1 75  ? 3.028   -0.710  0.476   1.000 17.480  ? 1053 ILE AAA CB  1 
ATOM   643  C  CG1 . ILE A 1 75  ? 2.325   0.598   0.127   1.000 18.470  ? 1053 ILE AAA CG1 1 
ATOM   644  C  CG2 . ILE A 1 75  ? 3.825   -1.258  -0.739  1.000 19.680  ? 1053 ILE AAA CG2 1 
ATOM   645  C  CD1 . ILE A 1 75  ? 1.257   0.499   -0.926  1.000 20.620  ? 1053 ILE AAA CD1 1 
ATOM   646  N  N   . ASP A 1 76  ? 3.410   -3.282  2.336   1.000 17.820  ? 1054 ASP AAA N   1 
ATOM   647  C  CA  . ASP A 1 76  ? 4.064   -4.545  2.679   1.000 17.530  ? 1054 ASP AAA CA  1 
ATOM   648  C  C   . ASP A 1 76  ? 2.987   -5.637  2.739   1.000 19.970  ? 1054 ASP AAA C   1 
ATOM   649  O  O   . ASP A 1 76  ? 3.339   -6.754  2.315   1.000 21.500  ? 1054 ASP AAA O   1 
ATOM   650  C  CB  . ASP A 1 76  ? 4.769   -4.459  4.041   1.000 20.770  ? 1054 ASP AAA CB  1 
ATOM   651  C  CG  . ASP A 1 76  ? 6.017   -3.618  4.048   1.000 26.740  ? 1054 ASP AAA CG  1 
ATOM   652  O  OD1 . ASP A 1 76  ? 6.556   -3.370  3.021   1.000 27.070  ? 1054 ASP AAA OD1 1 
ATOM   653  O  OD2 . ASP A 1 76  ? 6.450   -3.264  5.187   1.000 32.980  ? 1054 ASP AAA OD2 1 
ATOM   654  N  N   . LEU A 1 77  ? 1.761   -5.397  3.235   1.000 18.270  ? 1055 LEU AAA N   1 
ATOM   655  C  CA  . LEU A 1 77  ? 0.754   -6.436  3.331   1.000 20.910  ? 1055 LEU AAA CA  1 
ATOM   656  C  C   . LEU A 1 77  ? 0.342   -6.888  1.939   1.000 22.500  ? 1055 LEU AAA C   1 
ATOM   657  O  O   . LEU A 1 77  ? 0.025   -8.064  1.701   1.000 23.310  ? 1055 LEU AAA O   1 
ATOM   658  C  CB  . LEU A 1 77  ? -0.529  -5.902  3.947   1.000 26.280  ? 1055 LEU AAA CB  1 
ATOM   659  C  CG  . LEU A 1 77  ? -0.873  -6.187  5.381   1.000 33.750  ? 1055 LEU AAA CG  1 
ATOM   660  C  CD1 . LEU A 1 77  ? -2.265  -5.584  5.605   1.000 28.760  ? 1055 LEU AAA CD1 1 
ATOM   661  C  CD2 . LEU A 1 77  ? -0.876  -7.730  5.638   1.000 27.920  ? 1055 LEU AAA CD2 1 
ATOM   662  N  N   . ILE A 1 78  ? 0.242   -5.974  0.957   1.000 22.290  ? 1056 ILE AAA N   1 
ATOM   663  C  CA  . ILE A 1 78  ? -0.171  -6.370  -0.376  1.000 21.960  ? 1056 ILE AAA CA  1 
ATOM   664  C  C   . ILE A 1 78  ? 0.865   -7.364  -0.846  1.000 23.910  ? 1056 ILE AAA C   1 
ATOM   665  O  O   . ILE A 1 78  ? 0.512   -8.418  -1.445  1.000 27.900  ? 1056 ILE AAA O   1 
ATOM   666  C  CB  . ILE A 1 78  ? -0.257  -5.125  -1.318  1.000 23.820  ? 1056 ILE AAA CB  1 
ATOM   667  C  CG1 . ILE A 1 78  ? -1.401  -4.225  -0.880  1.000 25.020  ? 1056 ILE AAA CG1 1 
ATOM   668  C  CG2 . ILE A 1 78  ? -0.349  -5.598  -2.782  1.000 25.980  ? 1056 ILE AAA CG2 1 
ATOM   669  C  CD1 . ILE A 1 78  ? -1.496  -2.872  -1.664  1.000 24.830  ? 1056 ILE AAA CD1 1 
ATOM   670  N  N   . CYS A 1 79  ? 2.154   -7.162  -0.607  1.000 21.190  ? 1057 CYS AAA N   1 
ATOM   671  C  CA  . CYS A 1 79  ? 3.241   -8.019  -0.997  1.000 23.330  ? 1057 CYS AAA CA  1 
ATOM   672  C  C   . CYS A 1 79  ? 3.205   -9.362  -0.240  1.000 25.500  ? 1057 CYS AAA C   1 
ATOM   673  O  O   . CYS A 1 79  ? 3.237   -10.465 -0.818  1.000 24.040  ? 1057 CYS AAA O   1 
ATOM   674  C  CB  . CYS A 1 79  ? 4.577   -7.300  -0.883  1.000 25.080  ? 1057 CYS AAA CB  1 
ATOM   675  S  SG  . CYS A 1 79  ? 5.955   -8.349  -1.355  1.000 31.100  ? 1057 CYS AAA SG  1 
ATOM   676  N  N   . SER A 1 80  ? 3.135   -9.305  1.089   1.000 20.720  ? 1058 SER AAA N   1 
ATOM   677  C  CA  . SER A 1 80  ? 3.240   -10.534 1.873   1.000 21.540  ? 1058 SER AAA CA  1 
ATOM   678  C  C   . SER A 1 80  ? 1.973   -11.357 1.665   1.000 20.230  ? 1058 SER AAA C   1 
ATOM   679  O  O   . SER A 1 80  ? 2.117   -12.612 1.672   1.000 22.070  ? 1058 SER AAA O   1 
ATOM   680  C  CB  . SER A 1 80  ? 3.516   -10.187 3.369   1.000 23.450  ? 1058 SER AAA CB  1 
ATOM   681  O  OG  . SER A 1 80  ? 2.408   -9.497  3.886   1.000 24.610  ? 1058 SER AAA OG  1 
ATOM   682  N  N   . ASN A 1 81  ? 0.800   -10.801 1.447   1.000 19.060  ? 1059 ASN AAA N   1 
ATOM   683  C  CA  . ASN A 1 81  ? -0.435  -11.546 1.188   1.000 19.920  ? 1059 ASN AAA CA  1 
ATOM   684  C  C   . ASN A 1 81  ? -0.208  -12.361 -0.092  1.000 24.330  ? 1059 ASN AAA C   1 
ATOM   685  O  O   . ASN A 1 81  ? -0.609  -13.527 -0.160  1.000 23.640  ? 1059 ASN AAA O   1 
ATOM   686  C  CB  . ASN A 1 81  ? -1.697  -10.714 1.083   1.000 20.660  ? 1059 ASN AAA CB  1 
ATOM   687  C  CG  . ASN A 1 81  ? -2.145  -10.132 2.410   1.000 21.290  ? 1059 ASN AAA CG  1 
ATOM   688  O  OD1 . ASN A 1 81  ? -1.732  -10.692 3.435   1.000 23.320  ? 1059 ASN AAA OD1 1 
ATOM   689  N  ND2 . ASN A 1 81  ? -3.044  -9.204  2.321   1.000 22.950  ? 1059 ASN AAA ND2 1 
ATOM   690  N  N   . ALA A 1 82  ? 0.459   -11.761 -1.089  1.000 22.940  ? 1060 ALA AAA N   1 
ATOM   691  C  CA  . ALA A 1 82  ? 0.548   -12.473 -2.354  1.000 25.290  ? 1060 ALA AAA CA  1 
ATOM   692  C  C   . ALA A 1 82  ? 1.601   -13.560 -2.207  1.000 22.380  ? 1060 ALA AAA C   1 
ATOM   693  O  O   . ALA A 1 82  ? 1.411   -14.690 -2.758  1.000 27.730  ? 1060 ALA AAA O   1 
ATOM   694  C  CB  . ALA A 1 82  ? 0.860   -11.448 -3.450  1.000 27.140  ? 1060 ALA AAA CB  1 
ATOM   695  N  N   . LEU A 1 83  ? 2.702   -13.394 -1.501  1.000 23.390  ? 1061 LEU AAA N   1 
ATOM   696  C  CA  . LEU A 1 83  ? 3.662   -14.427 -1.195  1.000 26.140  ? 1061 LEU AAA CA  1 
ATOM   697  C  C   . LEU A 1 83  ? 3.030   -15.584 -0.428  1.000 31.680  ? 1061 LEU AAA C   1 
ATOM   698  O  O   . LEU A 1 83  ? 3.377   -16.750 -0.681  1.000 37.350  ? 1061 LEU AAA O   1 
ATOM   699  C  CB  . LEU A 1 83  ? 4.893   -13.906 -0.472  1.000 30.080  ? 1061 LEU AAA CB  1 
ATOM   700  C  CG  . LEU A 1 83  ? 5.528   -12.624 -1.023  1.000 31.570  ? 1061 LEU AAA CG  1 
ATOM   701  C  CD1 . LEU A 1 83  ? 6.830   -12.394 -0.299  1.000 34.290  ? 1061 LEU AAA CD1 1 
ATOM   702  C  CD2 . LEU A 1 83  ? 5.800   -12.703 -2.531  1.000 37.080  ? 1061 LEU AAA CD2 1 
ATOM   703  N  N   . GLU A 1 84  ? 2.052   -15.297 0.442   1.000 27.480  ? 1062 GLU AAA N   1 
ATOM   704  C  CA  . GLU A 1 84  ? 1.419   -16.358 1.224   1.000 29.150  ? 1062 GLU AAA CA  1 
ATOM   705  C  C   . GLU A 1 84  ? 0.357   -17.073 0.405   1.000 25.440  ? 1062 GLU AAA C   1 
ATOM   706  O  O   . GLU A 1 84  ? 0.277   -18.328 0.467   1.000 30.340  ? 1062 GLU AAA O   1 
ATOM   707  C  CB  . GLU A 1 84  ? 0.833   -15.785 2.539   1.000 26.930  ? 1062 GLU AAA CB  1 
ATOM   708  C  CG  . GLU A 1 84  ? -0.033  -16.836 3.272   1.000 35.790  ? 1062 GLU AAA CG  1 
ATOM   709  C  CD  . GLU A 1 84  ? -0.591  -16.473 4.651   1.000 57.930  ? 1062 GLU AAA CD  1 
ATOM   710  O  OE1 . GLU A 1 84  ? -0.980  -17.410 5.414   1.000 57.860  ? 1062 GLU AAA OE1 1 
ATOM   711  O  OE2 . GLU A 1 84  ? -0.684  -15.256 4.949   1.000 55.280  ? 1062 GLU AAA OE2 1 
ATOM   712  N  N   . TYR A 1 85  ? -0.504  -16.390 -0.328  1.000 24.510  ? 1063 TYR AAA N   1 
ATOM   713  C  CA  . TYR A 1 85  ? -1.580  -17.003 -1.051  1.000 23.730  ? 1063 TYR AAA CA  1 
ATOM   714  C  C   . TYR A 1 85  ? -1.062  -17.687 -2.334  1.000 26.540  ? 1063 TYR AAA C   1 
ATOM   715  O  O   . TYR A 1 85  ? -1.714  -18.646 -2.760  1.000 28.620  ? 1063 TYR AAA O   1 
ATOM   716  C  CB  . TYR A 1 85  ? -2.678  -16.021 -1.419  1.000 26.700  ? 1063 TYR AAA CB  1 
ATOM   717  C  CG  . TYR A 1 85  ? -3.918  -16.692 -1.927  1.000 32.230  ? 1063 TYR AAA CG  1 
ATOM   718  C  CD1 . TYR A 1 85  ? -4.743  -17.388 -1.041  1.000 33.480  ? 1063 TYR AAA CD1 1 
ATOM   719  C  CD2 . TYR A 1 85  ? -4.260  -16.644 -3.269  1.000 33.090  ? 1063 TYR AAA CD2 1 
ATOM   720  C  CE1 . TYR A 1 85  ? -5.891  -18.017 -1.494  1.000 34.260  ? 1063 TYR AAA CE1 1 
ATOM   721  C  CE2 . TYR A 1 85  ? -5.397  -17.277 -3.733  1.000 35.130  ? 1063 TYR AAA CE2 1 
ATOM   722  C  CZ  . TYR A 1 85  ? -6.203  -17.973 -2.838  1.000 39.350  ? 1063 TYR AAA CZ  1 
ATOM   723  O  OH  . TYR A 1 85  ? -7.338  -18.613 -3.251  1.000 50.650  ? 1063 TYR AAA OH  1 
ATOM   724  N  N   . ASN A 1 86  ? 0.084   -17.250 -2.886  1.000 21.930  ? 1064 ASN AAA N   1 
ATOM   725  C  CA  . ASN A 1 86  ? 0.503   -17.781 -4.219  1.000 20.360  ? 1064 ASN AAA CA  1 
ATOM   726  C  C   . ASN A 1 86  ? 1.925   -18.244 -4.059  1.000 22.280  ? 1064 ASN AAA C   1 
ATOM   727  O  O   . ASN A 1 86  ? 2.808   -17.678 -4.690  1.000 23.760  ? 1064 ASN AAA O   1 
ATOM   728  C  CB  . ASN A 1 86  ? 0.430   -16.654 -5.277  1.000 20.580  ? 1064 ASN AAA CB  1 
ATOM   729  C  CG  . ASN A 1 86  ? -0.979  -16.158 -5.452  1.000 24.350  ? 1064 ASN AAA CG  1 
ATOM   730  O  OD1 . ASN A 1 86  ? -1.829  -16.743 -6.139  1.000 31.420  ? 1064 ASN AAA OD1 1 
ATOM   731  N  ND2 . ASN A 1 86  ? -1.297  -15.053 -4.769  1.000 25.610  ? 1064 ASN AAA ND2 1 
ATOM   732  N  N   . PRO A 1 87  ? 2.266   -19.286 -3.231  1.000 23.380  ? 1065 PRO AAA N   1 
ATOM   733  C  CA  . PRO A 1 87  ? 3.630   -19.685 -2.983  1.000 21.790  ? 1065 PRO AAA CA  1 
ATOM   734  C  C   . PRO A 1 87  ? 4.209   -20.795 -3.903  1.000 22.430  ? 1065 PRO AAA C   1 
ATOM   735  O  O   . PRO A 1 87  ? 5.386   -21.091 -3.721  1.000 27.720  ? 1065 PRO AAA O   1 
ATOM   736  C  CB  . PRO A 1 87  ? 3.539   -20.339 -1.572  1.000 25.250  ? 1065 PRO AAA CB  1 
ATOM   737  C  CG  . PRO A 1 87  ? 2.173   -20.991 -1.650  1.000 25.200  ? 1065 PRO AAA CG  1 
ATOM   738  C  CD  . PRO A 1 87  ? 1.271   -20.061 -2.418  1.000 26.400  ? 1065 PRO AAA CD  1 
ATOM   739  N  N   . ASP A 1 88  ? 3.427   -21.215 -4.900  1.000 24.510  ? 1066 ASP AAA N   1 
ATOM   740  C  CA  . ASP A 1 88  ? 3.847   -22.404 -5.662  1.000 26.310  ? 1066 ASP AAA CA  1 
ATOM   741  C  C   . ASP A 1 88  ? 4.852   -22.047 -6.751  1.000 27.410  ? 1066 ASP AAA C   1 
ATOM   742  O  O   . ASP A 1 88  ? 5.108   -20.863 -7.073  1.000 24.910  ? 1066 ASP AAA O   1 
ATOM   743  C  CB  . ASP A 1 88  ? 2.603   -23.033 -6.268  1.000 24.590  ? 1066 ASP AAA CB  1 
ATOM   744  C  CG  . ASP A 1 88  ? 1.711   -23.672 -5.187  1.000 33.920  ? 1066 ASP AAA CG  1 
ATOM   745  O  OD1 . ASP A 1 88  ? 2.181   -23.821 -3.992  1.000 37.420  ? 1066 ASP AAA OD1 1 
ATOM   746  O  OD2 . ASP A 1 88  ? 0.581   -24.016 -5.522  1.000 41.950  ? 1066 ASP AAA OD2 1 
ATOM   747  N  N   A ARG A 1 89  ? 5.464   -23.086 -7.335  0.500 24.510  ? 1067 ARG AAA N   1 
ATOM   748  N  N   B ARG A 1 89  ? 5.468   -23.085 -7.331  0.500 23.160  ? 1067 ARG AAA N   1 
ATOM   749  C  CA  A ARG A 1 89  ? 6.538   -22.867 -8.346  0.500 25.130  ? 1067 ARG AAA CA  1 
ATOM   750  C  CA  B ARG A 1 89  ? 6.543   -22.865 -8.338  0.500 23.850  ? 1067 ARG AAA CA  1 
ATOM   751  C  C   A ARG A 1 89  ? 5.945   -22.614 -9.732  0.500 23.170  ? 1067 ARG AAA C   1 
ATOM   752  C  C   B ARG A 1 89  ? 5.957   -22.616 -9.729  0.500 23.290  ? 1067 ARG AAA C   1 
ATOM   753  O  O   A ARG A 1 89  ? 6.693   -22.250 -10.628 0.500 24.300  ? 1067 ARG AAA O   1 
ATOM   754  O  O   B ARG A 1 89  ? 6.751   -22.538 -10.679 0.500 27.780  ? 1067 ARG AAA O   1 
ATOM   755  C  CB  A ARG A 1 89  ? 7.491   -24.068 -8.387  0.500 24.890  ? 1067 ARG AAA CB  1 
ATOM   756  C  CB  B ARG A 1 89  ? 7.442   -24.104 -8.385  0.500 22.290  ? 1067 ARG AAA CB  1 
ATOM   757  C  CG  A ARG A 1 89  ? 6.897   -25.354 -8.944  0.500 25.580  ? 1067 ARG AAA CG  1 
ATOM   758  C  CG  B ARG A 1 89  ? 6.692   -25.403 -8.647  0.500 21.460  ? 1067 ARG AAA CG  1 
ATOM   759  C  CD  A ARG A 1 89  ? 7.179   -25.704 -10.401 0.500 17.730  ? 1067 ARG AAA CD  1 
ATOM   760  C  CD  B ARG A 1 89  ? 7.186   -26.116 -9.891  0.500 26.810  ? 1067 ARG AAA CD  1 
ATOM   761  N  NE  A ARG A 1 89  ? 8.416   -25.215 -10.997 0.500 17.790  ? 1067 ARG AAA NE  1 
ATOM   762  N  NE  B ARG A 1 89  ? 6.220   -26.064 -10.979 0.500 31.200  ? 1067 ARG AAA NE  1 
ATOM   763  C  CZ  A ARG A 1 89  ? 8.522   -24.789 -12.253 0.500 16.570  ? 1067 ARG AAA CZ  1 
ATOM   764  C  CZ  B ARG A 1 89  ? 6.436   -25.473 -12.149 0.500 22.720  ? 1067 ARG AAA CZ  1 
ATOM   765  N  NH1 A ARG A 1 89  ? 7.456   -24.760 -13.033 0.500 15.900  ? 1067 ARG AAA NH1 1 
ATOM   766  N  NH1 B ARG A 1 89  ? 7.589   -24.871 -12.385 0.500 23.000  ? 1067 ARG AAA NH1 1 
ATOM   767  N  NH2 A ARG A 1 89  ? 9.688   -24.381 -12.724 0.500 14.650  ? 1067 ARG AAA NH2 1 
ATOM   768  N  NH2 B ARG A 1 89  ? 5.495   -25.479 -13.076 0.500 17.140  ? 1067 ARG AAA NH2 1 
ATOM   769  N  N   . ASP A 1 90  ? 4.648   -22.803 -9.891  1.000 22.900  ? 1068 ASP AAA N   1 
ATOM   770  C  CA  . ASP A 1 90  ? 4.043   -22.672 -11.208 1.000 27.410  ? 1068 ASP AAA CA  1 
ATOM   771  C  C   . ASP A 1 90  ? 4.062   -21.208 -11.651 1.000 28.680  ? 1068 ASP AAA C   1 
ATOM   772  O  O   . ASP A 1 90  ? 4.111   -20.244 -10.841 1.000 25.110  ? 1068 ASP AAA O   1 
ATOM   773  C  CB  . ASP A 1 90  ? 2.608   -23.122 -11.285 1.000 33.180  ? 1068 ASP AAA CB  1 
ATOM   774  C  CG  . ASP A 1 90  ? 1.695   -22.297 -10.445 1.000 42.510  ? 1068 ASP AAA CG  1 
ATOM   775  O  OD1 . ASP A 1 90  ? 1.613   -22.623 -9.242  1.000 58.090  ? 1068 ASP AAA OD1 1 
ATOM   776  O  OD2 . ASP A 1 90  ? 1.093   -21.316 -10.991 1.000 52.350  ? 1068 ASP AAA OD2 1 
ATOM   777  N  N   . PRO A 1 91  ? 4.091   -20.971 -12.958 1.000 22.370  ? 1069 PRO AAA N   1 
ATOM   778  C  CA  . PRO A 1 91  ? 4.313   -19.637 -13.460 1.000 22.100  ? 1069 PRO AAA CA  1 
ATOM   779  C  C   . PRO A 1 91  ? 3.193   -18.680 -13.034 1.000 20.490  ? 1069 PRO AAA C   1 
ATOM   780  O  O   . PRO A 1 91  ? 3.533   -17.479 -12.963 1.000 19.320  ? 1069 PRO AAA O   1 
ATOM   781  C  CB  . PRO A 1 91  ? 4.286   -19.813 -15.004 1.000 23.930  ? 1069 PRO AAA CB  1 
ATOM   782  C  CG  . PRO A 1 91  ? 4.554   -21.285 -15.266 1.000 27.670  ? 1069 PRO AAA CG  1 
ATOM   783  C  CD  . PRO A 1 91  ? 4.103   -22.041 -14.039 1.000 21.670  ? 1069 PRO AAA CD  1 
ATOM   784  N  N   . GLY A 1 92  ? 1.943   -19.075 -12.901 1.000 21.970  ? 1070 GLY AAA N   1 
ATOM   785  C  CA  . GLY A 1 92  ? 0.925   -18.100 -12.495 1.000 21.220  ? 1070 GLY AAA CA  1 
ATOM   786  C  C   . GLY A 1 92  ? 1.267   -17.547 -11.103 1.000 23.960  ? 1070 GLY AAA C   1 
ATOM   787  O  O   . GLY A 1 92  ? 1.224   -16.310 -10.893 1.000 23.480  ? 1070 GLY AAA O   1 
ATOM   788  N  N   . ASP A 1 93  ? 1.693   -18.421 -10.193 1.000 22.500  ? 1071 ASP AAA N   1 
ATOM   789  C  CA  . ASP A 1 93  ? 2.041   -17.979 -8.819  1.000 22.390  ? 1071 ASP AAA CA  1 
ATOM   790  C  C   . ASP A 1 93  ? 3.308   -17.121 -8.847  1.000 22.790  ? 1071 ASP AAA C   1 
ATOM   791  O  O   . ASP A 1 93  ? 3.325   -16.100 -8.140  1.000 22.420  ? 1071 ASP AAA O   1 
ATOM   792  C  CB  . ASP A 1 93  ? 2.235   -19.182 -7.902  1.000 24.320  ? 1071 ASP AAA CB  1 
ATOM   793  C  CG  . ASP A 1 93  ? 0.924   -19.800 -7.461  1.000 24.380  ? 1071 ASP AAA CG  1 
ATOM   794  O  OD1 . ASP A 1 93  ? -0.051  -19.731 -8.233  1.000 28.740  ? 1071 ASP AAA OD1 1 
ATOM   795  O  OD2 . ASP A 1 93  ? 0.891   -20.334 -6.349  1.000 30.120  ? 1071 ASP AAA OD2 1 
ATOM   796  N  N   . ARG A 1 94  ? 4.312   -17.507 -9.640  1.000 19.800  ? 1072 ARG AAA N   1 
ATOM   797  C  CA  . ARG A 1 94  ? 5.566   -16.811 -9.653  1.000 20.480  ? 1072 ARG AAA CA  1 
ATOM   798  C  C   . ARG A 1 94  ? 5.316   -15.401 -10.235 1.000 20.380  ? 1072 ARG AAA C   1 
ATOM   799  O  O   . ARG A 1 94  ? 5.981   -14.472 -9.780  1.000 20.680  ? 1072 ARG AAA O   1 
ATOM   800  C  CB  . ARG A 1 94  ? 6.636   -17.559 -10.467 1.000 20.920  ? 1072 ARG AAA CB  1 
ATOM   801  C  CG  . ARG A 1 94  ? 7.147   -18.729 -9.620  1.000 27.260  ? 1072 ARG AAA CG  1 
ATOM   802  C  CD  . ARG A 1 94  ? 8.235   -19.538 -10.315 1.000 32.250  ? 1072 ARG AAA CD  1 
ATOM   803  N  NE  . ARG A 1 94  ? 8.988   -20.458 -9.417  1.000 34.790  ? 1072 ARG AAA NE  1 
ATOM   804  C  CZ  . ARG A 1 94  ? 9.645   -21.551 -9.845  1.000 47.000  ? 1072 ARG AAA CZ  1 
ATOM   805  N  NH1 . ARG A 1 94  ? 9.532   -21.932 -11.110 1.000 47.210  ? 1072 ARG AAA NH1 1 
ATOM   806  N  NH2 . ARG A 1 94  ? 10.342  -22.298 -8.999  1.000 45.610  ? 1072 ARG AAA NH2 1 
ATOM   807  N  N   . LEU A 1 95  ? 4.471   -15.293 -11.244 1.000 19.380  ? 1073 LEU AAA N   1 
ATOM   808  C  CA  . LEU A 1 95  ? 4.220   -13.981 -11.880 1.000 17.620  ? 1073 LEU AAA CA  1 
ATOM   809  C  C   . LEU A 1 95  ? 3.538   -13.050 -10.837 1.000 20.730  ? 1073 LEU AAA C   1 
ATOM   810  O  O   . LEU A 1 95  ? 4.011   -11.898 -10.720 1.000 19.650  ? 1073 LEU AAA O   1 
ATOM   811  C  CB  . LEU A 1 95  ? 3.298   -14.116 -13.069 1.000 19.130  ? 1073 LEU AAA CB  1 
ATOM   812  C  CG  . LEU A 1 95  ? 2.915   -12.809 -13.766 1.000 19.050  ? 1073 LEU AAA CG  1 
ATOM   813  C  CD1 . LEU A 1 95  ? 4.116   -12.017 -14.244 1.000 19.730  ? 1073 LEU AAA CD1 1 
ATOM   814  C  CD2 . LEU A 1 95  ? 1.924   -13.124 -14.899 1.000 22.140  ? 1073 LEU AAA CD2 1 
ATOM   815  N  N   . ILE A 1 96  ? 2.547   -13.540 -10.085 1.000 19.810  ? 1074 ILE AAA N   1 
ATOM   816  C  CA  . ILE A 1 96  ? 1.913   -12.681 -9.061  1.000 21.310  ? 1074 ILE AAA CA  1 
ATOM   817  C  C   . ILE A 1 96  ? 2.926   -12.313 -7.996  1.000 24.270  ? 1074 ILE AAA C   1 
ATOM   818  O  O   . ILE A 1 96  ? 2.989   -11.120 -7.575  1.000 21.140  ? 1074 ILE AAA O   1 
ATOM   819  C  CB  . ILE A 1 96  ? 0.693   -13.386 -8.468  1.000 22.460  ? 1074 ILE AAA CB  1 
ATOM   820  C  CG1 . ILE A 1 96  ? -0.420  -13.606 -9.481  1.000 24.720  ? 1074 ILE AAA CG1 1 
ATOM   821  C  CG2 . ILE A 1 96  ? 0.152   -12.551 -7.277  1.000 28.510  ? 1074 ILE AAA CG2 1 
ATOM   822  C  CD1 . ILE A 1 96  ? -1.502  -14.672 -9.104  1.000 28.970  ? 1074 ILE AAA CD1 1 
ATOM   823  N  N   . ARG A 1 97  ? 3.754   -13.223 -7.504  1.000 20.950  ? 1075 ARG AAA N   1 
ATOM   824  C  CA  . ARG A 1 97  ? 4.749   -12.884 -6.513  1.000 22.630  ? 1075 ARG AAA CA  1 
ATOM   825  C  C   . ARG A 1 97  ? 5.685   -11.807 -7.055  1.000 23.040  ? 1075 ARG AAA C   1 
ATOM   826  O  O   . ARG A 1 97  ? 6.118   -10.888 -6.336  1.000 22.640  ? 1075 ARG AAA O   1 
ATOM   827  C  CB  . ARG A 1 97  ? 5.573   -14.090 -6.027  1.000 24.780  ? 1075 ARG AAA CB  1 
ATOM   828  C  CG  . ARG A 1 97  ? 4.709   -15.082 -5.282  1.000 24.130  ? 1075 ARG AAA CG  1 
ATOM   829  C  CD  . ARG A 1 97  ? 5.654   -15.961 -4.479  1.000 26.250  ? 1075 ARG AAA CD  1 
ATOM   830  N  NE  . ARG A 1 97  ? 6.651   -16.764 -5.213  1.000 28.050  ? 1075 ARG AAA NE  1 
ATOM   831  C  CZ  . ARG A 1 97  ? 6.397   -17.939 -5.811  1.000 24.520  ? 1075 ARG AAA CZ  1 
ATOM   832  N  NH1 . ARG A 1 97  ? 5.175   -18.375 -5.932  1.000 26.550  ? 1075 ARG AAA NH1 1 
ATOM   833  N  NH2 . ARG A 1 97  ? 7.380   -18.554 -6.443  1.000 31.310  ? 1075 ARG AAA NH2 1 
ATOM   834  N  N   . HIS A 1 98  ? 6.192   -11.958 -8.297  1.000 21.010  ? 1076 HIS AAA N   1 
ATOM   835  C  CA  . HIS A 1 98  ? 7.149   -11.010 -8.819  1.000 19.210  ? 1076 HIS AAA CA  1 
ATOM   836  C  C   . HIS A 1 98  ? 6.437   -9.648  -8.953  1.000 18.450  ? 1076 HIS AAA C   1 
ATOM   837  O  O   . HIS A 1 98  ? 7.142   -8.669  -8.583  1.000 20.220  ? 1076 HIS AAA O   1 
ATOM   838  C  CB  . HIS A 1 98  ? 7.657   -11.488 -10.221 1.000 20.470  ? 1076 HIS AAA CB  1 
ATOM   839  C  CG  . HIS A 1 98  ? 8.797   -10.705 -10.776 1.000 22.440  ? 1076 HIS AAA CG  1 
ATOM   840  N  ND1 . HIS A 1 98  ? 8.587   -9.561  -11.597 1.000 28.380  ? 1076 HIS AAA ND1 1 
ATOM   841  C  CD2 . HIS A 1 98  ? 10.144  -10.808 -10.600 1.000 28.630  ? 1076 HIS AAA CD2 1 
ATOM   842  C  CE1 . HIS A 1 98  ? 9.767   -9.056  -11.933 1.000 29.250  ? 1076 HIS AAA CE1 1 
ATOM   843  N  NE2 . HIS A 1 98  ? 10.750  -9.797  -11.318 1.000 28.800  ? 1076 HIS AAA NE2 1 
ATOM   844  N  N   . ARG A 1 99  ? 5.190   -9.598  -9.368  1.000 17.380  ? 1077 ARG AAA N   1 
ATOM   845  C  CA  . ARG A 1 99  ? 4.483   -8.305  -9.495  1.000 17.030  ? 1077 ARG AAA CA  1 
ATOM   846  C  C   . ARG A 1 99  ? 4.287   -7.691  -8.099  1.000 19.520  ? 1077 ARG AAA C   1 
ATOM   847  O  O   . ARG A 1 99  ? 4.482   -6.497  -7.962  1.000 19.100  ? 1077 ARG AAA O   1 
ATOM   848  C  CB  . ARG A 1 99  ? 3.167   -8.508  -10.229 1.000 17.600  ? 1077 ARG AAA CB  1 
ATOM   849  C  CG  . ARG A 1 99  ? 3.352   -8.711  -11.724 1.000 17.740  ? 1077 ARG AAA CG  1 
ATOM   850  C  CD  . ARG A 1 99  ? 2.080   -9.234  -12.338 1.000 19.350  ? 1077 ARG AAA CD  1 
ATOM   851  N  NE  . ARG A 1 99  ? 2.105   -9.107  -13.783 1.000 20.720  ? 1077 ARG AAA NE  1 
ATOM   852  C  CZ  . ARG A 1 99  ? 1.111   -9.469  -14.576 1.000 21.470  ? 1077 ARG AAA CZ  1 
ATOM   853  N  NH1 . ARG A 1 99  ? 0.014   -9.987  -14.060 1.000 24.480  ? 1077 ARG AAA NH1 1 
ATOM   854  N  NH2 . ARG A 1 99  ? 1.220   -9.322  -15.882 1.000 26.640  ? 1077 ARG AAA NH2 1 
ATOM   855  N  N   . ALA A 1 100 ? 3.919   -8.519  -7.123  1.000 19.780  ? 1078 ALA AAA N   1 
ATOM   856  C  CA  . ALA A 1 100 ? 3.700   -7.956  -5.770  1.000 20.590  ? 1078 ALA AAA CA  1 
ATOM   857  C  C   . ALA A 1 100 ? 5.010   -7.469  -5.205  1.000 20.570  ? 1078 ALA AAA C   1 
ATOM   858  O  O   . ALA A 1 100 ? 4.968   -6.341  -4.570  1.000 23.140  ? 1078 ALA AAA O   1 
ATOM   859  C  CB  . ALA A 1 100 ? 3.200   -9.102  -4.858  1.000 22.180  ? 1078 ALA AAA CB  1 
ATOM   860  N  N   . CYS A 1 101 ? 6.153   -8.078  -5.369  1.000 24.120  ? 1079 CYS AAA N   1 
ATOM   861  C  CA  . CYS A 1 101 ? 7.473   -7.637  -4.933  1.000 24.530  ? 1079 CYS AAA CA  1 
ATOM   862  C  C   . CYS A 1 101 ? 7.833   -6.355  -5.653  1.000 23.650  ? 1079 CYS AAA C   1 
ATOM   863  O  O   . CYS A 1 101 ? 8.463   -5.469  -5.051  1.000 23.150  ? 1079 CYS AAA O   1 
ATOM   864  C  CB  . CYS A 1 101 ? 8.635   -8.612  -5.142  1.000 27.570  ? 1079 CYS AAA CB  1 
ATOM   865  S  SG  . CYS A 1 101 ? 8.487   -9.991  -3.960  1.000 39.680  ? 1079 CYS AAA SG  1 
ATOM   866  N  N   . ALA A 1 102 ? 7.516   -6.313  -6.952  1.000 20.880  ? 1080 ALA AAA N   1 
ATOM   867  C  CA  . ALA A 1 102 ? 7.847   -5.126  -7.707  1.000 18.690  ? 1080 ALA AAA CA  1 
ATOM   868  C  C   . ALA A 1 102 ? 6.989   -3.946  -7.251  1.000 19.300  ? 1080 ALA AAA C   1 
ATOM   869  O  O   . ALA A 1 102 ? 7.512   -2.841  -7.249  1.000 18.500  ? 1080 ALA AAA O   1 
ATOM   870  C  CB  . ALA A 1 102 ? 7.679   -5.389  -9.186  1.000 19.790  ? 1080 ALA AAA CB  1 
ATOM   871  N  N   A LEU A 1 103 ? 5.739   -4.168  -6.887  0.500 18.920  ? 1081 LEU AAA N   1 
ATOM   872  N  N   B LEU A 1 103 ? 5.686   -4.175  -6.969  0.500 17.050  ? 1081 LEU AAA N   1 
ATOM   873  C  CA  A LEU A 1 103 ? 4.940   -3.075  -6.336  0.500 18.160  ? 1081 LEU AAA CA  1 
ATOM   874  C  CA  B LEU A 1 103 ? 4.813   -3.095  -6.466  0.500 15.090  ? 1081 LEU AAA CA  1 
ATOM   875  C  C   A LEU A 1 103 ? 5.667   -2.513  -5.106  0.500 18.450  ? 1081 LEU AAA C   1 
ATOM   876  C  C   B LEU A 1 103 ? 5.377   -2.558  -5.141  0.500 16.210  ? 1081 LEU AAA C   1 
ATOM   877  O  O   A LEU A 1 103 ? 5.956   -1.311  -4.882  0.500 14.820  ? 1081 LEU AAA O   1 
ATOM   878  O  O   B LEU A 1 103 ? 5.376   -1.305  -5.065  0.500 14.620  ? 1081 LEU AAA O   1 
ATOM   879  C  CB  A LEU A 1 103 ? 3.662   -3.776  -5.868  0.500 17.840  ? 1081 LEU AAA CB  1 
ATOM   880  C  CB  B LEU A 1 103 ? 3.332   -3.503  -6.406  0.500 13.770  ? 1081 LEU AAA CB  1 
ATOM   881  C  CG  A LEU A 1 103 ? 2.731   -2.811  -5.152  0.500 22.220  ? 1081 LEU AAA CG  1 
ATOM   882  C  CG  B LEU A 1 103 ? 2.337   -2.497  -5.798  0.500 15.530  ? 1081 LEU AAA CG  1 
ATOM   883  C  CD1 A LEU A 1 103 ? 2.193   -1.842  -6.185  0.500 22.360  ? 1081 LEU AAA CD1 1 
ATOM   884  C  CD1 B LEU A 1 103 ? 0.937   -2.946  -6.087  0.500 17.310  ? 1081 LEU AAA CD1 1 
ATOM   885  C  CD2 A LEU A 1 103 ? 1.599   -3.570  -4.477  0.500 24.020  ? 1081 LEU AAA CD2 1 
ATOM   886  C  CD2 B LEU A 1 103 ? 2.502   -2.330  -4.280  0.500 17.070  ? 1081 LEU AAA CD2 1 
ATOM   887  N  N   . ARG A 1 104 ? 5.900   -3.420  -4.199  1.000 17.910  ? 1082 ARG AAA N   1 
ATOM   888  C  CA  . ARG A 1 104 ? 6.524   -2.995  -2.955  1.000 18.820  ? 1082 ARG AAA CA  1 
ATOM   889  C  C   . ARG A 1 104 ? 7.808   -2.244  -3.230  1.000 20.090  ? 1082 ARG AAA C   1 
ATOM   890  O  O   . ARG A 1 104 ? 8.046   -1.134  -2.685  1.000 19.060  ? 1082 ARG AAA O   1 
ATOM   891  C  CB  . ARG A 1 104 ? 6.723   -4.204  -2.023  1.000 22.280  ? 1082 ARG AAA CB  1 
ATOM   892  C  CG  . ARG A 1 104 ? 7.543   -3.888  -0.778  1.000 22.460  ? 1082 ARG AAA CG  1 
ATOM   893  C  CD  . ARG A 1 104 ? 7.497   -5.102  0.136   1.000 28.520  ? 1082 ARG AAA CD  1 
ATOM   894  N  NE  . ARG A 1 104 ? 8.139   -4.729  1.394   1.000 37.170  ? 1082 ARG AAA NE  1 
ATOM   895  C  CZ  . ARG A 1 104 ? 9.432   -4.916  1.669   1.000 40.930  ? 1082 ARG AAA CZ  1 
ATOM   896  N  NH1 . ARG A 1 104 ? 10.214  -5.474  0.754   1.000 45.320  ? 1082 ARG AAA NH1 1 
ATOM   897  N  NH2 . ARG A 1 104 ? 9.928   -4.515  2.827   1.000 38.440  ? 1082 ARG AAA NH2 1 
ATOM   898  N  N   . ASP A 1 105 ? 8.680   -2.787  -4.111  1.000 19.270  ? 1083 ASP AAA N   1 
ATOM   899  C  CA  . ASP A 1 105 ? 9.957   -2.163  -4.345  1.000 18.520  ? 1083 ASP AAA CA  1 
ATOM   900  C  C   . ASP A 1 105 ? 9.765   -0.777  -5.005  1.000 17.440  ? 1083 ASP AAA C   1 
ATOM   901  O  O   . ASP A 1 105 ? 10.557  0.137   -4.716  1.000 19.730  ? 1083 ASP AAA O   1 
ATOM   902  C  CB  . ASP A 1 105 ? 10.849  -2.999  -5.281  1.000 23.170  ? 1083 ASP AAA CB  1 
ATOM   903  C  CG  . ASP A 1 105 ? 11.315  -4.297  -4.615  1.000 28.820  ? 1083 ASP AAA CG  1 
ATOM   904  O  OD1 . ASP A 1 105 ? 11.203  -4.460  -3.372  1.000 30.470  ? 1083 ASP AAA OD1 1 
ATOM   905  O  OD2 . ASP A 1 105 ? 11.667  -5.192  -5.431  1.000 33.150  ? 1083 ASP AAA OD2 1 
ATOM   906  N  N   . THR A 1 106 ? 8.780   -0.688  -5.891  1.000 16.690  ? 1084 THR AAA N   1 
ATOM   907  C  CA  . THR A 1 106 ? 8.526   0.592   -6.542  1.000 17.000  ? 1084 THR AAA CA  1 
ATOM   908  C  C   . THR A 1 106 ? 8.019   1.634   -5.506  1.000 17.240  ? 1084 THR AAA C   1 
ATOM   909  O  O   . THR A 1 106 ? 8.462   2.786   -5.569  1.000 16.840  ? 1084 THR AAA O   1 
ATOM   910  C  CB  . THR A 1 106 ? 7.501   0.441   -7.656  1.000 17.730  ? 1084 THR AAA CB  1 
ATOM   911  O  OG1 . THR A 1 106 ? 8.034   -0.497  -8.633  1.000 18.790  ? 1084 THR AAA OG1 1 
ATOM   912  C  CG2 . THR A 1 106 ? 7.182   1.740   -8.376  1.000 18.930  ? 1084 THR AAA CG2 1 
ATOM   913  N  N   . ALA A 1 107 ? 7.091   1.250   -4.621  1.000 16.510  ? 1085 ALA AAA N   1 
ATOM   914  C  CA  . ALA A 1 107 ? 6.633   2.219   -3.617  1.000 15.500  ? 1085 ALA AAA CA  1 
ATOM   915  C  C   . ALA A 1 107 ? 7.806   2.658   -2.782  1.000 16.620  ? 1085 ALA AAA C   1 
ATOM   916  O  O   . ALA A 1 107 ? 7.948   3.876   -2.539  1.000 16.520  ? 1085 ALA AAA O   1 
ATOM   917  C  CB  . ALA A 1 107 ? 5.567   1.546   -2.786  1.000 16.780  ? 1085 ALA AAA CB  1 
ATOM   918  N  N   . TYR A 1 108 ? 8.675   1.751   -2.327  1.000 16.300  ? 1086 TYR AAA N   1 
ATOM   919  C  CA  . TYR A 1 108 ? 9.809   2.163   -1.508  1.000 16.550  ? 1086 TYR AAA CA  1 
ATOM   920  C  C   . TYR A 1 108 ? 10.766  3.045   -2.308  1.000 17.760  ? 1086 TYR AAA C   1 
ATOM   921  O  O   . TYR A 1 108 ? 11.328  3.982   -1.703  1.000 19.020  ? 1086 TYR AAA O   1 
ATOM   922  C  CB  . TYR A 1 108 ? 10.583  0.954   -0.936  1.000 19.110  ? 1086 TYR AAA CB  1 
ATOM   923  C  CG  . TYR A 1 108 ? 9.963   0.366   0.315   1.000 19.170  ? 1086 TYR AAA CG  1 
ATOM   924  C  CD1 . TYR A 1 108 ? 8.822   -0.425  0.311   1.000 20.630  ? 1086 TYR AAA CD1 1 
ATOM   925  C  CD2 . TYR A 1 108 ? 10.490  0.701   1.563   1.000 22.290  ? 1086 TYR AAA CD2 1 
ATOM   926  C  CE1 . TYR A 1 108 ? 8.294   -0.979  1.482   1.000 20.210  ? 1086 TYR AAA CE1 1 
ATOM   927  C  CE2 . TYR A 1 108 ? 9.993   0.163   2.757   1.000 22.700  ? 1086 TYR AAA CE2 1 
ATOM   928  C  CZ  . TYR A 1 108 ? 8.870   -0.661  2.697   1.000 23.380  ? 1086 TYR AAA CZ  1 
ATOM   929  O  OH  . TYR A 1 108 ? 8.387   -1.222  3.862   1.000 24.170  ? 1086 TYR AAA OH  1 
ATOM   930  N  N   . ALA A 1 109 ? 10.962  2.774   -3.609  1.000 17.090  ? 1087 ALA AAA N   1 
ATOM   931  C  CA  . ALA A 1 109 ? 11.893  3.576   -4.391  1.000 18.760  ? 1087 ALA AAA CA  1 
ATOM   932  C  C   . ALA A 1 109 ? 11.328  4.994   -4.593  1.000 18.080  ? 1087 ALA AAA C   1 
ATOM   933  O  O   . ALA A 1 109 ? 12.083  5.971   -4.559  1.000 19.090  ? 1087 ALA AAA O   1 
ATOM   934  C  CB  . ALA A 1 109 ? 12.167  2.890   -5.732  1.000 21.100  ? 1087 ALA AAA CB  1 
ATOM   935  N  N   . ILE A 1 110 ? 10.027  5.146   -4.858  1.000 17.270  ? 1088 ILE AAA N   1 
ATOM   936  C  CA  . ILE A 1 110 ? 9.457   6.510   -5.032  1.000 16.860  ? 1088 ILE AAA CA  1 
ATOM   937  C  C   . ILE A 1 110 ? 9.601   7.237   -3.696  1.000 17.460  ? 1088 ILE AAA C   1 
ATOM   938  O  O   . ILE A 1 110 ? 9.997   8.418   -3.701  1.000 17.940  ? 1088 ILE AAA O   1 
ATOM   939  C  CB  . ILE A 1 110 ? 7.963   6.351   -5.387  1.000 17.040  ? 1088 ILE AAA CB  1 
ATOM   940  C  CG1 . ILE A 1 110 ? 7.801   5.852   -6.822  1.000 17.800  ? 1088 ILE AAA CG1 1 
ATOM   941  C  CG2 . ILE A 1 110 ? 7.275   7.738   -5.275  1.000 18.070  ? 1088 ILE AAA CG2 1 
ATOM   942  C  CD1 . ILE A 1 110 ? 6.381   5.505   -7.222  1.000 18.520  ? 1088 ILE AAA CD1 1 
ATOM   943  N  N   . ILE A 1 111 ? 9.344   6.579   -2.578  1.000 16.670  ? 1089 ILE AAA N   1 
ATOM   944  C  CA  . ILE A 1 111 ? 9.433   7.239   -1.280  1.000 17.990  ? 1089 ILE AAA CA  1 
ATOM   945  C  C   . ILE A 1 111 ? 10.885  7.607   -0.996  1.000 19.370  ? 1089 ILE AAA C   1 
ATOM   946  O  O   . ILE A 1 111 ? 11.206  8.733   -0.574  1.000 19.710  ? 1089 ILE AAA O   1 
ATOM   947  C  CB  . ILE A 1 111 ? 8.749   6.366   -0.213  1.000 20.140  ? 1089 ILE AAA CB  1 
ATOM   948  C  CG1 . ILE A 1 111 ? 7.209   6.554   -0.387  1.000 22.330  ? 1089 ILE AAA CG1 1 
ATOM   949  C  CG2 . ILE A 1 111 ? 9.321   6.645   1.212   1.000 24.990  ? 1089 ILE AAA CG2 1 
ATOM   950  C  CD1 . ILE A 1 111 ? 6.332   5.383   0.159   1.000 24.090  ? 1089 ILE AAA CD1 1 
ATOM   951  N  N   . LYS A 1 112 ? 11.850  6.729   -1.358  1.000 19.440  ? 1090 LYS AAA N   1 
ATOM   952  C  CA  . LYS A 1 112 ? 13.258  7.065   -1.097  1.000 21.190  ? 1090 LYS AAA CA  1 
ATOM   953  C  C   . LYS A 1 112 ? 13.630  8.336   -1.864  1.000 21.430  ? 1090 LYS AAA C   1 
ATOM   954  O  O   . LYS A 1 112 ? 14.356  9.188   -1.334  1.000 25.100  ? 1090 LYS AAA O   1 
ATOM   955  C  CB  . LYS A 1 112 ? 14.128  5.873   -1.515  1.000 23.300  ? 1090 LYS AAA CB  1 
ATOM   956  C  CG  . LYS A 1 112 ? 15.616  6.148   -1.294  1.000 29.740  ? 1090 LYS AAA CG  1 
ATOM   957  C  CD  . LYS A 1 112 ? 16.472  5.000   -1.845  1.000 37.690  ? 1090 LYS AAA CD  1 
ATOM   958  C  CE  . LYS A 1 112 ? 17.962  5.209   -1.611  1.000 46.880  ? 1090 LYS AAA CE  1 
ATOM   959  N  NZ  . LYS A 1 112 ? 18.212  5.368   -0.159  1.000 52.860  ? 1090 LYS AAA NZ  1 
ATOM   960  N  N   . GLU A 1 113 ? 13.142  8.505   -3.090  1.000 19.970  ? 1091 GLU AAA N   1 
ATOM   961  C  CA  . GLU A 1 113 ? 13.529  9.625   -3.939  1.000 19.980  ? 1091 GLU AAA CA  1 
ATOM   962  C  C   . GLU A 1 113 ? 12.724  10.894  -3.608  1.000 21.830  ? 1091 GLU AAA C   1 
ATOM   963  O  O   . GLU A 1 113 ? 13.224  12.007  -3.938  1.000 23.210  ? 1091 GLU AAA O   1 
ATOM   964  C  CB  . GLU A 1 113 ? 13.269  9.298   -5.404  1.000 26.030  ? 1091 GLU AAA CB  1 
ATOM   965  C  CG  . GLU A 1 113 ? 14.250  8.270   -5.960  1.000 35.350  ? 1091 GLU AAA CG  1 
ATOM   966  C  CD  . GLU A 1 113 ? 14.242  8.241   -7.475  1.000 50.710  ? 1091 GLU AAA CD  1 
ATOM   967  O  OE1 . GLU A 1 113 ? 13.164  7.946   -8.048  1.000 51.790  ? 1091 GLU AAA OE1 1 
ATOM   968  O  OE2 . GLU A 1 113 ? 15.311  8.533   -8.080  1.000 61.320  ? 1091 GLU AAA OE2 1 
ATOM   969  N  N   . GLU A 1 114 ? 11.483  10.774  -3.070  1.000 18.230  ? 1092 GLU AAA N   1 
ATOM   970  C  CA  . GLU A 1 114 ? 10.610  11.942  -3.091  1.000 18.430  ? 1092 GLU AAA CA  1 
ATOM   971  C  C   . GLU A 1 114 ? 10.098  12.306  -1.683  1.000 17.900  ? 1092 GLU AAA C   1 
ATOM   972  O  O   . GLU A 1 114 ? 9.525   13.389  -1.536  1.000 21.180  ? 1092 GLU AAA O   1 
ATOM   973  C  CB  . GLU A 1 114 ? 9.370   11.654  -3.960  1.000 17.140  ? 1092 GLU AAA CB  1 
ATOM   974  C  CG  . GLU A 1 114 ? 9.817   11.381  -5.395  1.000 18.340  ? 1092 GLU AAA CG  1 
ATOM   975  C  CD  . GLU A 1 114 ? 8.694   11.054  -6.335  1.000 19.730  ? 1092 GLU AAA CD  1 
ATOM   976  O  OE1 . GLU A 1 114 ? 7.565   11.480  -6.150  1.000 19.610  ? 1092 GLU AAA OE1 1 
ATOM   977  O  OE2 . GLU A 1 114 ? 9.003   10.331  -7.347  1.000 20.570  ? 1092 GLU AAA OE2 1 
ATOM   978  N  N   . LEU A 1 115 ? 10.243  11.489  -0.672  1.000 18.730  ? 1093 LEU AAA N   1 
ATOM   979  C  CA  . LEU A 1 115 ? 9.810   11.850  0.687   1.000 18.280  ? 1093 LEU AAA CA  1 
ATOM   980  C  C   . LEU A 1 115 ? 10.988  12.554  1.372   1.000 20.470  ? 1093 LEU AAA C   1 
ATOM   981  O  O   . LEU A 1 115 ? 12.075  11.978  1.543   1.000 22.250  ? 1093 LEU AAA O   1 
ATOM   982  C  CB  . LEU A 1 115 ? 9.502   10.573  1.474   1.000 19.750  ? 1093 LEU AAA CB  1 
ATOM   983  C  CG  . LEU A 1 115 ? 9.240   10.748  2.988   1.000 21.150  ? 1093 LEU AAA CG  1 
ATOM   984  C  CD1 . LEU A 1 115 ? 8.050   11.666  3.216   1.000 21.950  ? 1093 LEU AAA CD1 1 
ATOM   985  C  CD2 . LEU A 1 115 ? 9.037   9.387   3.670   1.000 21.810  ? 1093 LEU AAA CD2 1 
ATOM   986  N  N   . ASP A 1 116 ? 10.717  13.757  1.894   1.000 18.950  ? 1094 ASP AAA N   1 
ATOM   987  C  CA  . ASP A 1 116 ? 11.762  14.365  2.726   1.000 20.530  ? 1094 ASP AAA CA  1 
ATOM   988  C  C   . ASP A 1 116 ? 11.767  13.720  4.115   1.000 19.210  ? 1094 ASP AAA C   1 
ATOM   989  O  O   . ASP A 1 116 ? 10.719  13.629  4.756   1.000 19.650  ? 1094 ASP AAA O   1 
ATOM   990  C  CB  . ASP A 1 116 ? 11.393  15.849  2.826   1.000 21.430  ? 1094 ASP AAA CB  1 
ATOM   991  C  CG  . ASP A 1 116 ? 12.502  16.664  3.473   1.000 26.540  ? 1094 ASP AAA CG  1 
ATOM   992  O  OD1 . ASP A 1 116 ? 12.930  16.353  4.590   1.000 29.390  ? 1094 ASP AAA OD1 1 
ATOM   993  O  OD2 . ASP A 1 116 ? 12.989  17.611  2.836   1.000 28.050  ? 1094 ASP AAA OD2 1 
ATOM   994  N  N   . GLU A 1 117 ? 12.954  13.322  4.593   1.000 21.380  ? 1095 GLU AAA N   1 
ATOM   995  C  CA  . GLU A 1 117 ? 13.060  12.597  5.849   1.000 20.690  ? 1095 GLU AAA CA  1 
ATOM   996  C  C   . GLU A 1 117 ? 12.601  13.472  7.028   1.000 22.250  ? 1095 GLU AAA C   1 
ATOM   997  O  O   . GLU A 1 117 ? 12.081  12.913  8.002   1.000 22.220  ? 1095 GLU AAA O   1 
ATOM   998  C  CB  . GLU A 1 117 ? 14.511  12.163  6.135   1.000 26.560  ? 1095 GLU AAA CB  1 
ATOM   999  C  CG  . GLU A 1 117 ? 15.048  11.052  5.259   1.000 47.490  ? 1095 GLU AAA CG  1 
ATOM   1000 C  CD  . GLU A 1 117 ? 16.539  10.796  5.486   1.000 62.290  ? 1095 GLU AAA CD  1 
ATOM   1001 O  OE1 . GLU A 1 117 ? 17.145  11.460  6.400   1.000 62.870  ? 1095 GLU AAA OE1 1 
ATOM   1002 O  OE2 . GLU A 1 117 ? 17.103  9.948   4.742   1.000 69.270  ? 1095 GLU AAA OE2 1 
ATOM   1003 N  N   . ASP A 1 118 ? 12.804  14.803  6.900   1.000 21.460  ? 1096 ASP AAA N   1 
ATOM   1004 C  CA  . ASP A 1 118 ? 12.355  15.688  7.984   1.000 21.010  ? 1096 ASP AAA CA  1 
ATOM   1005 C  C   . ASP A 1 118 ? 10.837  15.835  8.023   1.000 20.170  ? 1096 ASP AAA C   1 
ATOM   1006 O  O   . ASP A 1 118 ? 10.234  16.078  9.054   1.000 20.080  ? 1096 ASP AAA O   1 
ATOM   1007 C  CB  . ASP A 1 118 ? 13.001  17.066  7.880   1.000 21.690  ? 1096 ASP AAA CB  1 
ATOM   1008 C  CG  . ASP A 1 118 ? 14.483  17.030  8.221   1.000 27.630  ? 1096 ASP AAA CG  1 
ATOM   1009 O  OD1 . ASP A 1 118 ? 14.928  16.093  8.963   1.000 29.140  ? 1096 ASP AAA OD1 1 
ATOM   1010 O  OD2 . ASP A 1 118 ? 15.185  17.800  7.556   1.000 33.650  ? 1096 ASP AAA OD2 1 
ATOM   1011 N  N   . PHE A 1 119 ? 10.164  15.646  6.858   1.000 18.740  ? 1097 PHE AAA N   1 
ATOM   1012 C  CA  . PHE A 1 119 ? 8.713   15.684  6.818   1.000 17.360  ? 1097 PHE AAA CA  1 
ATOM   1013 C  C   . PHE A 1 119 ? 8.185   14.407  7.500   1.000 17.860  ? 1097 PHE AAA C   1 
ATOM   1014 O  O   . PHE A 1 119 ? 7.261   14.488  8.304   1.000 18.260  ? 1097 PHE AAA O   1 
ATOM   1015 C  CB  . PHE A 1 119 ? 8.280   15.756  5.340   1.000 18.260  ? 1097 PHE AAA CB  1 
ATOM   1016 C  CG  . PHE A 1 119 ? 6.770   15.802  5.222   1.000 17.580  ? 1097 PHE AAA CG  1 
ATOM   1017 C  CD1 . PHE A 1 119 ? 6.044   17.000  5.361   1.000 19.050  ? 1097 PHE AAA CD1 1 
ATOM   1018 C  CD2 . PHE A 1 119 ? 6.063   14.605  5.107   1.000 17.030  ? 1097 PHE AAA CD2 1 
ATOM   1019 C  CE1 . PHE A 1 119 ? 4.660   16.991  5.308   1.000 19.650  ? 1097 PHE AAA CE1 1 
ATOM   1020 C  CE2 . PHE A 1 119 ? 4.673   14.591  5.065   1.000 17.120  ? 1097 PHE AAA CE2 1 
ATOM   1021 C  CZ  . PHE A 1 119 ? 3.977   15.783  5.168   1.000 18.360  ? 1097 PHE AAA CZ  1 
ATOM   1022 N  N   . GLU A 1 120 ? 8.795   13.240  7.175   1.000 18.190  ? 1098 GLU AAA N   1 
ATOM   1023 C  CA  . GLU A 1 120 ? 8.361   12.018  7.846   1.000 18.920  ? 1098 GLU AAA CA  1 
ATOM   1024 C  C   . GLU A 1 120 ? 8.595   12.133  9.361   1.000 19.650  ? 1098 GLU AAA C   1 
ATOM   1025 O  O   . GLU A 1 120 ? 7.754   11.670  10.114  1.000 19.230  ? 1098 GLU AAA O   1 
ATOM   1026 C  CB  . GLU A 1 120 ? 9.101   10.824  7.208   1.000 20.910  ? 1098 GLU AAA CB  1 
ATOM   1027 C  CG  . GLU A 1 120 ? 8.841   9.551   7.953   1.000 21.230  ? 1098 GLU AAA CG  1 
ATOM   1028 C  CD  . GLU A 1 120 ? 7.404   9.050   7.914   1.000 20.050  ? 1098 GLU AAA CD  1 
ATOM   1029 O  OE1 . GLU A 1 120 ? 6.538   9.639   7.331   1.000 22.860  ? 1098 GLU AAA OE1 1 
ATOM   1030 O  OE2 . GLU A 1 120 ? 7.132   8.011   8.636   1.000 25.110  ? 1098 GLU AAA OE2 1 
ATOM   1031 N  N   . GLN A 1 121 ? 9.771   12.685  9.730   1.000 19.560  ? 1099 GLN AAA N   1 
ATOM   1032 C  CA  . GLN A 1 121 ? 10.080  12.780  11.167  1.000 21.700  ? 1099 GLN AAA CA  1 
ATOM   1033 C  C   . GLN A 1 121 ? 9.032   13.642  11.874  1.000 22.180  ? 1099 GLN AAA C   1 
ATOM   1034 O  O   . GLN A 1 121 ? 8.550   13.306  12.962  1.000 22.340  ? 1099 GLN AAA O   1 
ATOM   1035 C  CB  . GLN A 1 121 ? 11.493  13.318  11.314  1.000 22.010  ? 1099 GLN AAA CB  1 
ATOM   1036 C  CG  . GLN A 1 121 ? 11.879  13.316  12.813  1.000 24.090  ? 1099 GLN AAA CG  1 
ATOM   1037 C  CD  . GLN A 1 121 ? 12.111  11.908  13.311  1.000 31.590  ? 1099 GLN AAA CD  1 
ATOM   1038 O  OE1 . GLN A 1 121 ? 12.529  11.026  12.560  1.000 35.110  ? 1099 GLN AAA OE1 1 
ATOM   1039 N  NE2 . GLN A 1 121 ? 11.820  11.683  14.581  1.000 31.900  ? 1099 GLN AAA NE2 1 
ATOM   1040 N  N   . LEU A 1 122 ? 8.657   14.782  11.280  1.000 19.380  ? 1100 LEU AAA N   1 
ATOM   1041 C  CA  . LEU A 1 122 ? 7.583   15.593  11.799  1.000 20.920  ? 1100 LEU AAA CA  1 
ATOM   1042 C  C   . LEU A 1 122 ? 6.287   14.808  11.992  1.000 22.800  ? 1100 LEU AAA C   1 
ATOM   1043 O  O   . LEU A 1 122 ? 5.605   14.860  13.061  1.000 21.900  ? 1100 LEU AAA O   1 
ATOM   1044 C  CB  . LEU A 1 122 ? 7.425   16.860  10.950  1.000 20.780  ? 1100 LEU AAA CB  1 
ATOM   1045 C  CG  . LEU A 1 122 ? 6.233   17.744  11.345  1.000 21.390  ? 1100 LEU AAA CG  1 
ATOM   1046 C  CD1 . LEU A 1 122 ? 6.380   18.306  12.808  1.000 22.650  ? 1100 LEU AAA CD1 1 
ATOM   1047 C  CD2 . LEU A 1 122 ? 6.101   18.899  10.362  1.000 22.700  ? 1100 LEU AAA CD2 1 
ATOM   1048 N  N   . CYS A 1 123 ? 5.840   14.088  10.922  1.000 21.380  ? 1101 CYS AAA N   1 
ATOM   1049 C  CA  . CYS A 1 123 ? 4.604   13.314  11.071  1.000 21.400  ? 1101 CYS AAA CA  1 
ATOM   1050 C  C   . CYS A 1 123 ? 4.726   12.336  12.255  1.000 21.220  ? 1101 CYS AAA C   1 
ATOM   1051 O  O   . CYS A 1 123 ? 3.729   12.129  12.959  1.000 22.100  ? 1101 CYS AAA O   1 
ATOM   1052 C  CB  . CYS A 1 123 ? 4.310   12.505  9.786   1.000 19.930  ? 1101 CYS AAA CB  1 
ATOM   1053 S  SG  . CYS A 1 123 ? 3.871   13.538  8.357   1.000 20.360  ? 1101 CYS AAA SG  1 
ATOM   1054 N  N   . GLU A 1 124 ? 5.876   11.663  12.339  1.000 20.380  ? 1102 GLU AAA N   1 
ATOM   1055 C  CA  . GLU A 1 124 ? 6.077   10.650  13.403  1.000 23.800  ? 1102 GLU AAA CA  1 
ATOM   1056 C  C   . GLU A 1 124 ? 5.958   11.348  14.753  1.000 25.950  ? 1102 GLU AAA C   1 
ATOM   1057 O  O   . GLU A 1 124 ? 5.345   10.760  15.661  1.000 29.310  ? 1102 GLU AAA O   1 
ATOM   1058 C  CB  . GLU A 1 124 ? 7.446   9.991   13.255  1.000 23.210  ? 1102 GLU AAA CB  1 
ATOM   1059 C  CG  . GLU A 1 124 ? 7.406   8.716   12.440  1.000 25.730  ? 1102 GLU AAA CG  1 
ATOM   1060 C  CD  . GLU A 1 124 ? 8.779   8.217   12.042  1.000 31.890  ? 1102 GLU AAA CD  1 
ATOM   1061 O  OE1 . GLU A 1 124 ? 9.764   8.624   12.687  1.000 40.820  ? 1102 GLU AAA OE1 1 
ATOM   1062 O  OE2 . GLU A 1 124 ? 8.862   7.429   11.086  1.000 30.870  ? 1102 GLU AAA OE2 1 
ATOM   1063 N  N   . GLU A 1 125 ? 6.515   12.556  14.874  1.000 23.330  ? 1103 GLU AAA N   1 
ATOM   1064 C  CA  . GLU A 1 125 ? 6.473   13.178  16.213  1.000 25.170  ? 1103 GLU AAA CA  1 
ATOM   1065 C  C   . GLU A 1 125 ? 5.080   13.675  16.499  1.000 25.210  ? 1103 GLU AAA C   1 
ATOM   1066 O  O   . GLU A 1 125 ? 4.712   13.589  17.686  1.000 30.250  ? 1103 GLU AAA O   1 
ATOM   1067 C  CB  . GLU A 1 125 ? 7.569   14.243  16.320  1.000 23.550  ? 1103 GLU AAA CB  1 
ATOM   1068 C  CG  . GLU A 1 125 ? 8.942   13.638  16.313  1.000 23.230  ? 1103 GLU AAA CG  1 
ATOM   1069 C  CD  . GLU A 1 125 ? 10.188  14.560  16.374  1.000 26.090  ? 1103 GLU AAA CD  1 
ATOM   1070 O  OE1 . GLU A 1 125 ? 9.982   15.819  16.474  1.000 26.220  ? 1103 GLU AAA OE1 1 
ATOM   1071 O  OE2 . GLU A 1 125 ? 11.341  14.081  16.266  1.000 27.560  ? 1103 GLU AAA OE2 1 
ATOM   1072 N  N   . ILE A 1 126 ? 4.273   14.206  15.576  1.000 24.030  ? 1104 ILE AAA N   1 
ATOM   1073 C  CA  . ILE A 1 126 ? 2.916   14.581  15.846  1.000 24.810  ? 1104 ILE AAA CA  1 
ATOM   1074 C  C   . ILE A 1 126 ? 2.127   13.325  16.249  1.000 30.800  ? 1104 ILE AAA C   1 
ATOM   1075 O  O   . ILE A 1 126 ? 1.361   13.328  17.222  1.000 32.270  ? 1104 ILE AAA O   1 
ATOM   1076 C  CB  . ILE A 1 126 ? 2.258   15.288  14.665  1.000 26.850  ? 1104 ILE AAA CB  1 
ATOM   1077 C  CG1 . ILE A 1 126 ? 3.078   16.495  14.189  1.000 26.000  ? 1104 ILE AAA CG1 1 
ATOM   1078 C  CG2 . ILE A 1 126 ? 0.793   15.610  14.950  1.000 29.390  ? 1104 ILE AAA CG2 1 
ATOM   1079 C  CD1 . ILE A 1 126 ? 2.617   17.004  12.842  1.000 27.760  ? 1104 ILE AAA CD1 1 
ATOM   1080 N  N   . GLN A 1 127 ? 2.309   12.209  15.523  1.000 29.750  ? 1105 GLN AAA N   1 
ATOM   1081 C  CA  . GLN A 1 127 ? 1.576   10.980  15.834  1.000 33.240  ? 1105 GLN AAA CA  1 
ATOM   1082 C  C   . GLN A 1 127 ? 1.873   10.530  17.272  1.000 33.770  ? 1105 GLN AAA C   1 
ATOM   1083 O  O   . GLN A 1 127 ? 0.961   10.135  18.009  1.000 35.240  ? 1105 GLN AAA O   1 
ATOM   1084 C  CB  . GLN A 1 127 ? 1.917   9.885   14.799  1.000 27.120  ? 1105 GLN AAA CB  1 
ATOM   1085 C  CG  . GLN A 1 127 ? 1.407   8.484   15.170  1.000 30.590  ? 1105 GLN AAA CG  1 
ATOM   1086 C  CD  . GLN A 1 127 ? 1.873   7.399   14.223  1.000 33.460  ? 1105 GLN AAA CD  1 
ATOM   1087 O  OE1 . GLN A 1 127 ? 3.075   7.080   14.126  1.000 33.090  ? 1105 GLN AAA OE1 1 
ATOM   1088 N  NE2 . GLN A 1 127 ? 0.908   6.773   13.558  1.000 34.420  ? 1105 GLN AAA NE2 1 
ATOM   1089 N  N   . GLU A 1 128 ? 3.146   10.535  17.651  1.000 32.340  ? 1106 GLU AAA N   1 
ATOM   1090 C  CA  . GLU A 1 128 ? 3.587   10.040  18.955  1.000 38.820  ? 1106 GLU AAA CA  1 
ATOM   1091 C  C   . GLU A 1 128 ? 3.076   10.942  20.079  1.000 45.590  ? 1106 GLU AAA C   1 
ATOM   1092 O  O   . GLU A 1 128 ? 3.030   10.509  21.233  1.000 48.560  ? 1106 GLU AAA O   1 
ATOM   1093 C  CB  . GLU A 1 128 ? 5.105   9.894   18.937  1.000 37.860  ? 1106 GLU AAA CB  1 
ATOM   1094 C  CG  . GLU A 1 128 ? 5.804   10.036  20.279  1.000 62.200  ? 1106 GLU AAA CG  1 
ATOM   1095 C  CD  . GLU A 1 128 ? 5.699   8.835   21.200  1.000 76.280  ? 1106 GLU AAA CD  1 
ATOM   1096 O  OE1 . GLU A 1 128 ? 4.585   8.571   21.702  1.000 82.000  ? 1106 GLU AAA OE1 1 
ATOM   1097 O  OE2 . GLU A 1 128 ? 6.732   8.162   21.413  1.000 89.860  ? 1106 GLU AAA OE2 1 
ATOM   1098 N  N   . SER A 1 129 ? 2.667   12.173  19.748  1.000 46.560  ? 1107 SER AAA N   1 
ATOM   1099 C  CA  . SER A 1 129 ? 2.262   13.164  20.742  1.000 52.900  ? 1107 SER AAA CA  1 
ATOM   1100 C  C   . SER A 1 129 ? 0.759   13.050  20.998  1.000 58.710  ? 1107 SER AAA C   1 
ATOM   1101 O  O   . SER A 1 129 ? 0.202   13.787  21.811  1.000 61.110  ? 1107 SER AAA O   1 
ATOM   1102 C  CB  . SER A 1 129 ? 2.601   14.569  20.266  1.000 45.660  ? 1107 SER AAA CB  1 
ATOM   1103 O  OG  . SER A 1 129 ? 1.577   15.041  19.380  1.000 46.120  ? 1107 SER AAA OG  1 
ATOM   1104 N  N   . ARG A 1 130 ? 0.096   12.168  20.246  1.000 56.710  ? 1108 ARG AAA N   1 
ATOM   1105 C  CA  . ARG A 1 130 ? -1.351  12.077  20.280  1.000 62.970  ? 1108 ARG AAA CA  1 
ATOM   1106 C  C   . ARG A 1 130 ? -1.780  10.892  21.155  1.000 70.180  ? 1108 ARG AAA C   1 
ATOM   1107 O  O   . ARG A 1 130 ? -0.994  9.990   21.492  1.000 71.260  ? 1108 ARG AAA O   1 
ATOM   1108 C  CB  . ARG A 1 130 ? -1.913  11.950  18.864  1.000 60.010  ? 1108 ARG AAA CB  1 
ATOM   1109 C  CG  . ARG A 1 130 ? -2.519  13.242  18.350  1.000 62.650  ? 1108 ARG AAA CG  1 
ATOM   1110 C  CD  . ARG A 1 130 ? -2.365  13.365  16.858  1.000 55.020  ? 1108 ARG AAA CD  1 
ATOM   1111 N  NE  . ARG A 1 130 ? -2.289  14.781  16.489  1.000 55.650  ? 1108 ARG AAA NE  1 
ATOM   1112 C  CZ  . ARG A 1 130 ? -3.123  15.332  15.619  1.000 51.180  ? 1108 ARG AAA CZ  1 
ATOM   1113 N  NH1 . ARG A 1 130 ? -3.017  16.609  15.271  1.000 49.490  ? 1108 ARG AAA NH1 1 
ATOM   1114 N  NH2 . ARG A 1 130 ? -4.064  14.563  15.091  1.000 55.970  ? 1108 ARG AAA NH2 1 
ATOM   1115 O  OXT . ARG A 1 130 ? -2.948  10.839  21.533  1.000 70.960  ? 1108 ARG AAA OXT 1 
HETATM 1116 S  S   . SO4 B 2 .   ? -7.661  16.249  1.642   1.000 28.530  ? 1201 SO4 AAA S   1 
HETATM 1117 O  O1  . SO4 B 2 .   ? -7.895  16.899  2.867   1.000 27.780  ? 1201 SO4 AAA O1  1 
HETATM 1118 O  O2  . SO4 B 2 .   ? -7.109  17.314  0.737   1.000 31.650  ? 1201 SO4 AAA O2  1 
HETATM 1119 O  O3  . SO4 B 2 .   ? -6.627  15.277  1.841   1.000 32.190  ? 1201 SO4 AAA O3  1 
HETATM 1120 O  O4  . SO4 B 2 .   ? -8.778  15.656  1.021   1.000 28.620  ? 1201 SO4 AAA O4  1 
HETATM 1121 CL CL  . CL  C 3 .   ? -1.074  -10.595 -17.356 1.000 69.110  ? 1202 CL  AAA CL  1 
HETATM 1122 N  N1  . 7ZX D 4 .   ? -3.250  3.023   10.208  1.000 77.010  ? 1203 7ZX AAA N1  1 
HETATM 1123 C  C3  . 7ZX D 4 .   ? -3.434  1.083   9.100   1.000 72.900  ? 1203 7ZX AAA C3  1 
HETATM 1124 BR BR1 . 7ZX D 4 .   ? -0.720  0.330   8.710   1.000 128.560 ? 1203 7ZX AAA BR1 1 
HETATM 1125 C  C1  . 7ZX D 4 .   ? -2.150  1.386   9.287   1.000 87.760  ? 1203 7ZX AAA C1  1 
HETATM 1126 C  C2  . 7ZX D 4 .   ? -2.059  2.585   9.983   1.000 78.410  ? 1203 7ZX AAA C2  1 
HETATM 1127 O  O1  . 7ZX D 4 .   ? -4.141  2.066   9.655   1.000 80.670  ? 1203 7ZX AAA O1  1 
HETATM 1128 C  C1  . EDO E 5 .   ? 5.647   15.385  1.516   1.000 19.910  ? 1204 EDO AAA C1  1 
HETATM 1129 O  O1  . EDO E 5 .   ? 5.546   16.383  0.520   1.000 20.790  ? 1204 EDO AAA O1  1 
HETATM 1130 C  C2  . EDO E 5 .   ? 6.806   14.468  1.237   1.000 25.770  ? 1204 EDO AAA C2  1 
HETATM 1131 O  O2  . EDO E 5 .   ? 8.093   15.100  1.547   1.000 24.870  ? 1204 EDO AAA O2  1 
HETATM 1132 C  C1  . EDO F 5 .   ? -5.662  6.339   -8.479  1.000 57.740  ? 1205 EDO AAA C1  1 
HETATM 1133 O  O1  . EDO F 5 .   ? -5.274  5.699   -7.260  1.000 55.060  ? 1205 EDO AAA O1  1 
HETATM 1134 C  C2  . EDO F 5 .   ? -6.446  5.400   -9.324  1.000 63.610  ? 1205 EDO AAA C2  1 
HETATM 1135 O  O2  . EDO F 5 .   ? -6.002  5.376   -10.651 1.000 63.880  ? 1205 EDO AAA O2  1 
HETATM 1136 C  C1  . EDO G 5 .   ? 8.926   5.831   5.924   1.000 45.550  ? 1206 EDO AAA C1  1 
HETATM 1137 O  O1  . EDO G 5 .   ? 9.419   5.128   7.035   1.000 48.860  ? 1206 EDO AAA O1  1 
HETATM 1138 C  C2  . EDO G 5 .   ? 10.018  5.915   4.947   1.000 46.780  ? 1206 EDO AAA C2  1 
HETATM 1139 O  O2  . EDO G 5 .   ? 11.076  6.581   5.577   1.000 54.210  ? 1206 EDO AAA O2  1 
HETATM 1140 C  C1  . EDO H 5 .   ? -4.815  11.742  -10.430 1.000 42.980  ? 1207 EDO AAA C1  1 
HETATM 1141 O  O1  . EDO H 5 .   ? -5.916  11.057  -9.806  1.000 47.140  ? 1207 EDO AAA O1  1 
HETATM 1142 C  C2  . EDO H 5 .   ? -5.149  12.349  -11.731 1.000 46.910  ? 1207 EDO AAA C2  1 
HETATM 1143 O  O2  . EDO H 5 .   ? -4.931  11.556  -12.898 1.000 50.540  ? 1207 EDO AAA O2  1 
HETATM 1144 C  C1  . EDO I 5 .   ? 10.560  -17.295 -5.404  1.000 69.000  ? 1208 EDO AAA C1  1 
HETATM 1145 O  O1  . EDO I 5 .   ? 11.896  -17.641 -5.129  1.000 77.120  ? 1208 EDO AAA O1  1 
HETATM 1146 C  C2  . EDO I 5 .   ? 10.300  -17.312 -6.857  1.000 62.850  ? 1208 EDO AAA C2  1 
HETATM 1147 O  O2  . EDO I 5 .   ? 9.565   -16.168 -7.233  1.000 71.640  ? 1208 EDO AAA O2  1 
HETATM 1148 C  C1  . EDO J 5 .   ? 11.678  -2.706  -0.798  1.000 44.600  ? 1209 EDO AAA C1  1 
HETATM 1149 O  O1  . EDO J 5 .   ? 12.731  -2.419  -1.714  1.000 45.820  ? 1209 EDO AAA O1  1 
HETATM 1150 C  C2  . EDO J 5 .   ? 12.029  -2.625  0.642   1.000 53.390  ? 1209 EDO AAA C2  1 
HETATM 1151 O  O2  . EDO J 5 .   ? 13.404  -2.835  0.899   1.000 61.700  ? 1209 EDO AAA O2  1 
HETATM 1152 C  C1  . EDO K 5 .   ? -7.290  12.647  12.068  1.000 68.910  ? 1210 EDO AAA C1  1 
HETATM 1153 O  O1  . EDO K 5 .   ? -5.889  12.789  12.241  1.000 70.680  ? 1210 EDO AAA O1  1 
HETATM 1154 C  C2  . EDO K 5 .   ? -7.948  13.957  11.826  1.000 78.220  ? 1210 EDO AAA C2  1 
HETATM 1155 O  O2  . EDO K 5 .   ? -9.063  13.906  10.959  1.000 74.780  ? 1210 EDO AAA O2  1 
HETATM 1156 C  C1  . EDO L 5 .   ? -12.651 -0.703  -2.433  1.000 55.300  ? 1211 EDO AAA C1  1 
HETATM 1157 O  O1  . EDO L 5 .   ? -11.657 -1.510  -1.814  1.000 56.480  ? 1211 EDO AAA O1  1 
HETATM 1158 C  C2  . EDO L 5 .   ? -12.661 0.658   -1.851  1.000 58.500  ? 1211 EDO AAA C2  1 
HETATM 1159 O  O2  . EDO L 5 .   ? -12.555 0.685   -0.429  1.000 53.240  ? 1211 EDO AAA O2  1 
HETATM 1160 C  C1  . EDO M 5 .   ? 11.805  -0.400  -8.513  1.000 54.210  ? 1212 EDO AAA C1  1 
HETATM 1161 O  O1  . EDO M 5 .   ? 11.949  -0.588  -7.143  1.000 70.870  ? 1212 EDO AAA O1  1 
HETATM 1162 C  C2  . EDO M 5 .   ? 12.675  0.698   -8.940  1.000 62.150  ? 1212 EDO AAA C2  1 
HETATM 1163 O  O2  . EDO M 5 .   ? 11.847  1.752   -9.358  1.000 68.180  ? 1212 EDO AAA O2  1 
HETATM 1164 C  C1  . EDO N 5 .   ? 11.734  4.943   -9.165  1.000 59.510  ? 1213 EDO AAA C1  1 
HETATM 1165 O  O1  . EDO N 5 .   ? 11.411  6.090   -8.399  1.000 57.050  ? 1213 EDO AAA O1  1 
HETATM 1166 C  C2  . EDO N 5 .   ? 10.522  4.109   -9.288  1.000 52.750  ? 1213 EDO AAA C2  1 
HETATM 1167 O  O2  . EDO N 5 .   ? 9.524   4.739   -10.050 1.000 58.240  ? 1213 EDO AAA O2  1 
HETATM 1168 C  C1  . EDO O 5 .   ? -11.610 1.009   3.752   1.000 61.330  ? 1214 EDO AAA C1  1 
HETATM 1169 O  O1  . EDO O 5 .   ? -10.930 1.517   4.876   1.000 60.560  ? 1214 EDO AAA O1  1 
HETATM 1170 C  C2  . EDO O 5 .   ? -13.017 1.493   3.769   1.000 54.630  ? 1214 EDO AAA C2  1 
HETATM 1171 O  O2  . EDO O 5 .   ? -13.745 0.784   4.732   1.000 64.080  ? 1214 EDO AAA O2  1 
HETATM 1172 C  C1  . EDO P 5 .   ? 9.684   8.958   16.160  1.000 55.020  ? 1215 EDO AAA C1  1 
HETATM 1173 O  O1  . EDO P 5 .   ? 8.655   9.215   17.102  1.000 67.910  ? 1215 EDO AAA O1  1 
HETATM 1174 C  C2  . EDO P 5 .   ? 10.982  9.462   16.674  1.000 55.710  ? 1215 EDO AAA C2  1 
HETATM 1175 O  O2  . EDO P 5 .   ? 12.110  8.990   15.938  1.000 59.940  ? 1215 EDO AAA O2  1 
HETATM 1176 S  S   . SO4 Q 2 .   ? -8.340  -0.214  10.660  0.500 106.820 ? 1216 SO4 AAA S   1 
HETATM 1177 O  O1  . SO4 Q 2 .   ? -8.875  0.830   11.496  0.500 99.760  ? 1216 SO4 AAA O1  1 
HETATM 1178 O  O2  . SO4 Q 2 .   ? -8.354  0.229   9.291   0.500 99.830  ? 1216 SO4 AAA O2  1 
HETATM 1179 O  O3  . SO4 Q 2 .   ? -6.987  -0.511  11.057  0.500 99.680  ? 1216 SO4 AAA O3  1 
HETATM 1180 O  O4  . SO4 Q 2 .   ? -9.141  -1.401  10.799  0.500 99.720  ? 1216 SO4 AAA O4  1 
HETATM 1181 O  O   . HOH R 6 .   ? -5.223  13.070  10.094  1.000 36.930  ? 1301 HOH AAA O   1 
HETATM 1182 O  O   . HOH R 6 .   ? -5.914  15.918  10.464  1.000 49.020  ? 1302 HOH AAA O   1 
HETATM 1183 O  O   . HOH R 6 .   ? 0.435   10.437  -9.336  1.000 40.130  ? 1303 HOH AAA O   1 
HETATM 1184 O  O   . HOH R 6 .   ? -5.545  20.447  15.439  1.000 57.690  ? 1304 HOH AAA O   1 
HETATM 1185 O  O   . HOH R 6 .   ? -1.069  6.078   10.920  1.000 28.980  ? 1305 HOH AAA O   1 
HETATM 1186 O  O   . HOH R 6 .   ? 14.130  -0.788  -6.103  1.000 48.660  ? 1306 HOH AAA O   1 
HETATM 1187 O  O   . HOH R 6 .   ? 1.745   17.511  18.434  1.000 48.830  ? 1307 HOH AAA O   1 
HETATM 1188 O  O   . HOH R 6 .   ? -11.043 -11.522 -7.906  1.000 63.970  ? 1308 HOH AAA O   1 
HETATM 1189 O  O   . HOH R 6 .   ? -14.874 0.308   6.893   1.000 40.350  ? 1309 HOH AAA O   1 
HETATM 1190 O  O   . HOH R 6 .   ? 11.098  9.450   -8.390  1.000 39.530  ? 1310 HOH AAA O   1 
HETATM 1191 O  O   . HOH R 6 .   ? 5.756   -17.394 -1.161  1.000 39.450  ? 1311 HOH AAA O   1 
HETATM 1192 O  O   . HOH R 6 .   ? -10.101 1.378   7.249   1.000 51.640  ? 1312 HOH AAA O   1 
HETATM 1193 O  O   . HOH R 6 .   ? -6.538  1.926   10.423  1.000 64.630  ? 1313 HOH AAA O   1 
HETATM 1194 O  O   . HOH R 6 .   ? -11.576 -1.100  10.139  1.000 39.740  ? 1314 HOH AAA O   1 
HETATM 1195 O  O   . HOH R 6 .   ? 5.066   7.930   15.487  1.000 42.910  ? 1315 HOH AAA O   1 
HETATM 1196 O  O   . HOH R 6 .   ? -2.882  -11.584 -2.410  1.000 31.990  ? 1316 HOH AAA O   1 
HETATM 1197 O  O   . HOH R 6 .   ? -9.780  -11.615 8.820   1.000 40.540  ? 1317 HOH AAA O   1 
HETATM 1198 O  O   . HOH R 6 .   ? -9.422  9.949   -3.291  1.000 39.280  ? 1318 HOH AAA O   1 
HETATM 1199 O  O   . HOH R 6 .   ? 13.705  9.979   1.435   1.000 46.600  ? 1319 HOH AAA O   1 
HETATM 1200 O  O   . HOH R 6 .   ? -12.166 7.547   -0.701  1.000 34.270  ? 1320 HOH AAA O   1 
HETATM 1201 O  O   . HOH R 6 .   ? -4.605  -8.840  -0.160  1.000 29.270  ? 1321 HOH AAA O   1 
HETATM 1202 O  O   . HOH R 6 .   ? -1.239  -21.217 -5.164  1.000 51.680  ? 1322 HOH AAA O   1 
HETATM 1203 O  O   . HOH R 6 .   ? 9.115   -14.488 -9.160  1.000 47.590  ? 1323 HOH AAA O   1 
HETATM 1204 O  O   . HOH R 6 .   ? 0.586   -21.394 -13.548 1.000 43.180  ? 1324 HOH AAA O   1 
HETATM 1205 O  O   . HOH R 6 .   ? -7.565  20.616  -2.753  1.000 36.070  ? 1325 HOH AAA O   1 
HETATM 1206 O  O   . HOH R 6 .   ? -3.202  -13.250 -4.617  1.000 41.060  ? 1326 HOH AAA O   1 
HETATM 1207 O  O   . HOH R 6 .   ? 7.075   19.520  2.404   1.000 24.010  ? 1327 HOH AAA O   1 
HETATM 1208 O  O   . HOH R 6 .   ? 9.753   -8.340  -8.471  1.000 41.920  ? 1328 HOH AAA O   1 
HETATM 1209 O  O   . HOH R 6 .   ? -2.230  -9.982  8.330   1.000 51.110  ? 1329 HOH AAA O   1 
HETATM 1210 O  O   . HOH R 6 .   ? 12.035  9.029   5.856   1.000 41.640  ? 1330 HOH AAA O   1 
HETATM 1211 O  O   . HOH R 6 .   ? 1.516   -13.800 5.133   1.000 48.600  ? 1331 HOH AAA O   1 
HETATM 1212 O  O   . HOH R 6 .   ? 11.226  9.154   10.547  1.000 51.350  ? 1332 HOH AAA O   1 
HETATM 1213 O  O   . HOH R 6 .   ? -8.413  -6.020  -0.333  1.000 35.940  ? 1333 HOH AAA O   1 
HETATM 1214 O  O   . HOH R 6 .   ? 0.475   -11.248 4.811   1.000 25.690  ? 1334 HOH AAA O   1 
HETATM 1215 O  O   . HOH R 6 .   ? -5.885  -4.532  8.134   1.000 51.550  ? 1335 HOH AAA O   1 
HETATM 1216 O  O   . HOH R 6 .   ? 8.831   0.077   -11.171 1.000 34.470  ? 1336 HOH AAA O   1 
HETATM 1217 O  O   . HOH R 6 .   ? -5.858  1.608   -12.195 1.000 46.120  ? 1337 HOH AAA O   1 
HETATM 1218 O  O   . HOH R 6 .   ? 14.006  11.718  -0.537  1.000 48.050  ? 1338 HOH AAA O   1 
HETATM 1219 O  O   . HOH R 6 .   ? 4.513   -24.430 -2.828  1.000 52.390  ? 1339 HOH AAA O   1 
HETATM 1220 O  O   . HOH R 6 .   ? -3.903  -7.165  -3.345  1.000 29.050  ? 1340 HOH AAA O   1 
HETATM 1221 O  O   . HOH R 6 .   ? 9.979   -6.316  -1.849  1.000 44.980  ? 1341 HOH AAA O   1 
HETATM 1222 O  O   . HOH R 6 .   ? -2.909  -1.187  -12.908 1.000 28.440  ? 1342 HOH AAA O   1 
HETATM 1223 O  O   . HOH R 6 .   ? -4.479  -18.364 7.046   1.000 51.890  ? 1343 HOH AAA O   1 
HETATM 1224 O  O   . HOH R 6 .   ? -1.947  -9.071  -2.352  1.000 30.420  ? 1344 HOH AAA O   1 
HETATM 1225 O  O   . HOH R 6 .   ? 5.292   15.858  -2.119  1.000 19.340  ? 1345 HOH AAA O   1 
HETATM 1226 O  O   . HOH R 6 .   ? 14.836  14.047  10.737  1.000 41.350  ? 1346 HOH AAA O   1 
HETATM 1227 O  O   . HOH R 6 .   ? 12.500  12.592  18.212  1.000 46.350  ? 1347 HOH AAA O   1 
HETATM 1228 O  O   . HOH R 6 .   ? -4.067  -2.547  7.694   1.000 35.720  ? 1348 HOH AAA O   1 
HETATM 1229 O  O   . HOH R 6 .   ? 10.495  5.971   9.377   1.000 47.020  ? 1349 HOH AAA O   1 
HETATM 1230 O  O   . HOH R 6 .   ? 5.737   -16.756 -14.369 1.000 24.730  ? 1350 HOH AAA O   1 
HETATM 1231 O  O   . HOH R 6 .   ? -14.820 0.847   1.060   1.000 49.540  ? 1351 HOH AAA O   1 
HETATM 1232 O  O   . HOH R 6 .   ? 11.747  18.765  0.694   1.000 35.350  ? 1352 HOH AAA O   1 
HETATM 1233 O  O   . HOH R 6 .   ? 12.983  -0.328  -3.537  1.000 27.220  ? 1353 HOH AAA O   1 
HETATM 1234 O  O   . HOH R 6 .   ? 3.877   -13.823 3.391   1.000 45.440  ? 1354 HOH AAA O   1 
HETATM 1235 O  O   . HOH R 6 .   ? 11.363  -5.264  -8.164  1.000 51.030  ? 1355 HOH AAA O   1 
HETATM 1236 O  O   . HOH R 6 .   ? 1.780   -20.179 1.850   1.000 41.350  ? 1356 HOH AAA O   1 
HETATM 1237 O  O   . HOH R 6 .   ? -2.388  13.597  -4.678  1.000 16.280  ? 1357 HOH AAA O   1 
HETATM 1238 O  O   . HOH R 6 .   ? 15.903  12.549  -4.369  1.000 43.820  ? 1358 HOH AAA O   1 
HETATM 1239 O  O   . HOH R 6 .   ? 2.753   -5.290  6.906   1.000 26.850  ? 1359 HOH AAA O   1 
HETATM 1240 O  O   . HOH R 6 .   ? 1.732   0.582   -17.372 1.000 39.510  ? 1360 HOH AAA O   1 
HETATM 1241 O  O   . HOH R 6 .   ? 4.384   5.415   12.302  1.000 35.390  ? 1361 HOH AAA O   1 
HETATM 1242 O  O   . HOH R 6 .   ? 10.358  -2.496  -11.311 1.000 54.000  ? 1362 HOH AAA O   1 
HETATM 1243 O  O   . HOH R 6 .   ? 3.863   12.015  -4.242  1.000 31.880  ? 1363 HOH AAA O   1 
HETATM 1244 O  O   . HOH R 6 .   ? 8.580   -5.849  -13.069 1.000 33.100  ? 1364 HOH AAA O   1 
HETATM 1245 O  O   . HOH R 6 .   ? 7.619   -22.304 -4.880  1.000 50.830  ? 1365 HOH AAA O   1 
HETATM 1246 O  O   . HOH R 6 .   ? -5.521  17.160  8.100   1.000 32.730  ? 1366 HOH AAA O   1 
HETATM 1247 O  O   . HOH R 6 .   ? -0.877  -10.380 -11.435 1.000 37.660  ? 1367 HOH AAA O   1 
HETATM 1248 O  O   . HOH R 6 .   ? -4.341  -15.767 -6.902  1.000 52.840  ? 1368 HOH AAA O   1 
HETATM 1249 O  O   . HOH R 6 .   ? 8.124   17.670  17.470  1.000 27.030  ? 1369 HOH AAA O   1 
HETATM 1250 O  O   . HOH R 6 .   ? -10.269 -12.027 5.532   1.000 42.990  ? 1370 HOH AAA O   1 
HETATM 1251 O  O   . HOH R 6 .   ? -12.633 6.796   1.975   1.000 29.680  ? 1371 HOH AAA O   1 
HETATM 1252 O  O   . HOH R 6 .   ? 3.446   -7.633  5.721   1.000 30.960  ? 1372 HOH AAA O   1 
HETATM 1253 O  O   . HOH R 6 .   ? -0.124  -23.760 -2.378  1.000 46.680  ? 1373 HOH AAA O   1 
HETATM 1254 O  O   . HOH R 6 .   ? -6.090  3.211   -6.223  1.000 43.260  ? 1374 HOH AAA O   1 
HETATM 1255 O  O   . HOH R 6 .   ? -1.808  6.848   14.309  1.000 50.550  ? 1375 HOH AAA O   1 
HETATM 1256 O  O   . HOH R 6 .   ? 8.863   0.297   6.189   1.000 47.270  ? 1376 HOH AAA O   1 
HETATM 1257 O  O   . HOH R 6 .   ? -2.180  -6.356  -16.311 1.000 48.150  ? 1377 HOH AAA O   1 
HETATM 1258 O  O   . HOH R 6 .   ? -3.195  -11.169 5.804   1.000 28.690  ? 1378 HOH AAA O   1 
HETATM 1259 O  O   . HOH R 6 .   ? -7.482  18.445  6.755   1.000 51.080  ? 1379 HOH AAA O   1 
HETATM 1260 O  O   . HOH R 6 .   ? 14.821  18.570  4.847   1.000 45.400  ? 1380 HOH AAA O   1 
HETATM 1261 O  O   . HOH R 6 .   ? 7.793   15.037  -3.075  1.000 24.410  ? 1381 HOH AAA O   1 
HETATM 1262 O  O   . HOH R 6 .   ? 1.683   23.418  15.666  1.000 53.690  ? 1382 HOH AAA O   1 
HETATM 1263 O  O   . HOH R 6 .   ? 4.381   20.659  7.491   1.000 38.840  ? 1383 HOH AAA O   1 
HETATM 1264 O  O   . HOH R 6 .   ? -2.249  -11.228 -15.278 1.000 54.020  ? 1384 HOH AAA O   1 
HETATM 1265 O  O   . HOH R 6 .   ? -10.957 3.744   -3.273  1.000 36.830  ? 1385 HOH AAA O   1 
HETATM 1266 O  O   . HOH R 6 .   ? 9.210   -20.954 -6.604  1.000 42.690  ? 1386 HOH AAA O   1 
HETATM 1267 O  O   . HOH R 6 .   ? 2.514   -25.333 -8.972  1.000 47.790  ? 1387 HOH AAA O   1 
HETATM 1268 O  O   . HOH R 6 .   ? 4.848   -1.220  -16.417 1.000 51.990  ? 1388 HOH AAA O   1 
HETATM 1269 O  O   . HOH R 6 .   ? 7.147   -19.358 -2.253  1.000 48.740  ? 1389 HOH AAA O   1 
HETATM 1270 O  O   . HOH R 6 .   ? -5.427  5.014   11.958  1.000 48.770  ? 1390 HOH AAA O   1 
HETATM 1271 O  O   . HOH R 6 .   ? 7.492   -21.181 -13.188 1.000 27.720  ? 1391 HOH AAA O   1 
HETATM 1272 O  O   . HOH R 6 .   ? -3.970  -0.881  -15.548 1.000 51.290  ? 1392 HOH AAA O   1 
HETATM 1273 O  O   . HOH R 6 .   ? 5.388   20.326  -0.882  1.000 19.390  ? 1393 HOH AAA O   1 
HETATM 1274 O  O   . HOH R 6 .   ? 3.084   20.709  11.945  1.000 40.280  ? 1394 HOH AAA O   1 
HETATM 1275 O  O   . HOH R 6 .   ? -1.508  -7.439  -12.323 1.000 32.410  ? 1395 HOH AAA O   1 
HETATM 1276 O  O   . HOH R 6 .   ? -4.518  9.155   5.788   1.000 20.570  ? 1396 HOH AAA O   1 
HETATM 1277 O  O   . HOH R 6 .   ? -5.112  9.956   -7.223  1.000 42.840  ? 1397 HOH AAA O   1 
HETATM 1278 O  O   . HOH R 6 .   ? 15.290  13.752  2.888   1.000 35.920  ? 1398 HOH AAA O   1 
HETATM 1279 O  O   . HOH R 6 .   ? 12.346  3.896   1.048   1.000 34.810  ? 1399 HOH AAA O   1 
HETATM 1280 O  O   . HOH R 6 .   ? 6.661   0.409   7.477   1.000 43.170  ? 1400 HOH AAA O   1 
HETATM 1281 O  O   . HOH R 6 .   ? 12.481  10.094  8.780   1.000 47.000  ? 1401 HOH AAA O   1 
HETATM 1282 O  O   . HOH R 6 .   ? 9.255   -14.517 -4.777  1.000 71.300  ? 1402 HOH AAA O   1 
HETATM 1283 O  O   . HOH R 6 .   ? -11.839 12.553  2.583   1.000 38.200  ? 1403 HOH AAA O   1 
HETATM 1284 O  O   . HOH R 6 .   ? -3.194  -13.861 6.460   1.000 33.410  ? 1404 HOH AAA O   1 
HETATM 1285 O  O   . HOH R 6 .   ? 8.823   17.917  0.862   1.000 40.680  ? 1405 HOH AAA O   1 
HETATM 1286 O  O   . HOH R 6 .   ? -9.885  -9.157  -1.070  1.000 51.860  ? 1406 HOH AAA O   1 
HETATM 1287 O  O   . HOH R 6 .   ? -8.105  -8.260  -7.912  1.000 46.450  ? 1407 HOH AAA O   1 
HETATM 1288 O  O   . HOH R 6 .   ? 6.258   -7.426  2.527   1.000 36.110  ? 1408 HOH AAA O   1 
HETATM 1289 O  O   . HOH R 6 .   ? -6.254  -7.799  -4.259  1.000 40.020  ? 1409 HOH AAA O   1 
HETATM 1290 O  O   . HOH R 6 .   ? 5.254   -4.518  7.650   1.000 37.250  ? 1410 HOH AAA O   1 
HETATM 1291 O  O   . HOH R 6 .   ? -4.428  11.912  7.622   1.000 24.820  ? 1411 HOH AAA O   1 
HETATM 1292 O  O   . HOH R 6 .   ? -11.473 7.425   10.363  1.000 66.040  ? 1412 HOH AAA O   1 
HETATM 1293 O  O   . HOH R 6 .   ? 15.007  5.316   -5.095  1.000 42.970  ? 1413 HOH AAA O   1 
HETATM 1294 O  O   . HOH R 6 .   ? -8.948  -1.369  -11.668 1.000 54.410  ? 1414 HOH AAA O   1 
HETATM 1295 O  O   . HOH R 6 .   ? -1.905  -18.305 -10.226 1.000 48.150  ? 1415 HOH AAA O   1 
HETATM 1296 O  O   . HOH R 6 .   ? -9.415  13.468  3.092   1.000 41.170  ? 1416 HOH AAA O   1 
HETATM 1297 O  O   . HOH R 6 .   ? 4.670   2.515   -11.035 1.000 35.930  ? 1417 HOH AAA O   1 
HETATM 1298 O  O   . HOH R 6 .   ? -6.836  1.304   -7.459  1.000 38.290  ? 1418 HOH AAA O   1 
HETATM 1299 O  O   . HOH R 6 .   ? 2.582   -25.240 -14.269 1.000 53.650  ? 1419 HOH AAA O   1 
HETATM 1300 O  O   . HOH R 6 .   ? 6.512   4.288   -10.928 1.000 41.800  ? 1420 HOH AAA O   1 
HETATM 1301 O  O   . HOH R 6 .   ? 14.722  2.810   -8.475  1.000 61.430  ? 1421 HOH AAA O   1 
HETATM 1302 O  O   . HOH R 6 .   ? -3.358  -20.167 -5.040  1.000 59.510  ? 1422 HOH AAA O   1 
HETATM 1303 O  O   . HOH R 6 .   ? -12.204 11.623  6.906   1.000 52.150  ? 1423 HOH AAA O   1 
HETATM 1304 O  O   . HOH R 6 .   ? 10.418  -2.710  -9.044  1.000 45.490  ? 1424 HOH AAA O   1 
HETATM 1305 O  O   . HOH R 6 .   ? -4.119  26.287  15.638  1.000 61.670  ? 1425 HOH AAA O   1 
HETATM 1306 O  O   . HOH R 6 .   ? 13.571  7.994   -11.304 1.000 59.120  ? 1426 HOH AAA O   1 
HETATM 1307 O  O   . HOH R 6 .   ? -2.569  -20.859 -0.486  1.000 49.680  ? 1427 HOH AAA O   1 
HETATM 1308 O  O   . HOH R 6 .   ? -12.026 5.798   -2.416  1.000 54.450  ? 1428 HOH AAA O   1 
HETATM 1309 O  O   . HOH R 6 .   ? 0.595   20.953  19.520  1.000 60.290  ? 1429 HOH AAA O   1 
HETATM 1310 O  O   . HOH R 6 .   ? 3.903   22.725  9.231   1.000 56.410  ? 1430 HOH AAA O   1 
HETATM 1311 O  O   . HOH R 6 .   ? -3.049  11.749  -6.828  1.000 28.560  ? 1431 HOH AAA O   1 
HETATM 1312 O  O   . HOH R 6 .   ? -8.504  -6.097  -11.434 1.000 48.900  ? 1432 HOH AAA O   1 
HETATM 1313 O  O   . HOH R 6 .   ? -7.471  -8.197  -1.596  1.000 39.710  ? 1433 HOH AAA O   1 
HETATM 1314 O  O   . HOH R 6 .   ? 12.750  8.724   3.023   1.000 50.550  ? 1434 HOH AAA O   1 
HETATM 1315 O  O   . HOH R 6 .   ? 10.522  -5.687  -11.722 1.000 48.230  ? 1435 HOH AAA O   1 
HETATM 1316 O  O   . HOH R 6 .   ? -13.655 9.209   3.126   1.000 36.120  ? 1436 HOH AAA O   1 
HETATM 1317 O  O   . HOH R 6 .   ? -3.054  -8.119  -14.835 1.000 49.500  ? 1437 HOH AAA O   1 
HETATM 1318 O  O   . HOH R 6 .   ? -7.216  2.035   -9.699  1.000 60.660  ? 1438 HOH AAA O   1 
HETATM 1319 O  O   . HOH R 6 .   ? 14.338  1.768   -2.522  1.000 33.620  ? 1439 HOH AAA O   1 
HETATM 1320 O  O   . HOH R 6 .   ? 5.185   13.304  22.350  1.000 56.520  ? 1440 HOH AAA O   1 
HETATM 1321 O  O   . HOH R 6 .   ? 0.111   -23.917 -13.459 1.000 53.550  ? 1441 HOH AAA O   1 
HETATM 1322 O  O   . HOH R 6 .   ? -9.639  4.119   -5.813  1.000 59.720  ? 1442 HOH AAA O   1 
HETATM 1323 O  O   . HOH R 6 .   ? 3.230   -24.509 -0.374  1.000 51.120  ? 1443 HOH AAA O   1 
HETATM 1324 O  O   . HOH R 6 .   ? -6.634  9.002   -5.505  1.000 59.200  ? 1444 HOH AAA O   1 
HETATM 1325 O  O   . HOH R 6 .   ? 14.130  2.067   0.377   1.000 41.240  ? 1445 HOH AAA O   1 
HETATM 1326 O  O   . HOH R 6 .   ? -9.731  17.478  7.388   1.000 58.760  ? 1446 HOH AAA O   1 
HETATM 1327 O  O   . HOH R 6 .   ? 7.099   -9.618  1.787   1.000 55.970  ? 1447 HOH AAA O   1 
HETATM 1328 O  O   . HOH R 6 .   ? 0.156   -5.158  8.921   1.000 56.220  ? 1448 HOH AAA O   1 
HETATM 1329 O  O   . HOH R 6 .   ? 3.128   14.723  -3.681  1.000 20.430  ? 1449 HOH AAA O   1 
HETATM 1330 O  O   . HOH R 6 .   ? -5.817  -8.112  -13.897 1.000 59.150  ? 1450 HOH AAA O   1 
HETATM 1331 O  O   . HOH R 6 .   ? 15.552  1.267   -6.688  1.000 46.600  ? 1451 HOH AAA O   1 
HETATM 1332 O  O   . HOH R 6 .   ? -2.721  -11.479 10.531  1.000 46.470  ? 1452 HOH AAA O   1 
HETATM 1333 O  O   . HOH R 6 .   ? 2.206   6.231   18.070  1.000 68.510  ? 1453 HOH AAA O   1 
HETATM 1334 O  O   . HOH R 6 .   ? 16.985  7.191   -4.503  1.000 61.220  ? 1454 HOH AAA O   1 
HETATM 1335 O  O   . HOH R 6 .   ? 5.957   -8.023  5.697   1.000 53.220  ? 1455 HOH AAA O   1 
HETATM 1336 O  O   . HOH R 6 .   ? 0.527   -10.471 7.626   1.000 42.130  ? 1456 HOH AAA O   1 
HETATM 1337 O  O   . HOH R 6 .   ? 7.808   -18.516 -13.762 1.000 27.080  ? 1457 HOH AAA O   1 
HETATM 1338 O  O   . HOH R 6 .   ? 6.336   -11.856 3.338   1.000 59.320  ? 1458 HOH AAA O   1 
HETATM 1339 O  O   . HOH R 6 .   ? -10.730 -10.535 0.633   1.000 52.360  ? 1459 HOH AAA O   1 
HETATM 1340 O  O   . HOH R 6 .   ? -5.122  3.907   -15.847 1.000 50.840  ? 1460 HOH AAA O   1 
HETATM 1341 O  O   . HOH R 6 .   ? 15.712  2.884   -4.547  1.000 40.700  ? 1461 HOH AAA O   1 
HETATM 1342 O  O   . HOH R 6 .   ? -15.309 9.879   4.817   1.000 50.840  ? 1462 HOH AAA O   1 
HETATM 1343 O  O   . HOH R 6 .   ? -4.949  -13.079 -9.954  1.000 54.970  ? 1463 HOH AAA O   1 
# 
